data_7Z2M
#
_entry.id   7Z2M
#
_cell.length_a   83.996
_cell.length_b   107.335
_cell.length_c   269.297
_cell.angle_alpha   90.000
_cell.angle_beta   90.000
_cell.angle_gamma   90.000
#
_symmetry.space_group_name_H-M   'P 21 21 21'
#
loop_
_entity.id
_entity.type
_entity.pdbx_description
1 polymer '11.003 Fab light-chain'
2 polymer '11.003 Fab heavy-chain'
3 polymer Interleukin-17A
4 non-polymer GLYCEROL
5 water water
#
loop_
_entity_poly.entity_id
_entity_poly.type
_entity_poly.pdbx_seq_one_letter_code
_entity_poly.pdbx_strand_id
1 'polypeptide(L)'
;EIVLTQSPATLSLSPGERATLSCRASQSVFSYLAWYQQKPGQAPRLLIYDASNRATGIPARFSGSGSGTDFTLTISSLEP
EDFAVYYCQQYFYWGWPFGQGTKLEIKRTVAAPSVFIFPPSDEQLKSGTASVVCLLNNFYPREAKVQWKVDNALQSGNSQ
ESVTEQDSKDSTYSLSSTLTLSKADYEKHKVYACEVTHQGLSSPVTKSFNRGEC
;
A,C,E,L
2 'polypeptide(L)'
;EVQLVQSGAEVKKPGESLKISCKGSGYSFTSYWIGWVRQMPGKGLEWMGIIYPSDSDTRYSPSFQGQVTISADKSISTAY
LQWSSLKASDTAMYYCARYPNYGAFDIWGQGTMVTVSSASTKGPSVFPLAPSSKSTSGGTAALGCLVKDYFPEPVTVSWN
SGALTSGVHTFPAVLQSSGLYSLSSVVTVPSSSLGTQTYICNVNHKPSNTKVDKKVEPKSCDKTH
;
B,D,F,H
3 'polypeptide(L)'
;PNSEDKNFPRTVMVNLNIHNRNTNTNPKRSSDYYNRSTSPWNLHRNEDPERYPSVIWEAKCRHLGCINADGNVDYHMNSV
PIQQEILVLRREPPHSPNSFRLEKILVSVGCTCVTPIVHHVA
;
G,I,J,K
#
loop_
_chem_comp.id
_chem_comp.type
_chem_comp.name
_chem_comp.formula
GOL non-polymer GLYCEROL 'C3 H8 O3'
#
# COMPACT_ATOMS: atom_id res chain seq x y z
N GLU A 1 -24.53 3.93 3.65
CA GLU A 1 -24.20 3.55 5.02
C GLU A 1 -22.67 3.42 5.29
N ILE A 2 -21.81 3.67 4.29
CA ILE A 2 -20.37 3.51 4.46
C ILE A 2 -19.73 4.65 5.27
N VAL A 3 -18.94 4.28 6.29
CA VAL A 3 -18.21 5.27 7.10
C VAL A 3 -16.72 4.95 7.02
N LEU A 4 -15.89 5.97 6.85
CA LEU A 4 -14.45 5.83 6.86
C LEU A 4 -13.93 6.30 8.22
N THR A 5 -13.03 5.55 8.84
CA THR A 5 -12.42 5.95 10.10
C THR A 5 -10.93 6.03 9.90
N GLN A 6 -10.36 7.18 10.19
CA GLN A 6 -8.93 7.37 10.09
C GLN A 6 -8.17 7.12 11.39
N SER A 7 -6.93 6.62 11.27
CA SER A 7 -6.04 6.48 12.41
C SER A 7 -4.60 6.84 12.06
N PRO A 8 -3.86 7.47 12.98
CA PRO A 8 -4.31 7.92 14.30
C PRO A 8 -5.09 9.26 14.17
N ALA A 9 -5.67 9.76 15.28
CA ALA A 9 -6.37 11.04 15.26
C ALA A 9 -5.33 12.16 15.00
N THR A 10 -4.17 12.06 15.68
CA THR A 10 -3.05 13.00 15.50
C THR A 10 -1.78 12.18 15.35
N LEU A 11 -1.00 12.47 14.30
CA LEU A 11 0.26 11.81 14.03
C LEU A 11 1.33 12.87 14.30
N SER A 12 2.25 12.62 15.24
CA SER A 12 3.28 13.59 15.63
C SER A 12 4.63 13.09 15.17
N LEU A 13 5.22 13.78 14.20
CA LEU A 13 6.48 13.38 13.60
C LEU A 13 7.39 14.58 13.36
N SER A 14 8.66 14.30 13.08
CA SER A 14 9.65 15.33 12.81
C SER A 14 9.92 15.40 11.31
N PRO A 15 10.37 16.57 10.80
CA PRO A 15 10.77 16.63 9.38
C PRO A 15 11.85 15.56 9.09
N GLY A 16 11.73 14.91 7.94
CA GLY A 16 12.65 13.85 7.55
C GLY A 16 12.08 12.47 7.85
N GLU A 17 11.18 12.37 8.84
CA GLU A 17 10.60 11.08 9.20
C GLU A 17 9.58 10.57 8.19
N ARG A 18 9.28 9.26 8.25
CA ARG A 18 8.32 8.63 7.35
C ARG A 18 6.96 8.64 8.04
N ALA A 19 5.92 9.11 7.35
CA ALA A 19 4.57 9.15 7.91
C ALA A 19 3.70 8.05 7.33
N THR A 20 2.95 7.35 8.19
CA THR A 20 2.02 6.33 7.75
C THR A 20 0.64 6.74 8.25
N LEU A 21 -0.30 6.99 7.36
CA LEU A 21 -1.67 7.39 7.73
C LEU A 21 -2.63 6.28 7.33
N SER A 22 -3.54 5.88 8.21
CA SER A 22 -4.48 4.79 7.91
C SER A 22 -5.94 5.24 7.71
N CYS A 23 -6.68 4.50 6.86
CA CYS A 23 -8.10 4.75 6.59
C CYS A 23 -8.76 3.39 6.53
N ARG A 24 -9.75 3.15 7.38
CA ARG A 24 -10.51 1.90 7.35
C ARG A 24 -11.98 2.18 6.98
N ALA A 25 -12.54 1.44 6.00
CA ALA A 25 -13.93 1.63 5.61
C ALA A 25 -14.78 0.60 6.34
N SER A 26 -16.02 0.95 6.71
CA SER A 26 -16.91 0.03 7.46
C SER A 26 -17.28 -1.22 6.63
N GLN A 27 -17.18 -1.12 5.31
CA GLN A 27 -17.38 -2.20 4.36
C GLN A 27 -16.59 -1.80 3.10
N SER A 28 -16.39 -2.72 2.17
CA SER A 28 -15.57 -2.44 1.01
C SER A 28 -16.00 -1.21 0.22
N VAL A 29 -15.00 -0.41 -0.16
CA VAL A 29 -15.16 0.68 -1.10
C VAL A 29 -14.34 0.41 -2.37
N PHE A 30 -13.89 -0.88 -2.59
CA PHE A 30 -13.15 -1.36 -3.74
C PHE A 30 -11.89 -0.47 -3.91
N SER A 31 -11.71 0.26 -5.01
CA SER A 31 -10.59 1.20 -5.11
C SER A 31 -11.11 2.63 -5.30
N TYR A 32 -12.37 2.93 -4.90
CA TYR A 32 -12.98 4.24 -5.06
C TYR A 32 -12.61 5.09 -3.86
N LEU A 33 -11.30 5.32 -3.69
CA LEU A 33 -10.78 6.04 -2.53
C LEU A 33 -9.73 7.10 -2.92
N ALA A 34 -9.77 8.23 -2.24
CA ALA A 34 -8.89 9.35 -2.46
C ALA A 34 -8.33 9.89 -1.13
N TRP A 35 -7.22 10.64 -1.21
CA TRP A 35 -6.61 11.26 -0.04
C TRP A 35 -6.47 12.74 -0.37
N TYR A 36 -6.67 13.58 0.63
CA TYR A 36 -6.56 15.03 0.46
C TYR A 36 -5.71 15.59 1.58
N GLN A 37 -5.09 16.70 1.27
CA GLN A 37 -4.35 17.45 2.27
C GLN A 37 -5.10 18.79 2.48
N GLN A 38 -5.21 19.25 3.72
CA GLN A 38 -5.82 20.55 3.98
C GLN A 38 -5.04 21.37 4.99
N LYS A 39 -4.58 22.52 4.57
CA LYS A 39 -3.89 23.47 5.45
C LYS A 39 -4.92 24.50 6.00
N PRO A 40 -4.71 25.10 7.20
CA PRO A 40 -5.71 26.02 7.75
C PRO A 40 -6.05 27.20 6.84
N GLY A 41 -7.33 27.50 6.71
CA GLY A 41 -7.81 28.59 5.87
C GLY A 41 -7.63 28.34 4.38
N GLN A 42 -7.53 27.06 3.97
CA GLN A 42 -7.35 26.69 2.57
C GLN A 42 -8.28 25.55 2.20
N ALA A 43 -8.60 25.42 0.92
CA ALA A 43 -9.43 24.33 0.44
C ALA A 43 -8.63 23.01 0.43
N PRO A 44 -9.30 21.85 0.54
CA PRO A 44 -8.57 20.58 0.42
C PRO A 44 -7.88 20.44 -0.94
N ARG A 45 -6.77 19.73 -0.99
CA ARG A 45 -6.01 19.51 -2.21
C ARG A 45 -5.92 17.99 -2.45
N LEU A 46 -6.34 17.52 -3.63
CA LEU A 46 -6.29 16.09 -3.96
C LEU A 46 -4.84 15.62 -4.05
N LEU A 47 -4.48 14.57 -3.31
CA LEU A 47 -3.14 13.99 -3.35
C LEU A 47 -3.11 12.66 -4.14
N ILE A 48 -4.02 11.74 -3.79
CA ILE A 48 -4.09 10.41 -4.36
C ILE A 48 -5.54 10.10 -4.76
N TYR A 49 -5.79 9.45 -5.91
CA TYR A 49 -7.13 9.00 -6.30
C TYR A 49 -7.04 7.53 -6.73
N ASP A 50 -8.16 6.82 -6.69
CA ASP A 50 -8.21 5.39 -7.04
C ASP A 50 -7.24 4.57 -6.22
N ALA A 51 -7.13 4.93 -4.92
CA ALA A 51 -6.31 4.31 -3.87
C ALA A 51 -4.79 4.53 -4.01
N SER A 52 -4.24 4.58 -5.24
CA SER A 52 -2.80 4.62 -5.41
C SER A 52 -2.27 5.52 -6.51
N ASN A 53 -3.12 6.32 -7.17
CA ASN A 53 -2.65 7.18 -8.24
C ASN A 53 -2.36 8.59 -7.75
N ARG A 54 -1.13 9.06 -7.92
CA ARG A 54 -0.77 10.41 -7.50
C ARG A 54 -1.41 11.41 -8.44
N ALA A 55 -2.06 12.43 -7.89
CA ALA A 55 -2.64 13.48 -8.72
C ALA A 55 -1.48 14.33 -9.36
N THR A 56 -1.79 15.06 -10.43
CA THR A 56 -0.76 15.84 -11.12
C THR A 56 -0.14 16.89 -10.22
N GLY A 57 1.19 16.96 -10.23
CA GLY A 57 1.93 17.94 -9.44
C GLY A 57 2.20 17.55 -8.00
N ILE A 58 1.70 16.37 -7.57
CA ILE A 58 1.92 15.91 -6.21
C ILE A 58 3.29 15.23 -6.15
N PRO A 59 4.14 15.60 -5.19
CA PRO A 59 5.49 15.01 -5.12
C PRO A 59 5.49 13.51 -4.93
N ALA A 60 6.55 12.84 -5.43
CA ALA A 60 6.72 11.38 -5.37
C ALA A 60 6.81 10.82 -3.97
N ARG A 61 7.14 11.66 -2.96
CA ARG A 61 7.18 11.18 -1.58
C ARG A 61 5.81 10.70 -1.08
N PHE A 62 4.71 11.18 -1.68
CA PHE A 62 3.36 10.77 -1.31
C PHE A 62 2.98 9.52 -2.07
N SER A 63 2.52 8.49 -1.39
CA SER A 63 2.05 7.28 -2.05
C SER A 63 0.88 6.70 -1.32
N GLY A 64 -0.04 6.11 -2.08
CA GLY A 64 -1.22 5.50 -1.50
C GLY A 64 -1.26 4.03 -1.85
N SER A 65 -1.81 3.24 -0.96
CA SER A 65 -1.98 1.82 -1.20
C SER A 65 -3.23 1.31 -0.51
N GLY A 66 -3.68 0.14 -0.92
CA GLY A 66 -4.83 -0.50 -0.30
C GLY A 66 -5.95 -0.77 -1.27
N SER A 67 -6.94 -1.50 -0.80
CA SER A 67 -8.14 -1.84 -1.53
C SER A 67 -9.15 -2.41 -0.53
N GLY A 68 -10.42 -2.41 -0.91
CA GLY A 68 -11.47 -2.94 -0.06
C GLY A 68 -11.75 -2.09 1.15
N THR A 69 -11.33 -2.56 2.33
CA THR A 69 -11.57 -1.82 3.56
C THR A 69 -10.35 -1.14 4.16
N ASP A 70 -9.11 -1.43 3.72
CA ASP A 70 -7.93 -0.87 4.39
C ASP A 70 -7.01 -0.14 3.45
N PHE A 71 -6.74 1.13 3.77
CA PHE A 71 -5.96 2.03 2.91
C PHE A 71 -4.90 2.76 3.72
N THR A 72 -3.80 3.07 3.05
CA THR A 72 -2.69 3.76 3.70
C THR A 72 -2.16 4.87 2.83
N LEU A 73 -1.84 6.00 3.44
CA LEU A 73 -1.16 7.09 2.76
C LEU A 73 0.23 7.16 3.42
N THR A 74 1.30 7.07 2.62
CA THR A 74 2.65 7.16 3.16
C THR A 74 3.35 8.39 2.62
N ILE A 75 4.02 9.15 3.50
CA ILE A 75 4.84 10.29 3.07
C ILE A 75 6.27 9.82 3.44
N SER A 76 7.08 9.43 2.44
CA SER A 76 8.39 8.81 2.64
C SER A 76 9.36 9.60 3.53
N SER A 77 9.42 10.91 3.37
CA SER A 77 10.28 11.76 4.19
C SER A 77 9.61 13.12 4.28
N LEU A 78 9.12 13.45 5.46
CA LEU A 78 8.37 14.68 5.70
C LEU A 78 9.09 15.97 5.43
N GLU A 79 8.48 16.84 4.66
CA GLU A 79 8.98 18.19 4.44
C GLU A 79 8.22 19.12 5.39
N PRO A 80 8.73 20.32 5.71
CA PRO A 80 7.98 21.23 6.59
C PRO A 80 6.57 21.56 6.10
N GLU A 81 6.38 21.64 4.79
CA GLU A 81 5.06 21.96 4.23
C GLU A 81 4.06 20.79 4.32
N ASP A 82 4.51 19.60 4.77
CA ASP A 82 3.62 18.43 4.88
C ASP A 82 2.84 18.35 6.18
N PHE A 83 3.10 19.26 7.13
CA PHE A 83 2.36 19.26 8.39
C PHE A 83 1.04 19.95 8.10
N ALA A 84 -0.05 19.18 8.16
CA ALA A 84 -1.38 19.62 7.77
C ALA A 84 -2.43 18.54 8.21
N VAL A 85 -3.74 18.73 7.91
CA VAL A 85 -4.74 17.71 8.18
C VAL A 85 -4.86 16.89 6.89
N TYR A 86 -5.04 15.59 7.02
CA TYR A 86 -5.20 14.70 5.87
C TYR A 86 -6.52 14.01 5.99
N TYR A 87 -7.24 13.92 4.87
CA TYR A 87 -8.53 13.24 4.84
C TYR A 87 -8.55 12.14 3.83
N CYS A 88 -9.18 11.02 4.15
CA CYS A 88 -9.46 10.02 3.13
C CYS A 88 -10.94 10.23 2.72
N GLN A 89 -11.27 9.87 1.49
CA GLN A 89 -12.59 10.08 0.96
C GLN A 89 -12.97 8.94 0.04
N GLN A 90 -14.12 8.32 0.25
CA GLN A 90 -14.59 7.26 -0.63
C GLN A 90 -15.69 7.80 -1.55
N TYR A 91 -15.70 7.32 -2.80
CA TYR A 91 -16.71 7.71 -3.77
C TYR A 91 -17.33 6.45 -4.37
N PHE A 92 -17.58 5.45 -3.53
CA PHE A 92 -18.24 4.23 -3.98
C PHE A 92 -19.76 4.42 -3.76
N TYR A 93 -20.15 4.68 -2.53
CA TYR A 93 -21.56 4.85 -2.21
C TYR A 93 -21.72 5.79 -1.04
N TRP A 94 -22.62 6.77 -1.17
CA TRP A 94 -22.86 7.70 -0.09
C TRP A 94 -24.22 7.46 0.58
N GLY A 95 -24.23 6.98 1.85
CA GLY A 95 -23.06 6.78 2.69
C GLY A 95 -22.40 8.10 3.05
N TRP A 96 -21.17 8.06 3.58
CA TRP A 96 -20.46 9.30 3.89
C TRP A 96 -19.13 9.31 3.21
N PRO A 97 -18.86 10.33 2.37
CA PRO A 97 -17.58 10.37 1.67
C PRO A 97 -16.35 10.45 2.57
N PHE A 98 -16.33 11.40 3.52
CA PHE A 98 -15.11 11.71 4.23
C PHE A 98 -14.84 10.99 5.54
N GLY A 99 -13.56 10.66 5.72
CA GLY A 99 -13.05 10.26 7.02
C GLY A 99 -13.00 11.49 7.92
N GLN A 100 -12.81 11.33 9.23
CA GLN A 100 -12.80 12.46 10.18
C GLN A 100 -11.51 13.30 10.15
N GLY A 101 -10.51 12.84 9.42
CA GLY A 101 -9.23 13.55 9.35
C GLY A 101 -8.18 13.13 10.36
N THR A 102 -6.92 13.20 9.94
CA THR A 102 -5.75 12.91 10.77
C THR A 102 -4.91 14.18 10.74
N LYS A 103 -4.68 14.76 11.89
CA LYS A 103 -3.82 15.96 11.95
C LYS A 103 -2.35 15.48 12.04
N LEU A 104 -1.51 15.83 11.07
CA LEU A 104 -0.09 15.53 11.07
C LEU A 104 0.64 16.77 11.60
N GLU A 105 1.02 16.73 12.89
CA GLU A 105 1.68 17.82 13.60
C GLU A 105 3.18 17.53 13.84
N ILE A 106 3.94 18.60 14.17
CA ILE A 106 5.35 18.53 14.46
C ILE A 106 5.58 17.97 15.86
N LYS A 107 6.44 16.93 15.97
CA LYS A 107 6.75 16.27 17.22
C LYS A 107 7.65 17.12 18.10
N ARG A 108 7.48 16.97 19.40
CA ARG A 108 8.31 17.63 20.39
C ARG A 108 8.03 16.89 21.69
N THR A 109 8.72 17.24 22.76
CA THR A 109 8.51 16.56 24.04
C THR A 109 7.25 17.10 24.72
N VAL A 110 6.67 16.29 25.60
CA VAL A 110 5.55 16.68 26.44
C VAL A 110 5.94 17.91 27.29
N ALA A 111 5.10 18.92 27.31
CA ALA A 111 5.33 20.13 28.08
C ALA A 111 4.02 20.49 28.75
N ALA A 112 4.03 20.57 30.09
CA ALA A 112 2.85 20.93 30.84
C ALA A 112 2.55 22.43 30.62
N PRO A 113 1.26 22.84 30.61
CA PRO A 113 0.98 24.28 30.47
C PRO A 113 1.30 25.04 31.73
N SER A 114 1.62 26.31 31.56
CA SER A 114 1.67 27.23 32.67
C SER A 114 0.23 27.80 32.67
N VAL A 115 -0.44 27.70 33.81
CA VAL A 115 -1.83 28.11 33.92
C VAL A 115 -2.01 29.44 34.62
N PHE A 116 -2.87 30.33 34.06
CA PHE A 116 -3.13 31.64 34.64
C PHE A 116 -4.63 31.91 34.64
N ILE A 117 -5.16 32.50 35.72
CA ILE A 117 -6.58 32.84 35.79
C ILE A 117 -6.72 34.35 35.93
N PHE A 118 -7.69 34.94 35.23
CA PHE A 118 -7.95 36.35 35.26
C PHE A 118 -9.39 36.63 35.67
N PRO A 119 -9.57 37.39 36.76
CA PRO A 119 -10.93 37.80 37.14
C PRO A 119 -11.51 38.81 36.15
N PRO A 120 -12.84 38.99 36.12
CA PRO A 120 -13.40 40.04 35.26
C PRO A 120 -12.95 41.42 35.76
N SER A 121 -12.68 42.33 34.84
CA SER A 121 -12.30 43.70 35.19
C SER A 121 -13.52 44.45 35.78
N ASP A 122 -13.27 45.50 36.55
CA ASP A 122 -14.32 46.37 37.10
C ASP A 122 -15.12 47.04 35.98
N GLU A 123 -14.43 47.42 34.88
CA GLU A 123 -15.06 48.05 33.73
C GLU A 123 -16.12 47.11 33.13
N GLN A 124 -15.80 45.82 32.98
CA GLN A 124 -16.79 44.89 32.44
C GLN A 124 -17.96 44.69 33.41
N LEU A 125 -17.66 44.69 34.73
CA LEU A 125 -18.67 44.49 35.77
C LEU A 125 -19.73 45.62 35.84
N LYS A 126 -19.50 46.74 35.14
CA LYS A 126 -20.49 47.80 35.00
C LYS A 126 -21.61 47.36 33.99
N SER A 127 -21.36 46.33 33.16
CA SER A 127 -22.30 45.75 32.22
C SER A 127 -22.98 44.53 32.89
N GLY A 128 -23.94 43.91 32.19
CA GLY A 128 -24.64 42.76 32.72
C GLY A 128 -23.89 41.44 32.62
N THR A 129 -22.61 41.48 32.20
CA THR A 129 -21.81 40.28 32.00
C THR A 129 -20.43 40.34 32.64
N ALA A 130 -19.95 39.16 33.05
CA ALA A 130 -18.64 38.94 33.65
C ALA A 130 -17.93 37.82 32.90
N SER A 131 -16.70 38.10 32.43
CA SER A 131 -15.91 37.09 31.73
C SER A 131 -14.74 36.70 32.62
N VAL A 132 -14.60 35.43 32.89
CA VAL A 132 -13.47 34.92 33.67
C VAL A 132 -12.60 34.17 32.65
N VAL A 133 -11.30 34.48 32.58
CA VAL A 133 -10.43 33.87 31.59
C VAL A 133 -9.36 32.98 32.19
N CYS A 134 -9.17 31.80 31.61
CA CYS A 134 -8.14 30.90 32.02
C CYS A 134 -7.20 30.68 30.83
N LEU A 135 -5.89 30.89 31.04
CA LEU A 135 -4.87 30.72 30.01
C LEU A 135 -4.03 29.47 30.29
N LEU A 136 -3.86 28.61 29.28
CA LEU A 136 -2.95 27.45 29.31
C LEU A 136 -1.89 27.85 28.31
N ASN A 137 -0.69 28.15 28.77
CA ASN A 137 0.38 28.66 27.91
C ASN A 137 1.43 27.64 27.58
N ASN A 138 1.81 27.55 26.28
CA ASN A 138 2.92 26.77 25.74
C ASN A 138 2.98 25.31 26.25
N PHE A 139 2.02 24.50 25.84
CA PHE A 139 1.92 23.12 26.26
C PHE A 139 1.89 22.19 25.06
N TYR A 140 2.14 20.90 25.33
CA TYR A 140 2.16 19.89 24.29
C TYR A 140 2.01 18.52 24.97
N PRO A 141 1.22 17.57 24.45
CA PRO A 141 0.37 17.68 23.26
C PRO A 141 -0.88 18.57 23.47
N ARG A 142 -1.61 18.82 22.40
CA ARG A 142 -2.81 19.65 22.41
C ARG A 142 -3.90 19.16 23.38
N GLU A 143 -4.08 17.84 23.54
CA GLU A 143 -5.12 17.32 24.43
C GLU A 143 -4.99 17.88 25.85
N ALA A 144 -6.03 18.56 26.27
CA ALA A 144 -6.09 19.17 27.59
C ALA A 144 -7.54 19.25 28.02
N LYS A 145 -7.80 19.10 29.31
CA LYS A 145 -9.14 19.24 29.84
C LYS A 145 -9.18 20.44 30.80
N VAL A 146 -10.08 21.39 30.54
CA VAL A 146 -10.22 22.57 31.38
C VAL A 146 -11.61 22.56 31.96
N GLN A 147 -11.72 22.54 33.30
CA GLN A 147 -13.03 22.58 33.93
C GLN A 147 -13.13 23.82 34.77
N TRP A 148 -14.30 24.50 34.71
CA TRP A 148 -14.57 25.65 35.57
C TRP A 148 -15.35 25.22 36.81
N LYS A 149 -14.93 25.69 37.97
CA LYS A 149 -15.64 25.41 39.23
C LYS A 149 -15.97 26.74 39.90
N VAL A 150 -17.23 26.94 40.26
CA VAL A 150 -17.65 28.17 40.93
C VAL A 150 -18.18 27.70 42.29
N ASP A 151 -17.50 28.03 43.41
CA ASP A 151 -17.85 27.52 44.75
C ASP A 151 -17.91 25.98 44.73
N ASN A 152 -16.94 25.37 44.03
CA ASN A 152 -16.78 23.91 43.83
C ASN A 152 -17.78 23.27 42.88
N ALA A 153 -18.72 24.03 42.28
CA ALA A 153 -19.71 23.44 41.39
C ALA A 153 -19.20 23.47 39.96
N LEU A 154 -19.23 22.32 39.28
CA LEU A 154 -18.76 22.22 37.90
C LEU A 154 -19.69 23.01 36.99
N GLN A 155 -19.11 23.88 36.16
CA GLN A 155 -19.86 24.67 35.21
C GLN A 155 -20.05 23.92 33.90
N SER A 156 -21.21 24.11 33.26
CA SER A 156 -21.53 23.46 32.01
C SER A 156 -22.31 24.41 31.11
N GLY A 157 -21.95 24.45 29.84
CA GLY A 157 -22.65 25.26 28.85
C GLY A 157 -22.32 26.74 28.80
N ASN A 158 -21.54 27.26 29.73
CA ASN A 158 -21.24 28.69 29.80
C ASN A 158 -19.76 29.04 29.56
N SER A 159 -19.02 28.16 28.90
CA SER A 159 -17.62 28.45 28.57
C SER A 159 -17.30 28.08 27.14
N GLN A 160 -16.35 28.80 26.56
CA GLN A 160 -15.86 28.56 25.21
C GLN A 160 -14.32 28.50 25.24
N GLU A 161 -13.74 27.59 24.45
CA GLU A 161 -12.31 27.43 24.33
C GLU A 161 -11.82 27.90 22.97
N SER A 162 -10.61 28.44 22.97
CA SER A 162 -9.96 28.84 21.74
C SER A 162 -8.48 28.38 21.83
N VAL A 163 -7.93 27.90 20.72
CA VAL A 163 -6.57 27.38 20.71
C VAL A 163 -5.77 27.96 19.55
N THR A 164 -4.48 28.22 19.79
CA THR A 164 -3.61 28.69 18.73
C THR A 164 -3.17 27.49 17.85
N GLU A 165 -2.65 27.81 16.67
CA GLU A 165 -2.04 26.82 15.83
C GLU A 165 -0.66 26.51 16.47
N GLN A 166 -0.10 25.33 16.20
CA GLN A 166 1.23 24.96 16.70
C GLN A 166 2.29 26.04 16.48
N ASP A 167 2.97 26.46 17.55
CA ASP A 167 3.96 27.52 17.47
C ASP A 167 5.10 27.24 16.49
N SER A 168 5.42 28.23 15.64
CA SER A 168 6.47 28.05 14.63
C SER A 168 7.88 27.91 15.23
N LYS A 169 8.09 28.41 16.43
CA LYS A 169 9.39 28.35 17.07
C LYS A 169 9.55 27.18 18.03
N ASP A 170 8.56 26.91 18.91
CA ASP A 170 8.73 25.85 19.90
C ASP A 170 7.77 24.66 19.74
N SER A 171 6.88 24.68 18.74
CA SER A 171 5.93 23.60 18.45
C SER A 171 4.88 23.33 19.57
N THR A 172 4.66 24.28 20.47
CA THR A 172 3.66 24.14 21.54
C THR A 172 2.31 24.76 21.09
N TYR A 173 1.27 24.55 21.89
CA TYR A 173 -0.06 25.13 21.74
C TYR A 173 -0.33 26.03 22.93
N SER A 174 -1.25 26.96 22.77
CA SER A 174 -1.75 27.75 23.88
C SER A 174 -3.26 27.74 23.75
N LEU A 175 -3.94 27.84 24.88
CA LEU A 175 -5.37 27.75 24.89
C LEU A 175 -5.96 28.75 25.87
N SER A 176 -7.09 29.38 25.49
CA SER A 176 -7.85 30.22 26.41
C SER A 176 -9.23 29.56 26.68
N SER A 177 -9.71 29.60 27.91
CA SER A 177 -11.05 29.13 28.23
C SER A 177 -11.76 30.30 28.89
N THR A 178 -12.89 30.76 28.30
CA THR A 178 -13.59 31.93 28.84
C THR A 178 -14.92 31.52 29.41
N LEU A 179 -15.14 31.79 30.69
CA LEU A 179 -16.39 31.49 31.37
C LEU A 179 -17.23 32.77 31.33
N THR A 180 -18.43 32.68 30.73
CA THR A 180 -19.32 33.82 30.66
C THR A 180 -20.44 33.67 31.65
N LEU A 181 -20.50 34.59 32.59
CA LEU A 181 -21.54 34.56 33.61
C LEU A 181 -22.31 35.87 33.58
N SER A 182 -23.59 35.83 33.98
CA SER A 182 -24.36 37.07 34.16
C SER A 182 -23.77 37.73 35.43
N LYS A 183 -23.77 39.07 35.51
CA LYS A 183 -23.21 39.77 36.67
C LYS A 183 -23.88 39.28 37.99
N ALA A 184 -25.19 38.92 37.94
CA ALA A 184 -25.92 38.42 39.11
C ALA A 184 -25.33 37.09 39.59
N ASP A 185 -25.10 36.15 38.67
CA ASP A 185 -24.53 34.87 39.03
C ASP A 185 -23.10 35.03 39.51
N TYR A 186 -22.32 35.93 38.91
CA TYR A 186 -20.95 36.21 39.35
C TYR A 186 -20.90 36.69 40.79
N GLU A 187 -21.79 37.62 41.15
CA GLU A 187 -21.80 38.18 42.50
C GLU A 187 -22.39 37.27 43.57
N LYS A 188 -23.11 36.24 43.16
CA LYS A 188 -23.74 35.24 44.03
C LYS A 188 -22.67 34.29 44.65
N HIS A 189 -21.50 34.12 43.98
CA HIS A 189 -20.50 33.15 44.43
C HIS A 189 -19.12 33.77 44.79
N LYS A 190 -18.22 32.99 45.45
CA LYS A 190 -16.94 33.51 45.93
C LYS A 190 -15.69 32.95 45.25
N VAL A 191 -15.58 31.61 45.12
CA VAL A 191 -14.38 30.97 44.60
C VAL A 191 -14.51 30.60 43.12
N TYR A 192 -13.62 31.16 42.30
CA TYR A 192 -13.61 30.89 40.87
C TYR A 192 -12.37 30.12 40.54
N ALA A 193 -12.52 28.91 40.00
CA ALA A 193 -11.37 28.07 39.74
C ALA A 193 -11.36 27.50 38.36
N CYS A 194 -10.18 27.51 37.77
CA CYS A 194 -9.94 26.87 36.51
C CYS A 194 -9.11 25.61 36.84
N GLU A 195 -9.59 24.38 36.52
CA GLU A 195 -8.85 23.15 36.76
C GLU A 195 -8.35 22.55 35.47
N VAL A 196 -7.06 22.24 35.42
CA VAL A 196 -6.43 21.76 34.18
C VAL A 196 -5.85 20.38 34.29
N THR A 197 -6.26 19.50 33.40
CA THR A 197 -5.77 18.14 33.31
C THR A 197 -4.97 18.01 32.02
N HIS A 198 -3.72 17.58 32.14
CA HIS A 198 -2.84 17.46 31.00
C HIS A 198 -1.81 16.38 31.27
N GLN A 199 -1.37 15.71 30.22
CA GLN A 199 -0.38 14.62 30.25
C GLN A 199 0.92 15.00 30.97
N GLY A 200 1.30 16.28 30.86
CA GLY A 200 2.49 16.83 31.48
C GLY A 200 2.36 17.11 32.96
N LEU A 201 1.15 17.01 33.52
CA LEU A 201 0.89 17.25 34.94
C LEU A 201 0.55 15.90 35.59
N SER A 202 1.27 15.53 36.65
CA SER A 202 0.99 14.25 37.34
C SER A 202 -0.42 14.23 37.99
N SER A 203 -0.87 15.40 38.44
N SER A 203 -0.89 15.40 38.41
CA SER A 203 -2.19 15.62 39.02
CA SER A 203 -2.21 15.59 38.97
C SER A 203 -2.75 16.95 38.47
C SER A 203 -2.75 16.92 38.44
N PRO A 204 -4.08 17.08 38.36
CA PRO A 204 -4.64 18.33 37.84
C PRO A 204 -4.25 19.57 38.62
N VAL A 205 -3.99 20.67 37.93
CA VAL A 205 -3.61 21.92 38.57
C VAL A 205 -4.84 22.83 38.64
N THR A 206 -5.01 23.50 39.77
CA THR A 206 -6.07 24.48 39.91
C THR A 206 -5.47 25.88 40.07
N LYS A 207 -5.96 26.85 39.31
CA LYS A 207 -5.64 28.25 39.52
C LYS A 207 -6.98 28.88 39.91
N SER A 208 -7.00 29.65 40.98
CA SER A 208 -8.25 30.22 41.46
C SER A 208 -8.07 31.58 42.11
N PHE A 209 -9.18 32.27 42.29
CA PHE A 209 -9.22 33.54 43.01
C PHE A 209 -10.55 33.62 43.81
N ASN A 210 -10.58 34.50 44.79
CA ASN A 210 -11.77 34.77 45.55
C ASN A 210 -12.27 36.12 45.07
N ARG A 211 -13.53 36.20 44.62
CA ARG A 211 -14.13 37.43 44.14
C ARG A 211 -14.05 38.54 45.19
N GLY A 212 -13.50 39.68 44.78
CA GLY A 212 -13.36 40.83 45.67
C GLY A 212 -12.03 40.91 46.42
N GLU A 213 -11.13 39.95 46.18
CA GLU A 213 -9.82 39.97 46.85
C GLU A 213 -8.69 40.30 45.89
N GLU B 1 -8.41 27.77 -17.97
CA GLU B 1 -8.12 27.13 -16.69
C GLU B 1 -9.40 26.51 -16.15
N VAL B 2 -9.33 25.23 -15.71
CA VAL B 2 -10.48 24.57 -15.13
C VAL B 2 -10.64 25.07 -13.70
N GLN B 3 -11.77 25.69 -13.39
CA GLN B 3 -12.00 26.20 -12.05
C GLN B 3 -13.47 26.27 -11.66
N LEU B 4 -13.70 26.43 -10.36
CA LEU B 4 -14.97 26.66 -9.75
C LEU B 4 -14.77 27.95 -8.94
N VAL B 5 -15.59 28.97 -9.20
CA VAL B 5 -15.52 30.22 -8.49
C VAL B 5 -16.79 30.40 -7.71
N GLN B 6 -16.68 30.54 -6.41
CA GLN B 6 -17.81 30.73 -5.52
C GLN B 6 -18.09 32.19 -5.24
N SER B 7 -19.35 32.49 -4.90
CA SER B 7 -19.76 33.85 -4.56
C SER B 7 -19.08 34.28 -3.22
N GLY B 8 -19.00 35.59 -3.02
CA GLY B 8 -18.33 36.21 -1.86
C GLY B 8 -18.91 35.87 -0.50
N ALA B 9 -18.17 36.22 0.56
CA ALA B 9 -18.58 35.99 1.93
C ALA B 9 -19.94 36.63 2.23
N GLU B 10 -20.69 35.99 3.12
CA GLU B 10 -22.02 36.44 3.45
C GLU B 10 -22.15 36.67 4.91
N VAL B 11 -22.88 37.73 5.27
CA VAL B 11 -23.17 38.07 6.66
C VAL B 11 -24.69 38.26 6.65
N LYS B 12 -25.39 37.34 7.30
CA LYS B 12 -26.83 37.34 7.30
C LYS B 12 -27.38 37.30 8.70
N LYS B 13 -28.64 37.69 8.87
CA LYS B 13 -29.29 37.66 10.16
C LYS B 13 -30.07 36.35 10.30
N PRO B 14 -30.27 35.83 11.51
CA PRO B 14 -31.04 34.56 11.65
C PRO B 14 -32.46 34.74 11.10
N GLY B 15 -32.97 33.71 10.42
CA GLY B 15 -34.29 33.77 9.80
C GLY B 15 -34.27 34.19 8.34
N GLU B 16 -33.18 34.80 7.88
CA GLU B 16 -33.07 35.22 6.49
C GLU B 16 -32.73 34.06 5.57
N SER B 17 -33.11 34.20 4.31
CA SER B 17 -32.81 33.21 3.31
C SER B 17 -31.45 33.56 2.65
N LEU B 18 -30.81 32.58 2.03
CA LEU B 18 -29.52 32.79 1.38
C LEU B 18 -29.36 31.82 0.26
N LYS B 19 -28.87 32.28 -0.86
CA LYS B 19 -28.54 31.40 -1.97
C LYS B 19 -27.10 31.74 -2.36
N ILE B 20 -26.18 30.77 -2.22
CA ILE B 20 -24.79 30.97 -2.62
C ILE B 20 -24.52 30.22 -3.92
N SER B 21 -23.60 30.73 -4.74
CA SER B 21 -23.33 30.13 -6.04
C SER B 21 -21.90 29.59 -6.23
N CYS B 22 -21.76 28.74 -7.25
CA CYS B 22 -20.53 28.05 -7.61
C CYS B 22 -20.52 27.98 -9.12
N LYS B 23 -19.70 28.79 -9.78
CA LYS B 23 -19.63 28.81 -11.24
C LYS B 23 -18.42 28.06 -11.78
N GLY B 24 -18.66 27.12 -12.70
CA GLY B 24 -17.60 26.39 -13.35
C GLY B 24 -17.20 27.06 -14.65
N SER B 25 -15.92 26.90 -15.05
CA SER B 25 -15.40 27.37 -16.32
C SER B 25 -14.21 26.51 -16.74
N GLY B 26 -13.95 26.47 -18.03
CA GLY B 26 -12.84 25.69 -18.57
C GLY B 26 -13.12 24.22 -18.73
N TYR B 27 -14.38 23.79 -18.52
CA TYR B 27 -14.77 22.40 -18.65
C TYR B 27 -16.29 22.28 -18.92
N SER B 28 -16.78 21.10 -19.33
CA SER B 28 -18.20 20.92 -19.55
C SER B 28 -18.92 20.73 -18.22
N PHE B 29 -19.65 21.78 -17.80
CA PHE B 29 -20.41 21.75 -16.55
C PHE B 29 -21.45 20.62 -16.49
N THR B 30 -21.92 20.16 -17.66
CA THR B 30 -22.91 19.10 -17.80
C THR B 30 -22.26 17.70 -18.00
N SER B 31 -20.96 17.56 -17.67
CA SER B 31 -20.28 16.27 -17.74
C SER B 31 -19.81 15.76 -16.37
N TYR B 32 -20.01 16.55 -15.31
CA TYR B 32 -19.53 16.22 -13.98
C TYR B 32 -20.59 16.52 -12.94
N TRP B 33 -20.41 15.98 -11.75
CA TRP B 33 -21.26 16.31 -10.64
C TRP B 33 -20.58 17.44 -9.86
N ILE B 34 -21.38 18.08 -8.99
CA ILE B 34 -20.93 19.09 -8.06
C ILE B 34 -21.37 18.61 -6.68
N GLY B 35 -20.46 18.68 -5.71
CA GLY B 35 -20.76 18.37 -4.33
C GLY B 35 -20.64 19.62 -3.50
N TRP B 36 -21.41 19.71 -2.40
CA TRP B 36 -21.35 20.84 -1.47
C TRP B 36 -20.88 20.25 -0.14
N VAL B 37 -19.88 20.90 0.46
CA VAL B 37 -19.24 20.45 1.69
C VAL B 37 -19.22 21.59 2.68
N ARG B 38 -19.61 21.31 3.93
CA ARG B 38 -19.55 22.30 4.99
C ARG B 38 -18.30 22.05 5.87
N GLN B 39 -17.71 23.12 6.40
CA GLN B 39 -16.64 23.00 7.35
C GLN B 39 -16.83 24.02 8.45
N MET B 40 -17.29 23.57 9.62
CA MET B 40 -17.45 24.46 10.77
C MET B 40 -16.05 24.85 11.26
N PRO B 41 -15.91 26.04 11.90
CA PRO B 41 -14.57 26.48 12.31
C PRO B 41 -13.78 25.46 13.14
N GLY B 42 -12.60 25.11 12.66
CA GLY B 42 -11.72 24.14 13.31
C GLY B 42 -12.16 22.70 13.26
N LYS B 43 -13.18 22.38 12.43
CA LYS B 43 -13.71 21.02 12.34
C LYS B 43 -13.41 20.34 10.98
N GLY B 44 -13.89 19.11 10.81
CA GLY B 44 -13.67 18.37 9.56
C GLY B 44 -14.60 18.76 8.43
N LEU B 45 -14.51 18.01 7.34
CA LEU B 45 -15.32 18.23 6.15
C LEU B 45 -16.60 17.39 6.27
N GLU B 46 -17.77 18.02 6.06
CA GLU B 46 -19.04 17.29 6.11
C GLU B 46 -19.72 17.44 4.78
N TRP B 47 -20.12 16.31 4.15
N TRP B 47 -20.11 16.34 4.17
CA TRP B 47 -20.84 16.42 2.90
CA TRP B 47 -20.81 16.39 2.90
C TRP B 47 -22.27 16.89 3.13
C TRP B 47 -22.27 16.87 3.12
N MET B 48 -22.75 17.79 2.30
CA MET B 48 -24.12 18.30 2.43
C MET B 48 -24.99 17.62 1.39
N GLY B 49 -24.51 17.61 0.15
CA GLY B 49 -25.23 16.96 -0.93
C GLY B 49 -24.59 17.18 -2.26
N ILE B 50 -25.22 16.67 -3.31
CA ILE B 50 -24.67 16.75 -4.65
C ILE B 50 -25.73 17.18 -5.69
N ILE B 51 -25.26 17.46 -6.91
CA ILE B 51 -26.11 17.75 -8.03
C ILE B 51 -25.37 17.39 -9.31
N TYR B 52 -26.10 16.86 -10.29
CA TYR B 52 -25.58 16.61 -11.62
C TYR B 52 -26.22 17.69 -12.46
N PRO B 53 -25.48 18.79 -12.72
CA PRO B 53 -26.08 19.94 -13.44
C PRO B 53 -26.76 19.66 -14.78
N SER B 54 -26.35 18.60 -15.48
CA SER B 54 -26.99 18.25 -16.75
C SER B 54 -28.50 17.98 -16.61
N ASP B 55 -28.92 17.29 -15.55
CA ASP B 55 -30.32 16.95 -15.36
C ASP B 55 -30.91 17.37 -13.98
N SER B 56 -30.14 18.11 -13.19
CA SER B 56 -30.47 18.56 -11.83
C SER B 56 -30.80 17.41 -10.86
N ASP B 57 -30.23 16.20 -11.07
CA ASP B 57 -30.42 15.10 -10.11
C ASP B 57 -29.69 15.52 -8.82
N THR B 58 -30.36 15.47 -7.67
CA THR B 58 -29.77 15.91 -6.44
C THR B 58 -29.91 14.85 -5.35
N ARG B 59 -28.89 14.68 -4.51
CA ARG B 59 -28.97 13.80 -3.33
C ARG B 59 -28.45 14.57 -2.14
N TYR B 60 -28.95 14.30 -0.94
CA TYR B 60 -28.53 15.02 0.25
C TYR B 60 -28.07 14.09 1.32
N SER B 61 -27.20 14.58 2.17
CA SER B 61 -26.80 13.88 3.39
C SER B 61 -28.03 13.89 4.32
N PRO B 62 -28.23 12.83 5.09
CA PRO B 62 -29.37 12.80 6.03
C PRO B 62 -29.37 13.99 7.01
N SER B 63 -28.21 14.53 7.36
CA SER B 63 -28.11 15.69 8.25
C SER B 63 -28.53 17.00 7.58
N PHE B 64 -28.62 17.04 6.25
CA PHE B 64 -28.97 18.26 5.54
C PHE B 64 -30.27 18.18 4.73
N GLN B 65 -30.85 16.98 4.56
CA GLN B 65 -32.10 16.81 3.82
C GLN B 65 -33.21 17.65 4.47
N GLY B 66 -33.88 18.49 3.69
CA GLY B 66 -34.93 19.35 4.23
C GLY B 66 -34.42 20.64 4.83
N GLN B 67 -33.09 20.79 5.02
CA GLN B 67 -32.52 22.01 5.58
C GLN B 67 -31.98 22.95 4.51
N VAL B 68 -31.52 22.39 3.39
CA VAL B 68 -30.96 23.17 2.28
C VAL B 68 -31.52 22.62 0.96
N THR B 69 -31.41 23.42 -0.10
CA THR B 69 -31.80 23.02 -1.43
C THR B 69 -30.61 23.30 -2.33
N ILE B 70 -30.25 22.31 -3.12
CA ILE B 70 -29.19 22.43 -4.08
C ILE B 70 -29.84 22.51 -5.46
N SER B 71 -29.37 23.43 -6.30
CA SER B 71 -29.93 23.58 -7.63
C SER B 71 -28.84 23.98 -8.63
N ALA B 72 -29.15 24.02 -9.92
CA ALA B 72 -28.20 24.39 -10.93
C ALA B 72 -28.89 25.07 -12.11
N ASP B 73 -28.18 25.98 -12.74
CA ASP B 73 -28.58 26.66 -13.96
C ASP B 73 -27.46 26.35 -14.93
N LYS B 74 -27.63 25.29 -15.73
CA LYS B 74 -26.61 24.86 -16.66
C LYS B 74 -26.36 25.84 -17.78
N SER B 75 -27.32 26.74 -18.10
CA SER B 75 -27.10 27.75 -19.15
C SER B 75 -25.98 28.72 -18.76
N ILE B 76 -25.73 28.93 -17.44
CA ILE B 76 -24.64 29.79 -16.98
C ILE B 76 -23.57 29.02 -16.17
N SER B 77 -23.54 27.68 -16.31
CA SER B 77 -22.58 26.79 -15.64
C SER B 77 -22.49 27.06 -14.13
N THR B 78 -23.64 27.25 -13.46
CA THR B 78 -23.64 27.58 -12.04
C THR B 78 -24.48 26.62 -11.21
N ALA B 79 -23.96 26.24 -10.03
CA ALA B 79 -24.68 25.42 -9.07
C ALA B 79 -24.93 26.31 -7.85
N TYR B 80 -25.97 26.00 -7.09
CA TYR B 80 -26.36 26.81 -5.96
C TYR B 80 -26.62 25.97 -4.74
N LEU B 81 -26.53 26.62 -3.60
CA LEU B 81 -26.83 26.04 -2.30
C LEU B 81 -27.68 27.09 -1.59
N GLN B 82 -28.91 26.73 -1.16
CA GLN B 82 -29.77 27.72 -0.53
C GLN B 82 -30.45 27.27 0.75
N TRP B 83 -30.58 28.20 1.70
CA TRP B 83 -31.28 28.01 2.97
C TRP B 83 -32.52 28.90 2.97
N SER B 84 -33.65 28.40 3.47
CA SER B 84 -34.86 29.21 3.58
C SER B 84 -34.76 30.10 4.84
N SER B 85 -34.24 29.55 5.94
CA SER B 85 -34.17 30.27 7.21
C SER B 85 -32.84 29.96 7.90
N LEU B 86 -31.88 30.89 7.84
CA LEU B 86 -30.58 30.70 8.47
C LEU B 86 -30.61 30.71 9.99
N LYS B 87 -29.72 29.95 10.61
CA LYS B 87 -29.54 29.88 12.05
C LYS B 87 -28.08 30.17 12.33
N ALA B 88 -27.75 30.58 13.56
CA ALA B 88 -26.38 30.84 14.00
C ALA B 88 -25.46 29.64 13.78
N SER B 89 -26.00 28.41 13.93
CA SER B 89 -25.29 27.14 13.70
C SER B 89 -24.92 26.89 12.22
N ASP B 90 -25.44 27.70 11.30
CA ASP B 90 -25.04 27.62 9.88
C ASP B 90 -23.74 28.43 9.60
N THR B 91 -23.18 29.12 10.62
CA THR B 91 -21.94 29.86 10.49
C THR B 91 -20.81 28.83 10.25
N ALA B 92 -20.27 28.83 9.02
CA ALA B 92 -19.29 27.84 8.58
C ALA B 92 -18.76 28.26 7.18
N MET B 93 -17.69 27.60 6.72
CA MET B 93 -17.17 27.76 5.38
C MET B 93 -17.89 26.69 4.52
N TYR B 94 -18.25 27.04 3.29
CA TYR B 94 -18.97 26.13 2.39
C TYR B 94 -18.19 26.02 1.13
N TYR B 95 -17.86 24.79 0.73
CA TYR B 95 -17.13 24.55 -0.51
C TYR B 95 -17.99 23.84 -1.50
N CYS B 96 -17.76 24.10 -2.79
CA CYS B 96 -18.33 23.29 -3.85
C CYS B 96 -17.11 22.60 -4.50
N ALA B 97 -17.32 21.41 -5.02
CA ALA B 97 -16.25 20.66 -5.65
C ALA B 97 -16.78 19.80 -6.75
N ARG B 98 -16.01 19.70 -7.79
CA ARG B 98 -16.36 18.90 -8.95
C ARG B 98 -15.88 17.47 -8.78
N TYR B 99 -16.63 16.52 -9.34
CA TYR B 99 -16.19 15.15 -9.38
C TYR B 99 -16.85 14.45 -10.54
N PRO B 100 -16.10 13.65 -11.30
CA PRO B 100 -16.76 12.84 -12.35
C PRO B 100 -17.45 11.66 -11.67
N ASN B 101 -18.37 11.01 -12.40
CA ASN B 101 -19.13 9.86 -11.89
C ASN B 101 -18.12 8.78 -11.38
N TYR B 102 -18.22 8.34 -10.11
CA TYR B 102 -17.27 7.36 -9.53
C TYR B 102 -15.81 7.87 -9.59
N GLY B 103 -15.65 9.13 -9.29
CA GLY B 103 -14.35 9.79 -9.23
C GLY B 103 -14.24 10.69 -8.01
N ALA B 104 -13.00 11.09 -7.69
CA ALA B 104 -12.67 11.97 -6.56
C ALA B 104 -13.00 13.44 -6.85
N PHE B 105 -13.09 14.26 -5.82
CA PHE B 105 -13.31 15.70 -5.92
C PHE B 105 -11.98 16.29 -6.41
N ASP B 106 -11.86 16.55 -7.71
CA ASP B 106 -10.59 17.02 -8.27
C ASP B 106 -10.45 18.52 -8.41
N ILE B 107 -11.55 19.26 -8.50
CA ILE B 107 -11.50 20.72 -8.60
C ILE B 107 -12.31 21.28 -7.47
N TRP B 108 -11.75 22.22 -6.69
CA TRP B 108 -12.45 22.80 -5.56
C TRP B 108 -12.64 24.29 -5.73
N GLY B 109 -13.80 24.78 -5.30
CA GLY B 109 -14.04 26.21 -5.23
C GLY B 109 -13.22 26.79 -4.07
N GLN B 110 -13.07 28.12 -4.02
CA GLN B 110 -12.29 28.76 -2.96
C GLN B 110 -13.02 28.82 -1.60
N GLY B 111 -14.28 28.40 -1.55
CA GLY B 111 -15.07 28.46 -0.33
C GLY B 111 -15.82 29.78 -0.17
N THR B 112 -16.97 29.71 0.48
CA THR B 112 -17.79 30.87 0.79
C THR B 112 -17.98 30.83 2.31
N MET B 113 -17.50 31.86 3.01
CA MET B 113 -17.72 31.93 4.44
C MET B 113 -19.13 32.52 4.65
N VAL B 114 -19.94 31.90 5.50
CA VAL B 114 -21.27 32.39 5.78
C VAL B 114 -21.33 32.62 7.27
N THR B 115 -21.60 33.87 7.72
CA THR B 115 -21.72 34.19 9.14
C THR B 115 -23.20 34.54 9.39
N VAL B 116 -23.79 33.95 10.41
CA VAL B 116 -25.18 34.23 10.73
C VAL B 116 -25.26 34.88 12.11
N SER B 117 -25.68 36.16 12.17
CA SER B 117 -25.72 36.93 13.40
C SER B 117 -26.79 38.03 13.39
N SER B 118 -27.38 38.31 14.54
CA SER B 118 -28.33 39.40 14.67
C SER B 118 -27.63 40.79 14.74
N ALA B 119 -26.32 40.80 14.93
CA ALA B 119 -25.52 42.00 15.05
C ALA B 119 -25.34 42.78 13.75
N SER B 120 -25.12 44.07 13.94
CA SER B 120 -24.73 45.06 12.96
C SER B 120 -23.29 45.52 13.38
N THR B 121 -22.61 46.29 12.53
CA THR B 121 -21.26 46.79 12.79
C THR B 121 -21.12 47.44 14.18
N LYS B 122 -20.15 46.96 14.97
CA LYS B 122 -19.96 47.40 16.34
C LYS B 122 -18.50 47.26 16.71
N GLY B 123 -17.93 48.29 17.31
CA GLY B 123 -16.54 48.26 17.75
C GLY B 123 -16.43 47.51 19.06
N PRO B 124 -15.24 46.98 19.36
CA PRO B 124 -15.09 46.17 20.58
C PRO B 124 -14.91 46.97 21.84
N SER B 125 -15.25 46.35 22.95
CA SER B 125 -14.94 46.87 24.27
C SER B 125 -13.66 46.11 24.63
N VAL B 126 -12.64 46.80 25.12
CA VAL B 126 -11.38 46.15 25.45
C VAL B 126 -11.19 46.18 26.96
N PHE B 127 -11.13 45.02 27.59
CA PHE B 127 -10.96 44.93 29.03
C PHE B 127 -9.59 44.34 29.38
N PRO B 128 -8.98 44.74 30.50
CA PRO B 128 -7.67 44.18 30.86
C PRO B 128 -7.75 42.80 31.50
N LEU B 129 -6.70 42.00 31.28
CA LEU B 129 -6.54 40.68 31.91
C LEU B 129 -5.29 40.95 32.72
N ALA B 130 -5.51 41.46 33.95
CA ALA B 130 -4.45 42.01 34.78
C ALA B 130 -3.47 40.98 35.34
N PRO B 131 -2.16 41.30 35.37
CA PRO B 131 -1.20 40.36 35.99
C PRO B 131 -1.42 40.36 37.52
N SER B 132 -1.32 39.24 38.23
CA SER B 132 -1.50 39.29 39.70
C SER B 132 -0.31 38.69 40.44
N SER B 133 0.05 39.25 41.61
CA SER B 133 1.14 38.71 42.44
C SER B 133 0.80 37.25 42.86
N LYS B 134 -0.48 36.98 43.15
CA LYS B 134 -0.98 35.66 43.51
C LYS B 134 -1.20 34.74 42.29
N SER B 135 -1.01 35.25 41.06
CA SER B 135 -1.25 34.48 39.86
C SER B 135 -0.01 34.26 38.97
N THR B 136 1.18 34.25 39.58
CA THR B 136 2.42 34.05 38.84
C THR B 136 2.76 32.55 38.66
N SER B 137 3.47 32.22 37.58
CA SER B 137 3.93 30.84 37.35
C SER B 137 5.45 30.89 37.43
N GLY B 138 6.02 30.49 38.57
CA GLY B 138 7.45 30.55 38.81
C GLY B 138 7.92 31.99 38.80
N GLY B 139 8.84 32.29 37.91
CA GLY B 139 9.32 33.65 37.72
C GLY B 139 8.64 34.34 36.57
N THR B 140 7.46 33.85 36.11
CA THR B 140 6.75 34.47 35.00
C THR B 140 5.36 34.97 35.37
N ALA B 141 4.94 36.01 34.66
CA ALA B 141 3.65 36.63 34.81
C ALA B 141 2.93 36.65 33.44
N ALA B 142 1.62 36.58 33.45
CA ALA B 142 0.83 36.70 32.22
C ALA B 142 -0.12 37.88 32.38
N LEU B 143 -0.35 38.57 31.29
CA LEU B 143 -1.33 39.65 31.21
C LEU B 143 -1.94 39.65 29.80
N GLY B 144 -2.99 40.42 29.57
CA GLY B 144 -3.62 40.46 28.27
C GLY B 144 -4.77 41.43 28.18
N CYS B 145 -5.50 41.33 27.07
CA CYS B 145 -6.67 42.13 26.79
C CYS B 145 -7.77 41.21 26.28
N LEU B 146 -8.98 41.41 26.78
CA LEU B 146 -10.16 40.70 26.32
C LEU B 146 -10.84 41.68 25.37
N VAL B 147 -10.94 41.32 24.10
CA VAL B 147 -11.50 42.19 23.05
C VAL B 147 -12.86 41.63 22.78
N LYS B 148 -13.85 42.21 23.43
CA LYS B 148 -15.19 41.66 23.47
C LYS B 148 -16.24 42.45 22.70
N ASP B 149 -17.22 41.72 22.15
CA ASP B 149 -18.44 42.25 21.56
C ASP B 149 -18.25 43.17 20.35
N TYR B 150 -17.58 42.67 19.33
CA TYR B 150 -17.38 43.41 18.09
C TYR B 150 -18.02 42.66 16.94
N PHE B 151 -18.24 43.38 15.83
CA PHE B 151 -18.82 42.80 14.64
C PHE B 151 -18.55 43.71 13.46
N PRO B 152 -18.20 43.19 12.28
CA PRO B 152 -17.83 41.80 12.01
C PRO B 152 -16.31 41.61 12.24
N GLU B 153 -15.77 40.47 11.84
CA GLU B 153 -14.34 40.24 11.85
C GLU B 153 -13.72 41.12 10.74
N PRO B 154 -12.45 41.49 10.87
CA PRO B 154 -11.50 41.09 11.91
C PRO B 154 -11.09 42.25 12.82
N VAL B 155 -10.40 41.92 13.91
CA VAL B 155 -9.72 42.91 14.73
C VAL B 155 -8.22 42.58 14.60
N THR B 156 -7.36 43.57 14.76
CA THR B 156 -5.92 43.34 14.84
C THR B 156 -5.49 43.73 16.25
N VAL B 157 -4.55 42.99 16.82
CA VAL B 157 -4.02 43.31 18.12
C VAL B 157 -2.51 43.34 18.06
N SER B 158 -1.91 44.45 18.53
CA SER B 158 -0.48 44.55 18.70
C SER B 158 -0.22 44.94 20.18
N TRP B 159 1.02 44.78 20.65
CA TRP B 159 1.37 45.15 22.00
C TRP B 159 2.47 46.19 21.92
N ASN B 160 2.33 47.26 22.72
CA ASN B 160 3.29 48.37 22.77
C ASN B 160 3.65 48.90 21.40
N SER B 161 2.62 49.05 20.55
CA SER B 161 2.66 49.55 19.18
C SER B 161 3.57 48.73 18.27
N GLY B 162 3.70 47.44 18.54
CA GLY B 162 4.56 46.57 17.76
C GLY B 162 5.94 46.31 18.36
N ALA B 163 6.30 47.03 19.43
CA ALA B 163 7.60 46.82 20.07
C ALA B 163 7.65 45.53 20.89
N LEU B 164 6.49 45.00 21.30
CA LEU B 164 6.44 43.76 22.08
C LEU B 164 5.79 42.69 21.23
N THR B 165 6.55 41.66 20.86
CA THR B 165 6.06 40.57 20.03
C THR B 165 6.33 39.17 20.63
N SER B 166 7.44 39.01 21.36
CA SER B 166 7.79 37.73 21.96
C SER B 166 6.83 37.35 23.08
N GLY B 167 6.38 36.10 23.07
CA GLY B 167 5.48 35.57 24.10
C GLY B 167 4.02 35.97 23.92
N VAL B 168 3.69 36.63 22.81
CA VAL B 168 2.33 37.07 22.55
C VAL B 168 1.51 35.93 21.93
N HIS B 169 0.30 35.70 22.43
CA HIS B 169 -0.64 34.76 21.83
C HIS B 169 -1.97 35.47 21.60
N THR B 170 -2.33 35.72 20.35
CA THR B 170 -3.63 36.32 20.05
C THR B 170 -4.51 35.19 19.54
N PHE B 171 -5.48 34.79 20.34
CA PHE B 171 -6.35 33.66 20.01
C PHE B 171 -7.33 33.95 18.87
N PRO B 172 -7.76 32.91 18.12
CA PRO B 172 -8.80 33.15 17.10
C PRO B 172 -10.10 33.59 17.81
N ALA B 173 -10.87 34.43 17.13
CA ALA B 173 -12.13 34.94 17.68
C ALA B 173 -13.19 33.86 17.71
N VAL B 174 -14.10 33.93 18.66
CA VAL B 174 -15.24 33.03 18.72
C VAL B 174 -16.52 33.88 18.53
N LEU B 175 -17.51 33.35 17.81
CA LEU B 175 -18.79 34.03 17.63
C LEU B 175 -19.68 33.62 18.80
N GLN B 176 -19.98 34.57 19.70
CA GLN B 176 -20.79 34.32 20.88
C GLN B 176 -22.27 34.12 20.53
N SER B 177 -23.07 33.57 21.48
CA SER B 177 -24.50 33.39 21.24
C SER B 177 -25.24 34.71 20.97
N SER B 178 -24.69 35.84 21.45
CA SER B 178 -25.23 37.17 21.21
C SER B 178 -25.07 37.64 19.75
N GLY B 179 -24.28 36.93 18.97
CA GLY B 179 -24.01 37.32 17.59
C GLY B 179 -22.79 38.22 17.45
N LEU B 180 -22.13 38.54 18.55
CA LEU B 180 -20.92 39.36 18.52
C LEU B 180 -19.68 38.47 18.74
N TYR B 181 -18.52 38.88 18.22
CA TYR B 181 -17.28 38.14 18.39
C TYR B 181 -16.55 38.52 19.68
N SER B 182 -15.64 37.65 20.10
CA SER B 182 -14.82 37.91 21.25
C SER B 182 -13.50 37.14 21.10
N LEU B 183 -12.41 37.75 21.55
CA LEU B 183 -11.11 37.10 21.56
C LEU B 183 -10.24 37.64 22.69
N SER B 184 -9.21 36.87 23.09
CA SER B 184 -8.24 37.39 24.04
C SER B 184 -6.88 37.41 23.37
N SER B 185 -6.06 38.36 23.76
CA SER B 185 -4.68 38.44 23.35
C SER B 185 -3.90 38.48 24.65
N VAL B 186 -2.94 37.58 24.84
CA VAL B 186 -2.16 37.51 26.08
C VAL B 186 -0.66 37.58 25.78
N VAL B 187 0.14 37.85 26.79
CA VAL B 187 1.58 37.87 26.71
C VAL B 187 2.17 37.37 28.03
N THR B 188 3.19 36.52 27.99
CA THR B 188 3.89 36.11 29.19
C THR B 188 5.17 36.89 29.22
N VAL B 189 5.46 37.44 30.37
CA VAL B 189 6.64 38.28 30.57
C VAL B 189 7.32 37.85 31.87
N PRO B 190 8.62 38.15 32.04
CA PRO B 190 9.24 37.88 33.35
C PRO B 190 8.57 38.78 34.42
N SER B 191 8.29 38.25 35.63
CA SER B 191 7.69 39.07 36.69
C SER B 191 8.49 40.33 36.97
N SER B 192 9.83 40.28 36.79
CA SER B 192 10.73 41.41 37.02
C SER B 192 10.52 42.57 36.05
N SER B 193 9.80 42.34 34.95
CA SER B 193 9.49 43.38 33.98
C SER B 193 8.22 44.18 34.36
N LEU B 194 7.39 43.70 35.30
CA LEU B 194 6.14 44.37 35.65
C LEU B 194 6.28 45.82 36.17
N GLY B 195 7.32 46.09 36.93
CA GLY B 195 7.54 47.43 37.47
C GLY B 195 8.44 48.31 36.65
N THR B 196 9.10 47.75 35.63
CA THR B 196 10.07 48.51 34.85
C THR B 196 9.54 49.04 33.52
N GLN B 197 8.40 48.52 33.05
CA GLN B 197 7.83 48.98 31.79
C GLN B 197 6.29 48.92 31.80
N THR B 198 5.66 49.47 30.77
CA THR B 198 4.22 49.51 30.67
C THR B 198 3.77 48.53 29.57
N TYR B 199 2.55 48.04 29.69
CA TYR B 199 2.01 47.11 28.71
C TYR B 199 0.68 47.64 28.18
N ILE B 200 0.59 47.89 26.87
CA ILE B 200 -0.61 48.42 26.25
C ILE B 200 -0.96 47.57 25.02
N CYS B 201 -2.19 47.10 24.93
CA CYS B 201 -2.62 46.37 23.75
C CYS B 201 -3.33 47.38 22.84
N ASN B 202 -2.96 47.40 21.57
CA ASN B 202 -3.52 48.30 20.56
C ASN B 202 -4.48 47.48 19.73
N VAL B 203 -5.77 47.80 19.84
CA VAL B 203 -6.82 47.06 19.15
C VAL B 203 -7.38 47.90 18.03
N ASN B 204 -7.40 47.37 16.81
CA ASN B 204 -7.94 48.09 15.68
C ASN B 204 -9.06 47.28 15.06
N HIS B 205 -10.21 47.91 14.90
CA HIS B 205 -11.36 47.30 14.26
C HIS B 205 -11.70 48.19 13.08
N LYS B 206 -11.13 47.90 11.92
CA LYS B 206 -11.34 48.68 10.70
C LYS B 206 -12.80 48.80 10.25
N PRO B 207 -13.67 47.76 10.35
CA PRO B 207 -15.06 47.93 9.94
C PRO B 207 -15.81 49.06 10.65
N SER B 208 -15.40 49.41 11.86
CA SER B 208 -16.04 50.49 12.59
C SER B 208 -15.12 51.71 12.78
N ASN B 209 -13.93 51.73 12.14
CA ASN B 209 -12.88 52.76 12.32
C ASN B 209 -12.59 53.01 13.79
N THR B 210 -12.57 51.93 14.58
CA THR B 210 -12.33 51.96 16.01
C THR B 210 -10.87 51.62 16.26
N LYS B 211 -10.28 52.33 17.22
CA LYS B 211 -8.92 52.09 17.67
C LYS B 211 -8.93 52.28 19.18
N VAL B 212 -8.49 51.27 19.93
CA VAL B 212 -8.45 51.36 21.39
C VAL B 212 -7.06 50.99 21.86
N ASP B 213 -6.46 51.80 22.74
CA ASP B 213 -5.18 51.47 23.33
C ASP B 213 -5.45 51.27 24.82
N LYS B 214 -5.46 50.02 25.30
CA LYS B 214 -5.74 49.74 26.69
C LYS B 214 -4.48 49.40 27.49
N LYS B 215 -4.15 50.22 28.52
CA LYS B 215 -3.03 49.95 29.39
C LYS B 215 -3.41 48.84 30.37
N VAL B 216 -2.56 47.84 30.52
CA VAL B 216 -2.80 46.69 31.38
C VAL B 216 -1.82 46.76 32.53
N GLU B 217 -2.34 46.87 33.73
CA GLU B 217 -1.48 46.98 34.90
C GLU B 217 -1.94 46.12 36.04
N PRO B 218 -1.05 45.81 37.00
CA PRO B 218 -1.50 45.04 38.18
C PRO B 218 -2.60 45.82 38.92
N LYS B 219 -3.69 45.14 39.27
CA LYS B 219 -4.84 45.77 39.92
C LYS B 219 -4.49 46.37 41.29
N GLU C 1 11.26 -19.62 14.36
CA GLU C 1 10.26 -18.96 15.17
C GLU C 1 9.24 -18.24 14.28
N ILE C 2 9.71 -17.44 13.32
CA ILE C 2 8.84 -16.68 12.42
C ILE C 2 8.66 -17.43 11.11
N VAL C 3 7.42 -17.55 10.64
CA VAL C 3 7.08 -18.25 9.39
C VAL C 3 6.25 -17.34 8.49
N LEU C 4 6.54 -17.31 7.20
CA LEU C 4 5.77 -16.57 6.22
C LEU C 4 4.92 -17.57 5.41
N THR C 5 3.66 -17.24 5.18
CA THR C 5 2.77 -18.07 4.37
C THR C 5 2.23 -17.23 3.26
N GLN C 6 2.42 -17.67 2.02
CA GLN C 6 1.91 -16.97 0.86
C GLN C 6 0.56 -17.48 0.37
N SER C 7 -0.29 -16.58 -0.12
CA SER C 7 -1.55 -16.95 -0.75
C SER C 7 -1.84 -16.07 -1.99
N PRO C 8 -2.42 -16.67 -3.03
CA PRO C 8 -2.77 -18.10 -3.17
C PRO C 8 -1.54 -18.92 -3.59
N ALA C 9 -1.64 -20.25 -3.65
CA ALA C 9 -0.52 -21.08 -4.10
C ALA C 9 -0.26 -20.82 -5.60
N THR C 10 -1.34 -20.68 -6.39
CA THR C 10 -1.30 -20.38 -7.82
C THR C 10 -2.31 -19.32 -8.15
N LEU C 11 -1.94 -18.47 -9.07
CA LEU C 11 -2.80 -17.42 -9.53
C LEU C 11 -2.85 -17.50 -11.05
N SER C 12 -4.05 -17.57 -11.62
CA SER C 12 -4.21 -17.63 -13.06
C SER C 12 -4.89 -16.34 -13.48
N LEU C 13 -4.18 -15.50 -14.22
CA LEU C 13 -4.70 -14.21 -14.64
C LEU C 13 -4.31 -13.95 -16.08
N SER C 14 -4.98 -12.98 -16.72
CA SER C 14 -4.70 -12.63 -18.10
C SER C 14 -3.80 -11.43 -18.18
N PRO C 15 -3.02 -11.26 -19.27
CA PRO C 15 -2.24 -10.02 -19.43
C PRO C 15 -3.18 -8.80 -19.40
N GLY C 16 -2.74 -7.75 -18.73
CA GLY C 16 -3.55 -6.55 -18.56
C GLY C 16 -4.24 -6.52 -17.22
N GLU C 17 -4.52 -7.69 -16.63
CA GLU C 17 -5.16 -7.78 -15.32
C GLU C 17 -4.24 -7.36 -14.17
N ARG C 18 -4.85 -7.06 -13.04
CA ARG C 18 -4.14 -6.66 -11.84
C ARG C 18 -3.92 -7.90 -10.98
N ALA C 19 -2.67 -8.10 -10.52
CA ALA C 19 -2.37 -9.24 -9.66
C ALA C 19 -2.15 -8.77 -8.23
N THR C 20 -2.74 -9.47 -7.28
CA THR C 20 -2.58 -9.17 -5.86
C THR C 20 -2.04 -10.42 -5.18
N LEU C 21 -0.82 -10.34 -4.65
CA LEU C 21 -0.19 -11.49 -4.01
C LEU C 21 -0.08 -11.22 -2.53
N SER C 22 -0.42 -12.20 -1.70
CA SER C 22 -0.40 -12.01 -0.25
C SER C 22 0.72 -12.77 0.46
N CYS C 23 1.23 -12.18 1.56
CA CYS C 23 2.25 -12.77 2.41
C CYS C 23 1.86 -12.46 3.82
N ARG C 24 1.63 -13.51 4.63
CA ARG C 24 1.28 -13.31 6.01
C ARG C 24 2.38 -13.85 6.91
N ALA C 25 2.85 -13.04 7.86
CA ALA C 25 3.87 -13.46 8.80
C ALA C 25 3.20 -13.96 10.07
N SER C 26 3.81 -14.93 10.73
CA SER C 26 3.22 -15.48 11.97
C SER C 26 3.28 -14.49 13.16
N GLN C 27 4.15 -13.49 13.07
CA GLN C 27 4.43 -12.46 14.07
C GLN C 27 4.89 -11.24 13.29
N SER C 28 4.95 -10.06 13.94
CA SER C 28 5.46 -8.89 13.25
C SER C 28 6.92 -9.09 12.81
N VAL C 29 7.23 -8.63 11.60
CA VAL C 29 8.58 -8.59 11.12
C VAL C 29 9.07 -7.13 10.97
N PHE C 30 8.30 -6.09 11.48
CA PHE C 30 8.73 -4.68 11.44
C PHE C 30 9.25 -4.25 10.07
N SER C 31 8.56 -4.70 9.02
CA SER C 31 8.83 -4.33 7.61
C SER C 31 10.17 -4.74 7.04
N TYR C 32 10.82 -5.71 7.64
CA TYR C 32 12.06 -6.28 7.13
C TYR C 32 11.52 -7.38 6.21
N LEU C 33 10.93 -7.00 5.07
CA LEU C 33 10.20 -7.93 4.20
C LEU C 33 10.53 -7.55 2.77
N ALA C 34 10.79 -8.55 1.95
CA ALA C 34 11.13 -8.35 0.55
C ALA C 34 10.31 -9.28 -0.36
N TRP C 35 10.23 -8.95 -1.64
CA TRP C 35 9.56 -9.78 -2.64
C TRP C 35 10.55 -10.05 -3.74
N TYR C 36 10.50 -11.26 -4.28
CA TYR C 36 11.39 -11.69 -5.35
C TYR C 36 10.60 -12.31 -6.45
N GLN C 37 11.09 -12.15 -7.66
CA GLN C 37 10.51 -12.80 -8.82
C GLN C 37 11.50 -13.87 -9.29
N GLN C 38 11.01 -15.06 -9.67
CA GLN C 38 11.88 -16.09 -10.22
C GLN C 38 11.30 -16.73 -11.47
N LYS C 39 11.98 -16.56 -12.58
CA LYS C 39 11.62 -17.16 -13.89
C LYS C 39 12.34 -18.51 -14.04
N PRO C 40 11.77 -19.49 -14.78
CA PRO C 40 12.42 -20.81 -14.87
C PRO C 40 13.83 -20.76 -15.44
N GLY C 41 14.74 -21.49 -14.83
CA GLY C 41 16.14 -21.51 -15.24
C GLY C 41 16.90 -20.23 -14.92
N GLN C 42 16.38 -19.42 -13.97
CA GLN C 42 17.01 -18.17 -13.59
C GLN C 42 17.05 -18.01 -12.08
N ALA C 43 17.96 -17.18 -11.60
CA ALA C 43 18.07 -16.88 -10.17
C ALA C 43 16.94 -15.96 -9.73
N PRO C 44 16.54 -15.95 -8.43
CA PRO C 44 15.56 -14.96 -7.97
C PRO C 44 16.06 -13.52 -8.18
N ARG C 45 15.13 -12.59 -8.36
CA ARG C 45 15.45 -11.20 -8.62
C ARG C 45 14.69 -10.36 -7.58
N LEU C 46 15.39 -9.48 -6.85
CA LEU C 46 14.75 -8.61 -5.87
C LEU C 46 13.80 -7.60 -6.55
N LEU C 47 12.55 -7.53 -6.08
CA LEU C 47 11.56 -6.58 -6.63
C LEU C 47 11.31 -5.43 -5.66
N ILE C 48 10.99 -5.79 -4.41
CA ILE C 48 10.64 -4.85 -3.36
C ILE C 48 11.43 -5.17 -2.10
N TYR C 49 11.96 -4.16 -1.41
CA TYR C 49 12.63 -4.37 -0.12
C TYR C 49 12.01 -3.43 0.93
N ASP C 50 12.11 -3.84 2.20
CA ASP C 50 11.57 -3.10 3.34
C ASP C 50 10.11 -2.75 3.13
N ALA C 51 9.35 -3.80 2.70
CA ALA C 51 7.93 -3.90 2.42
C ALA C 51 7.41 -3.10 1.22
N SER C 52 7.93 -1.91 0.96
CA SER C 52 7.36 -1.04 -0.07
C SER C 52 8.34 -0.30 -0.95
N ASN C 53 9.64 -0.57 -0.85
CA ASN C 53 10.60 0.14 -1.69
C ASN C 53 10.91 -0.65 -2.95
N ARG C 54 10.69 -0.06 -4.12
CA ARG C 54 10.98 -0.70 -5.39
C ARG C 54 12.49 -0.75 -5.66
N ALA C 55 13.04 -1.92 -6.00
CA ALA C 55 14.46 -2.06 -6.29
C ALA C 55 14.80 -1.37 -7.64
N THR C 56 16.04 -0.94 -7.83
CA THR C 56 16.45 -0.23 -9.04
C THR C 56 16.22 -1.05 -10.29
N GLY C 57 15.60 -0.41 -11.28
CA GLY C 57 15.31 -1.04 -12.56
C GLY C 57 14.02 -1.84 -12.60
N ILE C 58 13.31 -1.95 -11.47
CA ILE C 58 12.05 -2.67 -11.41
C ILE C 58 10.96 -1.73 -11.91
N PRO C 59 10.11 -2.19 -12.84
CA PRO C 59 9.07 -1.30 -13.39
C PRO C 59 8.08 -0.81 -12.36
N ALA C 60 7.54 0.40 -12.56
CA ALA C 60 6.60 1.07 -11.66
C ALA C 60 5.31 0.28 -11.39
N ARG C 61 4.93 -0.65 -12.29
CA ARG C 61 3.74 -1.47 -12.10
C ARG C 61 3.81 -2.41 -10.88
N PHE C 62 5.02 -2.65 -10.36
CA PHE C 62 5.22 -3.47 -9.18
C PHE C 62 5.20 -2.59 -7.97
N SER C 63 4.38 -2.91 -6.97
CA SER C 63 4.35 -2.13 -5.73
C SER C 63 4.13 -3.08 -4.57
N GLY C 64 4.75 -2.74 -3.46
CA GLY C 64 4.59 -3.51 -2.25
C GLY C 64 3.96 -2.66 -1.19
N SER C 65 3.17 -3.28 -0.34
CA SER C 65 2.53 -2.58 0.74
C SER C 65 2.32 -3.51 1.92
N GLY C 66 2.03 -2.94 3.06
CA GLY C 66 1.78 -3.70 4.25
C GLY C 66 2.72 -3.38 5.36
N SER C 67 2.44 -3.93 6.52
CA SER C 67 3.20 -3.76 7.75
C SER C 67 2.70 -4.79 8.76
N GLY C 68 3.46 -4.98 9.82
CA GLY C 68 3.10 -5.95 10.85
C GLY C 68 3.13 -7.35 10.31
N THR C 69 1.95 -7.97 10.15
CA THR C 69 1.89 -9.35 9.70
C THR C 69 1.33 -9.52 8.29
N ASP C 70 0.76 -8.48 7.65
CA ASP C 70 0.14 -8.67 6.33
C ASP C 70 0.77 -7.82 5.27
N PHE C 71 1.24 -8.45 4.21
CA PHE C 71 1.95 -7.79 3.12
C PHE C 71 1.36 -8.16 1.79
N THR C 72 1.47 -7.24 0.85
CA THR C 72 0.87 -7.45 -0.45
C THR C 72 1.83 -6.99 -1.53
N LEU C 73 1.90 -7.76 -2.60
CA LEU C 73 2.64 -7.35 -3.77
C LEU C 73 1.58 -7.16 -4.85
N THR C 74 1.52 -5.98 -5.44
CA THR C 74 0.54 -5.71 -6.50
C THR C 74 1.25 -5.47 -7.82
N ILE C 75 0.78 -6.13 -8.88
CA ILE C 75 1.28 -5.90 -10.23
C ILE C 75 0.06 -5.25 -10.93
N SER C 76 0.08 -3.92 -11.09
CA SER C 76 -1.05 -3.13 -11.56
C SER C 76 -1.65 -3.61 -12.89
N SER C 77 -0.81 -3.97 -13.86
CA SER C 77 -1.31 -4.46 -15.14
C SER C 77 -0.27 -5.42 -15.67
N LEU C 78 -0.57 -6.72 -15.63
CA LEU C 78 0.35 -7.79 -16.02
C LEU C 78 0.85 -7.75 -17.46
N GLU C 79 2.16 -7.77 -17.60
CA GLU C 79 2.83 -7.88 -18.89
C GLU C 79 3.15 -9.36 -19.07
N PRO C 80 3.37 -9.83 -20.32
CA PRO C 80 3.67 -11.27 -20.50
C PRO C 80 4.89 -11.77 -19.73
N GLU C 81 5.89 -10.90 -19.51
CA GLU C 81 7.08 -11.29 -18.77
C GLU C 81 6.87 -11.39 -17.24
N ASP C 82 5.72 -10.95 -16.72
CA ASP C 82 5.44 -11.01 -15.27
C ASP C 82 4.97 -12.37 -14.80
N PHE C 83 4.65 -13.29 -15.71
CA PHE C 83 4.15 -14.61 -15.31
C PHE C 83 5.37 -15.41 -14.90
N ALA C 84 5.47 -15.69 -13.60
CA ALA C 84 6.65 -16.27 -12.97
C ALA C 84 6.28 -16.69 -11.51
N VAL C 85 7.25 -17.20 -10.70
CA VAL C 85 7.00 -17.52 -9.32
C VAL C 85 7.44 -16.30 -8.49
N TYR C 86 6.69 -15.99 -7.45
CA TYR C 86 7.01 -14.85 -6.59
C TYR C 86 7.19 -15.36 -5.18
N TYR C 87 8.22 -14.87 -4.49
CA TYR C 87 8.50 -15.26 -3.11
C TYR C 87 8.55 -14.06 -2.24
N CYS C 88 8.02 -14.17 -1.02
CA CYS C 88 8.24 -13.11 -0.03
C CYS C 88 9.34 -13.66 0.93
N GLN C 89 10.06 -12.76 1.63
CA GLN C 89 11.16 -13.17 2.51
C GLN C 89 11.30 -12.14 3.62
N GLN C 90 11.42 -12.59 4.87
CA GLN C 90 11.62 -11.66 5.97
C GLN C 90 13.05 -11.76 6.44
N TYR C 91 13.60 -10.63 6.87
CA TYR C 91 14.94 -10.55 7.38
C TYR C 91 14.97 -9.83 8.72
N PHE C 92 13.98 -10.14 9.56
CA PHE C 92 13.94 -9.59 10.91
C PHE C 92 14.65 -10.58 11.81
N TYR C 93 14.19 -11.84 11.82
CA TYR C 93 14.79 -12.83 12.68
C TYR C 93 14.68 -14.18 12.05
N TRP C 94 15.78 -14.92 12.01
CA TRP C 94 15.75 -16.26 11.47
C TRP C 94 15.86 -17.33 12.56
N GLY C 95 14.76 -18.04 12.83
CA GLY C 95 13.50 -17.95 12.10
C GLY C 95 13.58 -18.52 10.68
N TRP C 96 12.51 -18.42 9.91
CA TRP C 96 12.49 -18.96 8.55
C TRP C 96 12.34 -17.83 7.56
N PRO C 97 13.36 -17.60 6.74
CA PRO C 97 13.30 -16.44 5.83
C PRO C 97 12.21 -16.43 4.79
N PHE C 98 12.01 -17.54 4.05
CA PHE C 98 11.17 -17.53 2.87
C PHE C 98 9.75 -18.03 3.01
N GLY C 99 8.86 -17.39 2.26
CA GLY C 99 7.53 -17.91 2.03
C GLY C 99 7.67 -19.07 1.02
N GLN C 100 6.63 -19.87 0.85
CA GLN C 100 6.69 -21.05 -0.03
C GLN C 100 6.52 -20.74 -1.54
N GLY C 101 6.23 -19.49 -1.87
CA GLY C 101 6.06 -19.07 -3.26
C GLY C 101 4.64 -19.08 -3.78
N THR C 102 4.37 -18.20 -4.75
CA THR C 102 3.08 -18.11 -5.44
C THR C 102 3.40 -18.13 -6.94
N LYS C 103 2.88 -19.12 -7.67
CA LYS C 103 3.13 -19.17 -9.12
C LYS C 103 2.03 -18.41 -9.88
N LEU C 104 2.40 -17.49 -10.74
CA LEU C 104 1.47 -16.71 -11.54
C LEU C 104 1.51 -17.23 -13.00
N GLU C 105 0.45 -17.93 -13.45
CA GLU C 105 0.32 -18.47 -14.84
C GLU C 105 -0.72 -17.65 -15.65
N ILE C 106 -0.64 -17.70 -16.99
CA ILE C 106 -1.56 -17.03 -17.90
C ILE C 106 -2.87 -17.78 -18.00
N LYS C 107 -3.98 -17.05 -17.86
CA LYS C 107 -5.31 -17.62 -18.04
C LYS C 107 -5.68 -17.39 -19.49
N ARG C 108 -6.14 -18.45 -20.14
CA ARG C 108 -6.58 -18.41 -21.54
C ARG C 108 -7.84 -19.31 -21.64
N THR C 109 -8.41 -19.45 -22.85
CA THR C 109 -9.62 -20.28 -22.97
C THR C 109 -9.27 -21.75 -22.78
N VAL C 110 -10.25 -22.54 -22.36
CA VAL C 110 -10.09 -23.99 -22.20
C VAL C 110 -9.79 -24.60 -23.58
N ALA C 111 -8.76 -25.45 -23.65
CA ALA C 111 -8.38 -26.12 -24.88
C ALA C 111 -8.17 -27.57 -24.54
N ALA C 112 -8.95 -28.49 -25.15
CA ALA C 112 -8.77 -29.91 -24.90
C ALA C 112 -7.45 -30.35 -25.53
N PRO C 113 -6.78 -31.34 -24.92
CA PRO C 113 -5.51 -31.83 -25.51
C PRO C 113 -5.79 -32.69 -26.75
N SER C 114 -4.90 -32.63 -27.75
CA SER C 114 -4.95 -33.56 -28.88
C SER C 114 -4.09 -34.72 -28.39
N VAL C 115 -4.64 -35.91 -28.36
CA VAL C 115 -3.96 -37.07 -27.80
C VAL C 115 -3.40 -38.00 -28.88
N PHE C 116 -2.16 -38.46 -28.69
CA PHE C 116 -1.49 -39.36 -29.63
C PHE C 116 -0.80 -40.47 -28.85
N ILE C 117 -0.87 -41.70 -29.35
CA ILE C 117 -0.19 -42.82 -28.71
C ILE C 117 0.87 -43.39 -29.65
N PHE C 118 2.04 -43.73 -29.10
CA PHE C 118 3.13 -44.26 -29.90
C PHE C 118 3.59 -45.60 -29.36
N PRO C 119 3.53 -46.63 -30.19
CA PRO C 119 4.08 -47.93 -29.76
C PRO C 119 5.60 -47.87 -29.68
N PRO C 120 6.23 -48.82 -28.96
CA PRO C 120 7.70 -48.87 -28.95
C PRO C 120 8.22 -49.20 -30.34
N SER C 121 9.36 -48.64 -30.73
CA SER C 121 9.96 -48.95 -32.02
C SER C 121 10.53 -50.38 -32.01
N ASP C 122 10.65 -51.00 -33.19
CA ASP C 122 11.25 -52.33 -33.31
C ASP C 122 12.73 -52.29 -32.91
N GLU C 123 13.42 -51.17 -33.15
CA GLU C 123 14.82 -51.01 -32.76
C GLU C 123 14.97 -51.10 -31.25
N GLN C 124 14.05 -50.49 -30.49
CA GLN C 124 14.09 -50.55 -29.03
C GLN C 124 13.81 -51.96 -28.54
N LEU C 125 12.80 -52.63 -29.12
CA LEU C 125 12.46 -54.00 -28.73
C LEU C 125 13.64 -54.97 -28.79
N LYS C 126 14.60 -54.78 -29.74
CA LYS C 126 15.79 -55.63 -29.84
C LYS C 126 16.63 -55.54 -28.56
N SER C 127 16.71 -54.34 -27.96
CA SER C 127 17.48 -54.09 -26.76
C SER C 127 16.83 -54.60 -25.45
N GLY C 128 15.63 -55.18 -25.53
CA GLY C 128 14.99 -55.76 -24.37
C GLY C 128 14.05 -54.87 -23.57
N THR C 129 13.79 -53.64 -24.04
CA THR C 129 12.88 -52.73 -23.33
C THR C 129 11.80 -52.18 -24.27
N ALA C 130 10.62 -51.84 -23.73
CA ALA C 130 9.53 -51.25 -24.47
C ALA C 130 9.00 -49.98 -23.78
N SER C 131 9.10 -48.84 -24.46
CA SER C 131 8.56 -47.60 -23.95
C SER C 131 7.35 -47.27 -24.81
N VAL C 132 6.22 -47.05 -24.17
CA VAL C 132 4.99 -46.67 -24.86
C VAL C 132 4.75 -45.22 -24.48
N VAL C 133 4.60 -44.34 -25.48
CA VAL C 133 4.45 -42.92 -25.20
C VAL C 133 3.06 -42.39 -25.52
N CYS C 134 2.52 -41.56 -24.62
CA CYS C 134 1.23 -40.91 -24.84
C CYS C 134 1.47 -39.42 -24.79
N LEU C 135 1.10 -38.71 -25.86
CA LEU C 135 1.28 -37.27 -25.96
C LEU C 135 -0.06 -36.57 -25.79
N LEU C 136 -0.09 -35.55 -24.93
CA LEU C 136 -1.25 -34.69 -24.70
C LEU C 136 -0.78 -33.36 -25.19
N ASN C 137 -1.23 -32.95 -26.38
CA ASN C 137 -0.71 -31.73 -26.97
C ASN C 137 -1.61 -30.51 -26.86
N ASN C 138 -1.00 -29.35 -26.53
CA ASN C 138 -1.60 -28.00 -26.51
C ASN C 138 -2.97 -27.92 -25.81
N PHE C 139 -2.96 -28.12 -24.48
CA PHE C 139 -4.15 -28.06 -23.68
C PHE C 139 -4.07 -26.95 -22.62
N TYR C 140 -5.25 -26.55 -22.13
CA TYR C 140 -5.39 -25.59 -21.07
C TYR C 140 -6.74 -25.83 -20.36
N PRO C 141 -6.82 -25.85 -19.02
CA PRO C 141 -5.74 -25.62 -18.05
C PRO C 141 -4.77 -26.81 -17.89
N ARG C 142 -3.74 -26.59 -17.07
N ARG C 142 -3.71 -26.62 -17.10
CA ARG C 142 -2.63 -27.49 -16.73
CA ARG C 142 -2.65 -27.60 -16.85
C ARG C 142 -3.10 -28.85 -16.20
C ARG C 142 -3.18 -28.92 -16.29
N GLU C 143 -4.19 -28.87 -15.43
CA GLU C 143 -4.73 -30.09 -14.81
C GLU C 143 -5.21 -31.10 -15.82
N ALA C 144 -4.56 -32.25 -15.86
CA ALA C 144 -4.89 -33.33 -16.78
C ALA C 144 -4.53 -34.66 -16.12
N LYS C 145 -5.31 -35.69 -16.40
CA LYS C 145 -5.08 -36.98 -15.82
C LYS C 145 -4.86 -37.98 -16.92
N VAL C 146 -3.74 -38.73 -16.87
CA VAL C 146 -3.45 -39.75 -17.87
C VAL C 146 -3.40 -41.10 -17.17
N GLN C 147 -4.17 -42.07 -17.65
CA GLN C 147 -4.16 -43.40 -17.07
C GLN C 147 -3.79 -44.42 -18.14
N TRP C 148 -2.87 -45.32 -17.82
CA TRP C 148 -2.49 -46.38 -18.74
C TRP C 148 -3.30 -47.61 -18.43
N LYS C 149 -3.85 -48.23 -19.45
CA LYS C 149 -4.59 -49.47 -19.30
C LYS C 149 -3.95 -50.44 -20.27
N VAL C 150 -3.50 -51.59 -19.76
CA VAL C 150 -2.88 -52.62 -20.58
C VAL C 150 -3.79 -53.83 -20.43
N ASP C 151 -4.41 -54.27 -21.56
CA ASP C 151 -5.45 -55.31 -21.58
C ASP C 151 -6.58 -54.95 -20.60
N ASN C 152 -6.94 -53.66 -20.58
CA ASN C 152 -7.95 -53.03 -19.73
C ASN C 152 -7.61 -53.02 -18.23
N ALA C 153 -6.39 -53.39 -17.83
CA ALA C 153 -6.00 -53.33 -16.42
C ALA C 153 -5.28 -52.01 -16.17
N LEU C 154 -5.74 -51.25 -15.18
CA LEU C 154 -5.11 -49.97 -14.84
C LEU C 154 -3.69 -50.18 -14.32
N GLN C 155 -2.73 -49.47 -14.92
CA GLN C 155 -1.33 -49.56 -14.54
C GLN C 155 -1.02 -48.60 -13.42
N SER C 156 -0.07 -48.98 -12.55
CA SER C 156 0.35 -48.12 -11.46
C SER C 156 1.84 -48.33 -11.23
N GLY C 157 2.55 -47.23 -11.01
CA GLY C 157 3.97 -47.26 -10.68
C GLY C 157 4.96 -47.48 -11.80
N ASN C 158 4.50 -47.73 -13.03
CA ASN C 158 5.37 -47.99 -14.18
C ASN C 158 5.32 -46.92 -15.28
N SER C 159 4.91 -45.69 -14.92
CA SER C 159 4.89 -44.60 -15.88
C SER C 159 5.45 -43.32 -15.26
N GLN C 160 6.01 -42.47 -16.11
CA GLN C 160 6.55 -41.18 -15.69
C GLN C 160 6.01 -40.10 -16.65
N GLU C 161 5.70 -38.92 -16.12
CA GLU C 161 5.14 -37.82 -16.87
C GLU C 161 6.10 -36.66 -16.86
N SER C 162 6.03 -35.87 -17.92
CA SER C 162 6.82 -34.68 -18.07
C SER C 162 5.88 -33.61 -18.71
N VAL C 163 5.98 -32.35 -18.26
N VAL C 163 5.98 -32.33 -18.27
CA VAL C 163 5.13 -31.28 -18.76
CA VAL C 163 5.12 -31.25 -18.75
C VAL C 163 5.96 -30.08 -19.18
C VAL C 163 5.95 -30.07 -19.18
N THR C 164 5.61 -29.46 -20.32
CA THR C 164 6.34 -28.30 -20.79
C THR C 164 5.91 -27.05 -19.95
N GLU C 165 6.72 -26.00 -20.05
CA GLU C 165 6.37 -24.71 -19.48
C GLU C 165 5.25 -24.14 -20.37
N GLN C 166 4.40 -23.24 -19.85
CA GLN C 166 3.34 -22.62 -20.63
C GLN C 166 3.89 -22.01 -21.94
N ASP C 167 3.29 -22.36 -23.08
CA ASP C 167 3.77 -21.89 -24.37
C ASP C 167 3.77 -20.36 -24.49
N SER C 168 4.88 -19.78 -24.96
CA SER C 168 4.99 -18.32 -25.07
C SER C 168 4.01 -17.72 -26.12
N LYS C 169 3.60 -18.51 -27.10
CA LYS C 169 2.71 -18.02 -28.15
C LYS C 169 1.22 -18.30 -27.90
N ASP C 170 0.85 -19.52 -27.47
CA ASP C 170 -0.57 -19.83 -27.29
C ASP C 170 -0.98 -20.09 -25.83
N SER C 171 -0.05 -20.01 -24.86
CA SER C 171 -0.31 -20.19 -23.43
C SER C 171 -0.82 -21.58 -23.05
N THR C 172 -0.57 -22.59 -23.89
CA THR C 172 -0.99 -23.96 -23.56
C THR C 172 0.17 -24.75 -22.92
N TYR C 173 -0.16 -25.94 -22.43
CA TYR C 173 0.75 -26.93 -21.89
C TYR C 173 0.69 -28.15 -22.78
N SER C 174 1.77 -28.92 -22.77
CA SER C 174 1.81 -30.22 -23.43
C SER C 174 2.41 -31.17 -22.41
N LEU C 175 2.04 -32.44 -22.50
CA LEU C 175 2.47 -33.41 -21.54
C LEU C 175 2.78 -34.74 -22.22
N SER C 176 3.88 -35.41 -21.83
CA SER C 176 4.14 -36.76 -22.33
C SER C 176 4.09 -37.70 -21.12
N SER C 177 3.53 -38.88 -21.31
CA SER C 177 3.51 -39.89 -20.27
C SER C 177 4.14 -41.12 -20.91
N THR C 178 5.18 -41.69 -20.28
CA THR C 178 5.85 -42.87 -20.83
C THR C 178 5.62 -44.07 -19.94
N LEU C 179 5.12 -45.16 -20.50
CA LEU C 179 4.88 -46.42 -19.78
C LEU C 179 6.07 -47.30 -20.13
N THR C 180 6.81 -47.78 -19.10
CA THR C 180 7.99 -48.61 -19.37
C THR C 180 7.76 -50.03 -18.92
N LEU C 181 7.97 -50.96 -19.85
CA LEU C 181 7.85 -52.38 -19.61
C LEU C 181 9.07 -53.09 -20.18
N SER C 182 9.38 -54.29 -19.66
CA SER C 182 10.44 -55.11 -20.23
C SER C 182 9.87 -55.65 -21.56
N LYS C 183 10.72 -56.15 -22.47
CA LYS C 183 10.25 -56.72 -23.73
C LYS C 183 9.34 -57.93 -23.44
N ALA C 184 9.70 -58.75 -22.44
CA ALA C 184 8.92 -59.91 -22.05
C ALA C 184 7.50 -59.54 -21.60
N ASP C 185 7.38 -58.50 -20.73
CA ASP C 185 6.08 -58.05 -20.26
C ASP C 185 5.27 -57.41 -21.38
N TYR C 186 5.93 -56.65 -22.27
CA TYR C 186 5.28 -56.03 -23.41
C TYR C 186 4.65 -57.07 -24.33
N GLU C 187 5.37 -58.16 -24.59
CA GLU C 187 4.89 -59.24 -25.47
C GLU C 187 3.80 -60.13 -24.84
N LYS C 188 3.56 -60.00 -23.54
CA LYS C 188 2.50 -60.76 -22.87
C LYS C 188 1.10 -60.13 -23.08
N HIS C 189 1.04 -58.85 -23.48
CA HIS C 189 -0.22 -58.15 -23.61
C HIS C 189 -0.52 -57.67 -25.02
N LYS C 190 -1.79 -57.41 -25.32
CA LYS C 190 -2.18 -57.01 -26.68
C LYS C 190 -2.62 -55.55 -26.81
N VAL C 191 -3.51 -55.08 -25.93
CA VAL C 191 -4.08 -53.73 -26.06
C VAL C 191 -3.39 -52.73 -25.15
N TYR C 192 -2.83 -51.69 -25.74
CA TYR C 192 -2.15 -50.63 -25.01
C TYR C 192 -2.95 -49.36 -25.15
N ALA C 193 -3.43 -48.80 -24.03
CA ALA C 193 -4.28 -47.63 -24.10
C ALA C 193 -3.91 -46.56 -23.12
N CYS C 194 -4.02 -45.29 -23.55
CA CYS C 194 -3.87 -44.20 -22.60
C CYS C 194 -5.18 -43.40 -22.60
N GLU C 195 -5.75 -43.26 -21.42
CA GLU C 195 -7.01 -42.57 -21.20
C GLU C 195 -6.75 -41.20 -20.58
N VAL C 196 -7.26 -40.16 -21.21
CA VAL C 196 -7.03 -38.80 -20.79
C VAL C 196 -8.30 -38.12 -20.28
N THR C 197 -8.21 -37.51 -19.11
CA THR C 197 -9.28 -36.77 -18.49
C THR C 197 -8.83 -35.31 -18.44
N HIS C 198 -9.68 -34.43 -18.94
CA HIS C 198 -9.39 -33.02 -18.99
C HIS C 198 -10.71 -32.26 -19.06
N GLN C 199 -10.73 -31.04 -18.48
CA GLN C 199 -11.86 -30.13 -18.45
C GLN C 199 -12.43 -29.83 -19.85
N GLY C 200 -11.57 -29.81 -20.86
CA GLY C 200 -11.96 -29.57 -22.25
C GLY C 200 -12.62 -30.75 -22.94
N LEU C 201 -12.62 -31.93 -22.30
CA LEU C 201 -13.22 -33.13 -22.87
C LEU C 201 -14.48 -33.47 -22.08
N SER C 202 -15.61 -33.64 -22.75
CA SER C 202 -16.87 -33.98 -22.07
C SER C 202 -16.80 -35.34 -21.37
N SER C 203 -16.09 -36.27 -21.99
CA SER C 203 -15.85 -37.61 -21.46
C SER C 203 -14.37 -37.95 -21.72
N PRO C 204 -13.76 -38.83 -20.90
CA PRO C 204 -12.35 -39.16 -21.14
C PRO C 204 -12.08 -39.75 -22.51
N VAL C 205 -10.97 -39.37 -23.14
CA VAL C 205 -10.61 -39.86 -24.47
C VAL C 205 -9.57 -40.95 -24.33
N THR C 206 -9.71 -42.02 -25.10
CA THR C 206 -8.74 -43.10 -25.09
C THR C 206 -8.11 -43.21 -26.46
N LYS C 207 -6.77 -43.27 -26.49
CA LYS C 207 -6.03 -43.55 -27.70
C LYS C 207 -5.36 -44.90 -27.44
N SER C 208 -5.49 -45.83 -28.37
CA SER C 208 -4.94 -47.16 -28.16
C SER C 208 -4.42 -47.80 -29.44
N PHE C 209 -3.66 -48.88 -29.28
CA PHE C 209 -3.15 -49.69 -30.38
C PHE C 209 -3.10 -51.16 -29.93
N ASN C 210 -3.06 -52.07 -30.89
CA ASN C 210 -2.91 -53.49 -30.62
C ASN C 210 -1.49 -53.83 -31.01
N ARG C 211 -0.72 -54.40 -30.09
CA ARG C 211 0.67 -54.78 -30.35
C ARG C 211 0.80 -55.69 -31.57
N GLY C 212 1.65 -55.29 -32.51
CA GLY C 212 1.88 -56.03 -33.73
C GLY C 212 1.02 -55.62 -34.91
N GLU C 213 0.12 -54.64 -34.72
CA GLU C 213 -0.77 -54.22 -35.81
C GLU C 213 -0.42 -52.84 -36.34
N GLU D 1 30.81 -3.60 -12.36
CA GLU D 1 29.50 -4.19 -12.10
C GLU D 1 29.52 -4.99 -10.80
N VAL D 2 28.51 -4.77 -9.95
CA VAL D 2 28.40 -5.51 -8.70
C VAL D 2 27.84 -6.90 -9.03
N GLN D 3 28.59 -7.96 -8.71
CA GLN D 3 28.14 -9.31 -8.99
C GLN D 3 28.70 -10.36 -8.07
N LEU D 4 28.07 -11.54 -8.11
CA LEU D 4 28.49 -12.73 -7.43
C LEU D 4 28.57 -13.78 -8.54
N VAL D 5 29.74 -14.40 -8.70
CA VAL D 5 29.93 -15.43 -9.71
C VAL D 5 30.20 -16.74 -9.03
N GLN D 6 29.37 -17.73 -9.30
CA GLN D 6 29.50 -19.05 -8.72
C GLN D 6 30.27 -20.01 -9.63
N SER D 7 30.87 -21.04 -9.00
CA SER D 7 31.61 -22.06 -9.71
C SER D 7 30.63 -22.91 -10.58
N GLY D 8 31.17 -23.61 -11.58
CA GLY D 8 30.40 -24.40 -12.53
C GLY D 8 29.65 -25.60 -11.99
N ALA D 9 28.76 -26.16 -12.81
CA ALA D 9 27.96 -27.34 -12.45
C ALA D 9 28.82 -28.52 -12.01
N GLU D 10 28.29 -29.34 -11.10
CA GLU D 10 29.01 -30.47 -10.56
C GLU D 10 28.21 -31.74 -10.72
N VAL D 11 28.90 -32.84 -11.01
CA VAL D 11 28.32 -34.17 -11.13
C VAL D 11 29.21 -35.06 -10.27
N LYS D 12 28.66 -35.56 -9.17
CA LYS D 12 29.43 -36.30 -8.19
C LYS D 12 28.77 -37.63 -7.82
N LYS D 13 29.52 -38.52 -7.20
CA LYS D 13 29.00 -39.80 -6.73
C LYS D 13 28.73 -39.68 -5.22
N PRO D 14 27.80 -40.50 -4.67
CA PRO D 14 27.56 -40.46 -3.22
C PRO D 14 28.83 -40.79 -2.43
N GLY D 15 29.06 -40.11 -1.33
CA GLY D 15 30.23 -40.31 -0.50
C GLY D 15 31.37 -39.36 -0.82
N GLU D 16 31.36 -38.74 -2.00
CA GLU D 16 32.42 -37.80 -2.38
C GLU D 16 32.26 -36.44 -1.70
N SER D 17 33.36 -35.72 -1.53
CA SER D 17 33.33 -34.39 -0.97
C SER D 17 33.16 -33.35 -2.10
N LEU D 18 32.71 -32.16 -1.75
CA LEU D 18 32.49 -31.10 -2.74
C LEU D 18 32.57 -29.75 -2.05
N LYS D 19 33.25 -28.80 -2.68
CA LYS D 19 33.30 -27.44 -2.19
C LYS D 19 32.94 -26.58 -3.38
N ILE D 20 31.85 -25.81 -3.28
CA ILE D 20 31.45 -24.88 -4.33
C ILE D 20 31.70 -23.45 -3.89
N SER D 21 32.01 -22.56 -4.84
CA SER D 21 32.40 -21.19 -4.49
C SER D 21 31.48 -20.09 -5.05
N CYS D 22 31.60 -18.91 -4.46
CA CYS D 22 30.82 -17.73 -4.76
C CYS D 22 31.74 -16.54 -4.63
N LYS D 23 32.16 -15.96 -5.74
CA LYS D 23 33.08 -14.82 -5.71
C LYS D 23 32.39 -13.48 -5.94
N GLY D 24 32.61 -12.53 -5.04
CA GLY D 24 32.06 -11.21 -5.21
C GLY D 24 33.06 -10.27 -5.89
N SER D 25 32.55 -9.26 -6.62
CA SER D 25 33.33 -8.22 -7.24
C SER D 25 32.49 -6.96 -7.44
N GLY D 26 33.15 -5.81 -7.56
CA GLY D 26 32.47 -4.54 -7.73
C GLY D 26 31.91 -3.96 -6.45
N TYR D 27 32.19 -4.57 -5.29
CA TYR D 27 31.73 -4.06 -4.00
C TYR D 27 32.65 -4.54 -2.86
N SER D 28 32.49 -3.96 -1.66
CA SER D 28 33.27 -4.36 -0.50
C SER D 28 32.73 -5.68 0.05
N PHE D 29 33.46 -6.80 -0.20
CA PHE D 29 33.09 -8.14 0.25
C PHE D 29 32.95 -8.19 1.80
N THR D 30 33.65 -7.29 2.51
CA THR D 30 33.62 -7.21 3.97
C THR D 30 32.59 -6.18 4.52
N SER D 31 31.64 -5.76 3.68
CA SER D 31 30.58 -4.86 4.12
C SER D 31 29.19 -5.50 4.09
N TYR D 32 29.10 -6.76 3.62
CA TYR D 32 27.83 -7.44 3.47
C TYR D 32 27.91 -8.87 3.93
N TRP D 33 26.76 -9.45 4.23
CA TRP D 33 26.65 -10.85 4.53
C TRP D 33 26.47 -11.61 3.21
N ILE D 34 26.68 -12.93 3.24
CA ILE D 34 26.44 -13.83 2.14
C ILE D 34 25.53 -14.92 2.71
N GLY D 35 24.48 -15.26 1.98
CA GLY D 35 23.59 -16.34 2.35
C GLY D 35 23.65 -17.42 1.28
N TRP D 36 23.45 -18.67 1.67
CA TRP D 36 23.41 -19.81 0.76
C TRP D 36 22.00 -20.35 0.79
N VAL D 37 21.44 -20.59 -0.40
CA VAL D 37 20.07 -21.03 -0.58
C VAL D 37 20.05 -22.27 -1.47
N ARG D 38 19.33 -23.29 -1.06
CA ARG D 38 19.15 -24.50 -1.86
C ARG D 38 17.80 -24.46 -2.57
N GLN D 39 17.73 -25.01 -3.79
CA GLN D 39 16.47 -25.14 -4.50
C GLN D 39 16.41 -26.51 -5.19
N MET D 40 15.70 -27.45 -4.58
CA MET D 40 15.52 -28.76 -5.19
C MET D 40 14.65 -28.61 -6.45
N PRO D 41 14.81 -29.52 -7.45
CA PRO D 41 14.06 -29.37 -8.71
C PRO D 41 12.56 -29.18 -8.53
N GLY D 42 12.03 -28.09 -9.07
CA GLY D 42 10.60 -27.76 -8.98
C GLY D 42 10.11 -27.32 -7.60
N LYS D 43 11.03 -27.05 -6.67
CA LYS D 43 10.64 -26.69 -5.30
C LYS D 43 10.97 -25.21 -4.97
N GLY D 44 10.68 -24.80 -3.74
CA GLY D 44 10.95 -23.45 -3.29
C GLY D 44 12.40 -23.20 -2.89
N LEU D 45 12.64 -22.02 -2.31
CA LEU D 45 13.95 -21.62 -1.86
C LEU D 45 14.09 -22.00 -0.38
N GLU D 46 15.19 -22.67 -0.02
CA GLU D 46 15.44 -23.02 1.39
C GLU D 46 16.74 -22.40 1.82
N TRP D 47 16.74 -21.67 2.95
N TRP D 47 16.73 -21.68 2.94
CA TRP D 47 17.99 -21.10 3.45
CA TRP D 47 17.94 -21.08 3.44
C TRP D 47 18.86 -22.19 4.06
C TRP D 47 18.85 -22.17 4.07
N MET D 48 20.14 -22.17 3.77
CA MET D 48 21.09 -23.15 4.32
C MET D 48 21.89 -22.51 5.45
N GLY D 49 22.36 -21.30 5.22
CA GLY D 49 23.10 -20.57 6.22
C GLY D 49 23.68 -19.30 5.69
N ILE D 50 24.37 -18.56 6.57
CA ILE D 50 24.97 -17.26 6.27
C ILE D 50 26.40 -17.13 6.81
N ILE D 51 27.15 -16.17 6.24
CA ILE D 51 28.47 -15.82 6.70
C ILE D 51 28.68 -14.34 6.51
N TYR D 52 29.38 -13.70 7.46
CA TYR D 52 29.76 -12.30 7.33
C TYR D 52 31.26 -12.39 7.04
N PRO D 53 31.70 -12.25 5.79
CA PRO D 53 33.13 -12.49 5.48
C PRO D 53 34.12 -11.64 6.24
N SER D 54 33.70 -10.44 6.67
CA SER D 54 34.61 -9.58 7.42
C SER D 54 35.17 -10.25 8.69
N ASP D 55 34.34 -10.97 9.43
CA ASP D 55 34.79 -11.64 10.65
C ASP D 55 34.52 -13.16 10.69
N SER D 56 34.04 -13.73 9.58
CA SER D 56 33.68 -15.13 9.40
C SER D 56 32.61 -15.61 10.39
N ASP D 57 31.71 -14.70 10.87
CA ASP D 57 30.59 -15.11 11.72
C ASP D 57 29.68 -15.98 10.84
N THR D 58 29.36 -17.19 11.27
CA THR D 58 28.61 -18.14 10.44
C THR D 58 27.44 -18.67 11.20
N ARG D 59 26.29 -18.78 10.53
CA ARG D 59 25.08 -19.32 11.14
C ARG D 59 24.46 -20.30 10.17
N TYR D 60 23.84 -21.34 10.67
CA TYR D 60 23.21 -22.35 9.82
C TYR D 60 21.76 -22.47 10.13
N SER D 61 20.98 -22.85 9.14
CA SER D 61 19.59 -23.24 9.36
C SER D 61 19.65 -24.59 10.15
N PRO D 62 18.75 -24.79 11.11
CA PRO D 62 18.79 -26.04 11.90
C PRO D 62 18.75 -27.30 11.02
N SER D 63 18.16 -27.20 9.81
CA SER D 63 18.07 -28.34 8.89
C SER D 63 19.41 -28.66 8.21
N PHE D 64 20.41 -27.77 8.28
CA PHE D 64 21.69 -27.98 7.61
C PHE D 64 22.90 -27.99 8.56
N GLN D 65 22.71 -27.64 9.83
CA GLN D 65 23.79 -27.62 10.80
C GLN D 65 24.42 -29.03 10.93
N GLY D 66 25.73 -29.11 10.79
CA GLY D 66 26.42 -30.40 10.84
C GLY D 66 26.45 -31.15 9.52
N GLN D 67 25.68 -30.71 8.52
CA GLN D 67 25.65 -31.37 7.20
C GLN D 67 26.55 -30.68 6.17
N VAL D 68 26.74 -29.36 6.33
CA VAL D 68 27.54 -28.55 5.41
C VAL D 68 28.39 -27.59 6.22
N THR D 69 29.42 -27.04 5.58
CA THR D 69 30.28 -26.03 6.20
C THR D 69 30.29 -24.88 5.25
N ILE D 70 30.07 -23.69 5.80
CA ILE D 70 30.13 -22.44 5.05
C ILE D 70 31.38 -21.71 5.53
N SER D 71 32.16 -21.19 4.60
CA SER D 71 33.38 -20.50 4.93
C SER D 71 33.63 -19.36 3.95
N ALA D 72 34.64 -18.54 4.23
CA ALA D 72 34.97 -17.44 3.35
C ALA D 72 36.46 -17.15 3.39
N ASP D 73 36.99 -16.68 2.28
CA ASP D 73 38.38 -16.32 2.12
C ASP D 73 38.33 -14.90 1.59
N LYS D 74 38.50 -13.92 2.49
CA LYS D 74 38.40 -12.52 2.07
C LYS D 74 39.58 -12.06 1.22
N SER D 75 40.72 -12.79 1.20
CA SER D 75 41.84 -12.44 0.32
C SER D 75 41.47 -12.60 -1.17
N ILE D 76 40.49 -13.46 -1.49
CA ILE D 76 40.02 -13.63 -2.86
C ILE D 76 38.51 -13.30 -2.99
N SER D 77 37.90 -12.57 -2.03
CA SER D 77 36.48 -12.18 -2.00
C SER D 77 35.55 -13.36 -2.32
N THR D 78 35.80 -14.53 -1.72
CA THR D 78 35.05 -15.73 -2.04
C THR D 78 34.43 -16.37 -0.82
N ALA D 79 33.19 -16.85 -0.96
CA ALA D 79 32.49 -17.60 0.07
C ALA D 79 32.33 -19.03 -0.47
N TYR D 80 32.20 -20.00 0.42
CA TYR D 80 32.13 -21.40 0.02
C TYR D 80 31.06 -22.13 0.74
N LEU D 81 30.62 -23.22 0.12
CA LEU D 81 29.66 -24.15 0.68
C LEU D 81 30.26 -25.54 0.43
N GLN D 82 30.43 -26.35 1.49
CA GLN D 82 31.04 -27.65 1.30
C GLN D 82 30.40 -28.79 2.03
N TRP D 83 30.52 -29.95 1.43
CA TRP D 83 30.04 -31.22 1.96
C TRP D 83 31.22 -32.14 2.10
N SER D 84 31.21 -32.94 3.17
CA SER D 84 32.27 -33.94 3.34
C SER D 84 31.85 -35.25 2.64
N SER D 85 30.56 -35.57 2.68
CA SER D 85 30.04 -36.80 2.09
C SER D 85 28.69 -36.54 1.40
N LEU D 86 28.68 -36.38 0.07
CA LEU D 86 27.47 -36.12 -0.67
C LEU D 86 26.49 -37.28 -0.70
N LYS D 87 25.20 -36.97 -0.78
CA LYS D 87 24.13 -37.95 -0.89
C LYS D 87 23.29 -37.56 -2.11
N ALA D 88 22.51 -38.51 -2.66
CA ALA D 88 21.64 -38.25 -3.81
C ALA D 88 20.65 -37.10 -3.51
N SER D 89 20.22 -36.98 -2.24
CA SER D 89 19.32 -35.93 -1.75
C SER D 89 19.95 -34.51 -1.81
N ASP D 90 21.26 -34.41 -2.07
CA ASP D 90 21.92 -33.11 -2.26
C ASP D 90 21.81 -32.61 -3.71
N THR D 91 21.16 -33.37 -4.61
CA THR D 91 20.93 -32.97 -6.00
C THR D 91 19.97 -31.80 -6.00
N ALA D 92 20.47 -30.61 -6.36
CA ALA D 92 19.71 -29.37 -6.29
C ALA D 92 20.54 -28.20 -6.90
N MET D 93 19.91 -27.05 -7.11
CA MET D 93 20.56 -25.82 -7.54
C MET D 93 20.93 -25.10 -6.22
N TYR D 94 22.09 -24.48 -6.17
CA TYR D 94 22.55 -23.78 -4.97
C TYR D 94 22.86 -22.37 -5.36
N TYR D 95 22.28 -21.40 -4.66
CA TYR D 95 22.54 -19.98 -4.92
C TYR D 95 23.25 -19.36 -3.75
N CYS D 96 24.08 -18.38 -4.02
CA CYS D 96 24.61 -17.52 -2.98
C CYS D 96 24.01 -16.13 -3.26
N ALA D 97 23.82 -15.35 -2.21
CA ALA D 97 23.27 -14.01 -2.36
C ALA D 97 23.80 -13.10 -1.30
N ARG D 98 24.02 -11.87 -1.69
CA ARG D 98 24.51 -10.84 -0.79
C ARG D 98 23.34 -10.13 -0.11
N TYR D 99 23.53 -9.72 1.14
CA TYR D 99 22.57 -8.88 1.81
C TYR D 99 23.28 -8.02 2.85
N PRO D 100 22.92 -6.74 2.97
CA PRO D 100 23.48 -5.93 4.06
C PRO D 100 22.75 -6.32 5.37
N ASN D 101 23.32 -5.95 6.52
CA ASN D 101 22.71 -6.22 7.83
C ASN D 101 21.25 -5.66 7.85
N TYR D 102 20.25 -6.52 8.17
CA TYR D 102 18.83 -6.12 8.14
C TYR D 102 18.41 -5.59 6.79
N GLY D 103 18.94 -6.18 5.74
CA GLY D 103 18.57 -5.84 4.37
C GLY D 103 18.15 -7.09 3.58
N ALA D 104 17.60 -6.89 2.40
CA ALA D 104 17.17 -7.95 1.48
C ALA D 104 18.35 -8.51 0.67
N PHE D 105 18.18 -9.71 0.05
CA PHE D 105 19.17 -10.29 -0.83
C PHE D 105 19.09 -9.52 -2.15
N ASP D 106 19.89 -8.47 -2.32
CA ASP D 106 19.83 -7.65 -3.51
C ASP D 106 20.68 -8.15 -4.70
N ILE D 107 21.77 -8.90 -4.47
CA ILE D 107 22.61 -9.42 -5.56
C ILE D 107 22.64 -10.93 -5.45
N TRP D 108 22.35 -11.63 -6.54
CA TRP D 108 22.32 -13.09 -6.53
C TRP D 108 23.35 -13.67 -7.48
N GLY D 109 23.95 -14.78 -7.07
CA GLY D 109 24.82 -15.52 -7.97
C GLY D 109 23.95 -16.22 -9.02
N GLN D 110 24.56 -16.72 -10.10
CA GLN D 110 23.82 -17.41 -11.17
C GLN D 110 23.39 -18.85 -10.80
N GLY D 111 23.80 -19.35 -9.64
CA GLY D 111 23.47 -20.70 -9.22
C GLY D 111 24.49 -21.73 -9.67
N THR D 112 24.63 -22.79 -8.87
CA THR D 112 25.50 -23.90 -9.18
C THR D 112 24.62 -25.15 -9.09
N MET D 113 24.48 -25.87 -10.20
CA MET D 113 23.70 -27.10 -10.18
C MET D 113 24.62 -28.23 -9.69
N VAL D 114 24.16 -29.02 -8.71
CA VAL D 114 24.96 -30.12 -8.20
C VAL D 114 24.12 -31.39 -8.38
N THR D 115 24.63 -32.38 -9.11
CA THR D 115 23.92 -33.66 -9.28
C THR D 115 24.71 -34.74 -8.58
N VAL D 116 24.06 -35.52 -7.71
CA VAL D 116 24.75 -36.58 -6.99
C VAL D 116 24.12 -37.90 -7.37
N SER D 117 24.92 -38.79 -7.93
CA SER D 117 24.40 -40.06 -8.41
C SER D 117 25.48 -41.12 -8.50
N SER D 118 25.09 -42.37 -8.25
CA SER D 118 25.99 -43.52 -8.40
C SER D 118 26.19 -43.87 -9.90
N ALA D 119 25.34 -43.34 -10.81
CA ALA D 119 25.39 -43.59 -12.26
C ALA D 119 26.64 -43.02 -12.92
N SER D 120 27.03 -43.62 -14.05
CA SER D 120 28.19 -43.20 -14.82
C SER D 120 27.77 -42.60 -16.14
N THR D 121 28.67 -41.77 -16.72
CA THR D 121 28.44 -41.12 -18.01
C THR D 121 28.04 -42.12 -19.09
N LYS D 122 26.93 -41.87 -19.77
CA LYS D 122 26.41 -42.77 -20.78
C LYS D 122 25.64 -41.97 -21.82
N GLY D 123 25.89 -42.23 -23.09
CA GLY D 123 25.18 -41.57 -24.17
C GLY D 123 23.81 -42.18 -24.37
N PRO D 124 22.89 -41.41 -24.96
CA PRO D 124 21.53 -41.92 -25.13
C PRO D 124 21.32 -42.81 -26.34
N SER D 125 20.30 -43.64 -26.27
CA SER D 125 19.82 -44.38 -27.41
C SER D 125 18.64 -43.52 -27.93
N VAL D 126 18.56 -43.29 -29.24
CA VAL D 126 17.49 -42.48 -29.81
C VAL D 126 16.56 -43.31 -30.64
N PHE D 127 15.29 -43.37 -30.25
CA PHE D 127 14.31 -44.19 -30.95
C PHE D 127 13.24 -43.32 -31.56
N PRO D 128 12.67 -43.72 -32.71
CA PRO D 128 11.61 -42.91 -33.31
C PRO D 128 10.24 -43.10 -32.65
N LEU D 129 9.43 -42.03 -32.68
CA LEU D 129 8.05 -42.02 -32.23
C LEU D 129 7.38 -41.78 -33.55
N ALA D 130 7.10 -42.88 -34.26
CA ALA D 130 6.59 -42.83 -35.62
C ALA D 130 5.17 -42.28 -35.76
N PRO D 131 4.94 -41.47 -36.81
CA PRO D 131 3.58 -40.98 -37.03
C PRO D 131 2.66 -42.12 -37.46
N SER D 132 1.46 -42.17 -36.86
CA SER D 132 0.44 -43.18 -37.08
C SER D 132 -0.07 -43.25 -38.50
N SER D 133 -0.41 -44.45 -38.96
CA SER D 133 -0.97 -44.66 -40.29
C SER D 133 -2.42 -44.11 -40.39
N LYS D 134 -3.12 -43.97 -39.24
CA LYS D 134 -4.48 -43.44 -39.16
C LYS D 134 -4.48 -41.92 -38.95
N SER D 135 -3.42 -41.20 -39.37
CA SER D 135 -3.34 -39.75 -39.21
C SER D 135 -4.48 -39.06 -39.96
N THR D 136 -5.11 -38.05 -39.32
CA THR D 136 -6.26 -37.32 -39.89
C THR D 136 -5.97 -36.79 -41.28
N SER D 137 -6.67 -37.30 -42.31
CA SER D 137 -6.47 -36.84 -43.68
C SER D 137 -6.90 -35.35 -43.77
N GLY D 138 -6.00 -34.51 -44.26
CA GLY D 138 -6.24 -33.07 -44.28
C GLY D 138 -6.08 -32.40 -42.92
N GLY D 139 -5.62 -33.16 -41.93
CA GLY D 139 -5.43 -32.68 -40.56
C GLY D 139 -3.98 -32.63 -40.13
N THR D 140 -3.76 -32.89 -38.82
CA THR D 140 -2.48 -32.81 -38.12
C THR D 140 -1.98 -34.16 -37.56
N ALA D 141 -0.70 -34.43 -37.76
CA ALA D 141 -0.04 -35.65 -37.31
C ALA D 141 1.07 -35.33 -36.32
N ALA D 142 1.36 -36.26 -35.41
CA ALA D 142 2.45 -36.07 -34.45
C ALA D 142 3.51 -37.17 -34.61
N LEU D 143 4.75 -36.78 -34.46
CA LEU D 143 5.91 -37.68 -34.51
C LEU D 143 6.97 -37.15 -33.53
N GLY D 144 8.02 -37.92 -33.27
CA GLY D 144 9.06 -37.50 -32.34
C GLY D 144 10.22 -38.45 -32.20
N CYS D 145 11.03 -38.20 -31.21
CA CYS D 145 12.19 -39.02 -30.84
C CYS D 145 12.19 -39.21 -29.34
N LEU D 146 12.42 -40.45 -28.92
CA LEU D 146 12.56 -40.81 -27.53
C LEU D 146 14.08 -40.91 -27.30
N VAL D 147 14.62 -40.06 -26.43
CA VAL D 147 16.06 -40.00 -26.15
C VAL D 147 16.21 -40.66 -24.81
N LYS D 148 16.52 -41.96 -24.83
CA LYS D 148 16.51 -42.79 -23.62
C LYS D 148 17.87 -43.21 -23.07
N ASP D 149 17.94 -43.32 -21.74
CA ASP D 149 19.06 -43.88 -20.98
C ASP D 149 20.39 -43.15 -21.12
N TYR D 150 20.40 -41.87 -20.79
CA TYR D 150 21.63 -41.09 -20.83
C TYR D 150 21.95 -40.55 -19.43
N PHE D 151 23.22 -40.22 -19.18
CA PHE D 151 23.64 -39.65 -17.91
C PHE D 151 24.96 -38.90 -18.13
N PRO D 152 25.13 -37.71 -17.54
CA PRO D 152 24.14 -36.91 -16.83
C PRO D 152 23.39 -35.97 -17.80
N GLU D 153 22.56 -35.07 -17.28
CA GLU D 153 21.93 -34.04 -18.09
C GLU D 153 23.04 -33.05 -18.53
N PRO D 154 22.88 -32.35 -19.64
CA PRO D 154 21.69 -32.32 -20.48
C PRO D 154 21.92 -32.92 -21.88
N VAL D 155 20.84 -33.10 -22.62
CA VAL D 155 20.90 -33.41 -24.05
C VAL D 155 20.26 -32.21 -24.76
N THR D 156 20.63 -31.99 -26.01
CA THR D 156 19.98 -30.98 -26.81
C THR D 156 19.29 -31.69 -27.96
N VAL D 157 18.10 -31.21 -28.33
CA VAL D 157 17.35 -31.78 -29.43
C VAL D 157 16.94 -30.67 -30.36
N SER D 158 17.17 -30.88 -31.64
CA SER D 158 16.70 -29.98 -32.67
C SER D 158 16.04 -30.84 -33.75
N TRP D 159 15.26 -30.21 -34.64
CA TRP D 159 14.61 -30.94 -35.73
C TRP D 159 15.06 -30.33 -37.03
N ASN D 160 15.44 -31.17 -37.99
CA ASN D 160 15.92 -30.74 -39.31
C ASN D 160 17.02 -29.69 -39.21
N SER D 161 17.96 -29.93 -38.28
CA SER D 161 19.13 -29.10 -37.98
C SER D 161 18.78 -27.69 -37.52
N GLY D 162 17.62 -27.53 -36.90
CA GLY D 162 17.16 -26.23 -36.44
C GLY D 162 16.21 -25.53 -37.39
N ALA D 163 16.02 -26.08 -38.61
CA ALA D 163 15.11 -25.47 -39.57
C ALA D 163 13.65 -25.65 -39.19
N LEU D 164 13.32 -26.71 -38.40
CA LEU D 164 11.96 -26.97 -37.99
C LEU D 164 11.83 -26.66 -36.50
N THR D 165 11.09 -25.59 -36.17
CA THR D 165 10.90 -25.17 -34.78
C THR D 165 9.40 -25.04 -34.44
N SER D 166 8.54 -24.74 -35.42
CA SER D 166 7.11 -24.62 -35.14
C SER D 166 6.48 -25.96 -34.78
N GLY D 167 5.70 -25.96 -33.69
CA GLY D 167 5.03 -27.17 -33.24
C GLY D 167 5.91 -28.15 -32.47
N VAL D 168 7.17 -27.79 -32.21
CA VAL D 168 8.08 -28.66 -31.48
C VAL D 168 7.88 -28.51 -29.98
N HIS D 169 7.81 -29.65 -29.28
CA HIS D 169 7.78 -29.65 -27.82
C HIS D 169 8.86 -30.62 -27.34
N THR D 170 9.91 -30.09 -26.70
CA THR D 170 10.95 -30.95 -26.14
C THR D 170 10.71 -30.95 -24.65
N PHE D 171 10.27 -32.07 -24.12
CA PHE D 171 9.90 -32.19 -22.72
C PHE D 171 11.07 -32.19 -21.78
N PRO D 172 10.88 -31.73 -20.51
CA PRO D 172 11.96 -31.89 -19.53
C PRO D 172 12.25 -33.40 -19.31
N ALA D 173 13.50 -33.73 -19.06
CA ALA D 173 13.90 -35.12 -18.83
C ALA D 173 13.34 -35.65 -17.52
N VAL D 174 13.09 -36.96 -17.46
CA VAL D 174 12.69 -37.60 -16.22
C VAL D 174 13.82 -38.54 -15.79
N LEU D 175 14.05 -38.61 -14.49
CA LEU D 175 15.05 -39.48 -13.94
C LEU D 175 14.38 -40.82 -13.74
N GLN D 176 14.85 -41.86 -14.44
CA GLN D 176 14.27 -43.19 -14.27
C GLN D 176 14.85 -43.85 -13.01
N SER D 177 14.19 -44.90 -12.50
CA SER D 177 14.68 -45.62 -11.31
C SER D 177 16.07 -46.24 -11.53
N SER D 178 16.45 -46.47 -12.80
CA SER D 178 17.79 -46.98 -13.15
C SER D 178 18.91 -45.93 -12.89
N GLY D 179 18.55 -44.69 -12.66
CA GLY D 179 19.52 -43.61 -12.49
C GLY D 179 19.87 -42.93 -13.79
N LEU D 180 19.27 -43.36 -14.91
CA LEU D 180 19.48 -42.74 -16.22
C LEU D 180 18.29 -41.85 -16.58
N TYR D 181 18.55 -40.78 -17.31
CA TYR D 181 17.51 -39.86 -17.76
C TYR D 181 16.86 -40.32 -19.06
N SER D 182 15.65 -39.82 -19.33
CA SER D 182 14.93 -40.10 -20.55
C SER D 182 14.04 -38.87 -20.90
N LEU D 183 13.97 -38.51 -22.16
CA LEU D 183 13.10 -37.42 -22.61
C LEU D 183 12.55 -37.67 -23.99
N SER D 184 11.42 -37.04 -24.31
CA SER D 184 10.87 -37.12 -25.65
C SER D 184 10.84 -35.71 -26.22
N SER D 185 11.00 -35.64 -27.51
CA SER D 185 10.86 -34.42 -28.26
C SER D 185 9.85 -34.76 -29.35
N VAL D 186 8.77 -33.99 -29.47
CA VAL D 186 7.73 -34.24 -30.46
C VAL D 186 7.50 -33.03 -31.36
N VAL D 187 6.84 -33.25 -32.49
CA VAL D 187 6.46 -32.16 -33.38
C VAL D 187 5.13 -32.52 -34.06
N THR D 188 4.23 -31.54 -34.20
CA THR D 188 3.00 -31.75 -34.94
C THR D 188 3.18 -31.11 -36.29
N VAL D 189 2.82 -31.84 -37.33
CA VAL D 189 2.97 -31.41 -38.73
C VAL D 189 1.70 -31.77 -39.52
N PRO D 190 1.49 -31.20 -40.71
CA PRO D 190 0.34 -31.60 -41.53
C PRO D 190 0.43 -33.07 -41.92
N SER D 191 -0.67 -33.84 -41.81
CA SER D 191 -0.66 -35.25 -42.22
C SER D 191 -0.24 -35.42 -43.70
N SER D 192 -0.56 -34.44 -44.56
CA SER D 192 -0.21 -34.48 -45.98
C SER D 192 1.29 -34.43 -46.24
N SER D 193 2.09 -33.94 -45.27
N SER D 193 2.08 -33.96 -45.27
CA SER D 193 3.54 -33.85 -45.42
CA SER D 193 3.54 -33.88 -45.44
C SER D 193 4.30 -35.11 -44.97
C SER D 193 4.25 -35.21 -45.13
N LEU D 194 3.61 -36.11 -44.39
CA LEU D 194 4.24 -37.34 -43.95
C LEU D 194 4.95 -38.17 -45.03
N GLY D 195 4.38 -38.25 -46.22
CA GLY D 195 5.00 -39.01 -47.30
C GLY D 195 6.02 -38.24 -48.12
N THR D 196 6.08 -36.91 -47.94
CA THR D 196 6.98 -36.08 -48.75
C THR D 196 8.13 -35.44 -47.95
N GLN D 197 7.84 -34.90 -46.78
CA GLN D 197 8.84 -34.20 -45.97
C GLN D 197 9.61 -35.14 -45.06
N THR D 198 10.97 -35.04 -45.08
CA THR D 198 11.74 -35.85 -44.16
C THR D 198 11.82 -35.14 -42.79
N TYR D 199 11.78 -35.93 -41.72
CA TYR D 199 11.88 -35.40 -40.37
C TYR D 199 13.01 -36.09 -39.64
N ILE D 200 14.02 -35.33 -39.20
CA ILE D 200 15.17 -35.87 -38.50
C ILE D 200 15.39 -35.14 -37.20
N CYS D 201 15.45 -35.86 -36.06
CA CYS D 201 15.78 -35.20 -34.80
C CYS D 201 17.30 -35.34 -34.60
N ASN D 202 17.95 -34.23 -34.26
CA ASN D 202 19.39 -34.18 -34.03
C ASN D 202 19.61 -34.14 -32.53
N VAL D 203 20.20 -35.19 -31.99
CA VAL D 203 20.41 -35.29 -30.54
C VAL D 203 21.89 -35.14 -30.24
N ASN D 204 22.22 -34.29 -29.28
CA ASN D 204 23.61 -34.13 -28.86
C ASN D 204 23.71 -34.32 -27.35
N HIS D 205 24.61 -35.18 -26.91
CA HIS D 205 24.86 -35.40 -25.49
C HIS D 205 26.33 -35.20 -25.29
N LYS D 206 26.71 -33.93 -25.03
CA LYS D 206 28.09 -33.51 -24.85
C LYS D 206 28.85 -34.27 -23.76
N PRO D 207 28.28 -34.55 -22.55
CA PRO D 207 29.06 -35.29 -21.55
C PRO D 207 29.69 -36.61 -22.03
N SER D 208 29.05 -37.33 -22.95
CA SER D 208 29.57 -38.62 -23.45
C SER D 208 30.05 -38.59 -24.89
N ASN D 209 30.11 -37.42 -25.54
CA ASN D 209 30.50 -37.30 -26.94
C ASN D 209 29.60 -38.18 -27.83
N THR D 210 28.27 -37.97 -27.75
CA THR D 210 27.31 -38.70 -28.55
C THR D 210 26.49 -37.73 -29.38
N LYS D 211 26.45 -37.94 -30.69
CA LYS D 211 25.65 -37.14 -31.62
C LYS D 211 24.89 -38.14 -32.46
N VAL D 212 23.56 -38.01 -32.52
CA VAL D 212 22.75 -38.94 -33.28
C VAL D 212 21.77 -38.17 -34.13
N ASP D 213 21.66 -38.49 -35.41
CA ASP D 213 20.65 -37.89 -36.28
C ASP D 213 19.70 -39.02 -36.61
N LYS D 214 18.49 -38.97 -36.06
CA LYS D 214 17.52 -40.04 -36.28
C LYS D 214 16.37 -39.65 -37.22
N LYS D 215 16.27 -40.34 -38.37
CA LYS D 215 15.18 -40.08 -39.30
C LYS D 215 13.91 -40.75 -38.78
N VAL D 216 12.82 -39.99 -38.72
CA VAL D 216 11.53 -40.47 -38.21
C VAL D 216 10.57 -40.56 -39.35
N GLU D 217 10.10 -41.77 -39.63
CA GLU D 217 9.18 -41.97 -40.73
C GLU D 217 8.02 -42.88 -40.37
N PRO D 218 6.90 -42.84 -41.12
CA PRO D 218 5.80 -43.77 -40.83
C PRO D 218 6.29 -45.22 -40.97
N LYS D 219 5.96 -46.06 -40.00
CA LYS D 219 6.39 -47.44 -39.96
C LYS D 219 5.76 -48.26 -41.08
N SER D 220 6.60 -48.89 -41.93
CA SER D 220 6.09 -49.71 -43.03
C SER D 220 5.43 -50.99 -42.52
N GLU E 1 -31.22 -25.76 -22.23
CA GLU E 1 -31.92 -25.05 -21.17
C GLU E 1 -33.09 -24.18 -21.69
N ILE E 2 -33.03 -23.76 -22.95
CA ILE E 2 -34.06 -22.97 -23.61
C ILE E 2 -34.44 -23.69 -24.92
N VAL E 3 -35.73 -23.90 -25.17
CA VAL E 3 -36.22 -24.57 -26.36
C VAL E 3 -37.22 -23.67 -27.08
N LEU E 4 -37.08 -23.57 -28.41
CA LEU E 4 -38.00 -22.82 -29.23
C LEU E 4 -38.94 -23.79 -29.96
N THR E 5 -40.24 -23.47 -29.99
CA THR E 5 -41.23 -24.29 -30.71
C THR E 5 -41.97 -23.42 -31.70
N GLN E 6 -41.95 -23.80 -32.96
CA GLN E 6 -42.66 -23.10 -34.01
C GLN E 6 -44.04 -23.70 -34.29
N SER E 7 -45.01 -22.83 -34.62
CA SER E 7 -46.34 -23.31 -35.05
C SER E 7 -46.91 -22.43 -36.18
N PRO E 8 -47.59 -23.04 -37.15
CA PRO E 8 -47.82 -24.48 -37.30
C PRO E 8 -46.60 -25.17 -37.94
N ALA E 9 -46.61 -26.50 -38.06
CA ALA E 9 -45.51 -27.21 -38.73
C ALA E 9 -45.54 -26.86 -40.23
N THR E 10 -46.75 -26.82 -40.82
CA THR E 10 -46.96 -26.45 -42.23
C THR E 10 -48.10 -25.45 -42.29
N LEU E 11 -47.89 -24.34 -43.00
CA LEU E 11 -48.87 -23.29 -43.19
C LEU E 11 -49.19 -23.29 -44.70
N SER E 12 -50.44 -23.53 -45.10
CA SER E 12 -50.81 -23.53 -46.53
C SER E 12 -51.70 -22.33 -46.82
N LEU E 13 -51.19 -21.40 -47.61
CA LEU E 13 -51.88 -20.16 -47.91
C LEU E 13 -51.76 -19.81 -49.39
N SER E 14 -52.58 -18.87 -49.86
CA SER E 14 -52.56 -18.45 -51.25
C SER E 14 -51.76 -17.18 -51.43
N PRO E 15 -51.18 -16.92 -52.61
CA PRO E 15 -50.49 -15.63 -52.82
C PRO E 15 -51.45 -14.47 -52.58
N GLY E 16 -50.96 -13.43 -51.94
CA GLY E 16 -51.80 -12.29 -51.58
C GLY E 16 -52.25 -12.34 -50.13
N GLU E 17 -52.39 -13.56 -49.57
CA GLU E 17 -52.81 -13.74 -48.18
C GLU E 17 -51.74 -13.32 -47.16
N ARG E 18 -52.16 -13.09 -45.92
CA ARG E 18 -51.30 -12.69 -44.84
C ARG E 18 -50.86 -13.95 -44.09
N ALA E 19 -49.55 -14.10 -43.86
CA ALA E 19 -49.03 -15.26 -43.14
C ALA E 19 -48.60 -14.86 -41.74
N THR E 20 -48.97 -15.66 -40.75
CA THR E 20 -48.58 -15.42 -39.37
C THR E 20 -47.87 -16.68 -38.89
N LEU E 21 -46.58 -16.55 -38.56
CA LEU E 21 -45.75 -17.66 -38.13
C LEU E 21 -45.40 -17.46 -36.67
N SER E 22 -45.62 -18.49 -35.86
CA SER E 22 -45.41 -18.40 -34.42
C SER E 22 -44.09 -19.05 -33.96
N CYS E 23 -43.48 -18.50 -32.89
CA CYS E 23 -42.26 -19.00 -32.26
C CYS E 23 -42.41 -18.74 -30.79
N ARG E 24 -42.50 -19.80 -30.01
CA ARG E 24 -42.61 -19.69 -28.58
C ARG E 24 -41.38 -20.25 -27.87
N ALA E 25 -40.83 -19.50 -26.91
CA ALA E 25 -39.68 -19.93 -26.15
C ALA E 25 -40.16 -20.50 -24.80
N SER E 26 -39.47 -21.52 -24.26
CA SER E 26 -39.82 -22.15 -22.98
C SER E 26 -39.67 -21.18 -21.82
N GLN E 27 -38.72 -20.25 -21.94
CA GLN E 27 -38.50 -19.18 -20.98
C GLN E 27 -38.00 -17.98 -21.78
N SER E 28 -37.96 -16.80 -21.15
CA SER E 28 -37.57 -15.59 -21.87
C SER E 28 -36.22 -15.66 -22.56
N VAL E 29 -36.21 -15.18 -23.79
CA VAL E 29 -35.01 -14.95 -24.58
C VAL E 29 -34.85 -13.43 -24.84
N PHE E 30 -35.60 -12.57 -24.09
CA PHE E 30 -35.58 -11.12 -24.14
C PHE E 30 -35.87 -10.71 -25.60
N SER E 31 -34.97 -10.07 -26.32
CA SER E 31 -35.20 -9.78 -27.73
C SER E 31 -34.10 -10.42 -28.59
N TYR E 32 -33.38 -11.42 -28.08
CA TYR E 32 -32.27 -12.04 -28.78
C TYR E 32 -32.83 -13.13 -29.69
N LEU E 33 -33.62 -12.74 -30.68
CA LEU E 33 -34.30 -13.67 -31.56
C LEU E 33 -34.24 -13.21 -33.02
N ALA E 34 -34.02 -14.14 -33.91
CA ALA E 34 -33.92 -13.90 -35.33
C ALA E 34 -34.84 -14.86 -36.10
N TRP E 35 -35.21 -14.47 -37.33
CA TRP E 35 -36.00 -15.30 -38.24
C TRP E 35 -35.17 -15.48 -39.49
N TYR E 36 -35.24 -16.67 -40.08
CA TYR E 36 -34.53 -16.99 -41.30
C TYR E 36 -35.47 -17.61 -42.29
N GLN E 37 -35.17 -17.38 -43.57
CA GLN E 37 -35.90 -18.00 -44.64
C GLN E 37 -34.94 -18.99 -45.34
N GLN E 38 -35.42 -20.17 -45.71
CA GLN E 38 -34.61 -21.12 -46.44
C GLN E 38 -35.33 -21.71 -47.63
N LYS E 39 -34.81 -21.45 -48.82
CA LYS E 39 -35.31 -22.00 -50.08
C LYS E 39 -34.52 -23.29 -50.43
N PRO E 40 -35.11 -24.25 -51.16
CA PRO E 40 -34.38 -25.50 -51.46
C PRO E 40 -33.08 -25.28 -52.21
N GLY E 41 -32.04 -25.99 -51.80
CA GLY E 41 -30.71 -25.85 -52.40
C GLY E 41 -30.01 -24.56 -52.07
N GLN E 42 -30.46 -23.88 -51.00
CA GLN E 42 -29.86 -22.60 -50.61
C GLN E 42 -29.61 -22.57 -49.10
N ALA E 43 -28.65 -21.75 -48.68
CA ALA E 43 -28.38 -21.56 -47.26
C ALA E 43 -29.49 -20.71 -46.63
N PRO E 44 -29.72 -20.79 -45.31
CA PRO E 44 -30.68 -19.89 -44.67
C PRO E 44 -30.29 -18.41 -44.87
N ARG E 45 -31.27 -17.53 -44.90
CA ARG E 45 -31.07 -16.11 -45.12
C ARG E 45 -31.71 -15.36 -43.96
N LEU E 46 -30.94 -14.50 -43.29
CA LEU E 46 -31.45 -13.72 -42.16
C LEU E 46 -32.52 -12.73 -42.65
N LEU E 47 -33.73 -12.81 -42.09
CA LEU E 47 -34.82 -11.92 -42.43
C LEU E 47 -34.93 -10.81 -41.38
N ILE E 48 -35.09 -11.20 -40.09
CA ILE E 48 -35.32 -10.29 -38.95
C ILE E 48 -34.33 -10.61 -37.83
N TYR E 49 -33.77 -9.59 -37.16
CA TYR E 49 -32.92 -9.79 -35.99
C TYR E 49 -33.42 -8.90 -34.86
N ASP E 50 -33.10 -9.26 -33.63
CA ASP E 50 -33.52 -8.52 -32.45
C ASP E 50 -35.04 -8.38 -32.38
N ALA E 51 -35.74 -9.50 -32.64
CA ALA E 51 -37.19 -9.68 -32.64
C ALA E 51 -37.96 -8.92 -33.73
N SER E 52 -37.54 -7.68 -34.05
CA SER E 52 -38.25 -6.80 -34.96
C SER E 52 -37.41 -5.93 -35.94
N ASN E 53 -36.11 -6.17 -36.10
CA ASN E 53 -35.30 -5.38 -37.05
C ASN E 53 -35.16 -6.10 -38.39
N ARG E 54 -35.62 -5.50 -39.50
CA ARG E 54 -35.46 -6.13 -40.82
C ARG E 54 -34.01 -6.04 -41.22
N ALA E 55 -33.46 -7.14 -41.71
CA ALA E 55 -32.08 -7.15 -42.20
C ALA E 55 -32.00 -6.32 -43.51
N THR E 56 -30.81 -5.77 -43.84
CA THR E 56 -30.68 -4.94 -45.04
C THR E 56 -31.02 -5.72 -46.31
N GLY E 57 -31.87 -5.13 -47.14
CA GLY E 57 -32.32 -5.75 -48.39
C GLY E 57 -33.51 -6.67 -48.26
N ILE E 58 -34.16 -6.69 -47.08
CA ILE E 58 -35.32 -7.56 -46.86
C ILE E 58 -36.60 -6.76 -47.10
N PRO E 59 -37.55 -7.29 -47.90
CA PRO E 59 -38.77 -6.50 -48.20
C PRO E 59 -39.58 -6.07 -46.99
N ALA E 60 -40.24 -4.91 -47.09
CA ALA E 60 -41.05 -4.36 -46.01
C ALA E 60 -42.25 -5.24 -45.63
N ARG E 61 -42.67 -6.16 -46.52
CA ARG E 61 -43.78 -7.07 -46.19
C ARG E 61 -43.47 -8.03 -45.06
N PHE E 62 -42.18 -8.22 -44.73
CA PHE E 62 -41.73 -9.08 -43.64
C PHE E 62 -41.61 -8.24 -42.40
N SER E 63 -42.23 -8.68 -41.31
CA SER E 63 -42.09 -7.97 -40.05
C SER E 63 -42.06 -8.94 -38.92
N GLY E 64 -41.32 -8.58 -37.88
CA GLY E 64 -41.24 -9.40 -36.70
C GLY E 64 -41.75 -8.64 -35.51
N SER E 65 -42.31 -9.35 -34.54
CA SER E 65 -42.77 -8.74 -33.31
C SER E 65 -42.65 -9.71 -32.16
N GLY E 66 -42.64 -9.16 -30.96
CA GLY E 66 -42.57 -9.97 -29.76
C GLY E 66 -41.39 -9.67 -28.90
N SER E 67 -41.42 -10.20 -27.70
CA SER E 67 -40.40 -10.10 -26.70
C SER E 67 -40.64 -11.17 -25.65
N GLY E 68 -39.58 -11.58 -24.97
CA GLY E 68 -39.71 -12.60 -23.93
C GLY E 68 -39.89 -14.00 -24.49
N THR E 69 -41.12 -14.52 -24.42
CA THR E 69 -41.40 -15.88 -24.89
C THR E 69 -42.24 -16.00 -26.14
N ASP E 70 -42.93 -14.95 -26.57
CA ASP E 70 -43.83 -15.04 -27.72
C ASP E 70 -43.44 -14.13 -28.86
N PHE E 71 -43.16 -14.74 -30.02
CA PHE E 71 -42.69 -14.01 -31.20
C PHE E 71 -43.53 -14.34 -32.40
N THR E 72 -43.58 -13.41 -33.35
CA THR E 72 -44.38 -13.60 -34.54
C THR E 72 -43.66 -13.03 -35.73
N LEU E 73 -43.66 -13.78 -36.83
CA LEU E 73 -43.16 -13.31 -38.10
C LEU E 73 -44.40 -13.17 -38.98
N THR E 74 -44.60 -12.00 -39.56
CA THR E 74 -45.76 -11.75 -40.40
C THR E 74 -45.30 -11.39 -41.79
N ILE E 75 -45.97 -11.97 -42.79
CA ILE E 75 -45.77 -11.63 -44.19
C ILE E 75 -47.12 -11.03 -44.59
N SER E 76 -47.19 -9.68 -44.67
CA SER E 76 -48.44 -8.98 -44.94
C SER E 76 -49.18 -9.50 -46.18
N SER E 77 -48.46 -9.76 -47.28
CA SER E 77 -49.08 -10.25 -48.49
C SER E 77 -48.10 -11.17 -49.21
N LEU E 78 -48.43 -12.46 -49.27
CA LEU E 78 -47.58 -13.51 -49.83
C LEU E 78 -47.25 -13.38 -51.32
N GLU E 79 -45.97 -13.24 -51.61
CA GLU E 79 -45.44 -13.21 -52.97
C GLU E 79 -45.06 -14.68 -53.33
N PRO E 80 -45.03 -15.10 -54.62
CA PRO E 80 -44.71 -16.51 -54.92
C PRO E 80 -43.36 -16.97 -54.38
N GLU E 81 -42.37 -16.07 -54.31
CA GLU E 81 -41.04 -16.41 -53.78
C GLU E 81 -41.00 -16.61 -52.26
N ASP E 82 -42.08 -16.27 -51.55
CA ASP E 82 -42.13 -16.41 -50.09
C ASP E 82 -42.50 -17.80 -49.60
N PHE E 83 -42.87 -18.71 -50.49
CA PHE E 83 -43.21 -20.06 -50.08
C PHE E 83 -41.89 -20.79 -49.96
N ALA E 84 -41.50 -21.05 -48.70
CA ALA E 84 -40.18 -21.56 -48.32
C ALA E 84 -40.28 -22.05 -46.84
N VAL E 85 -39.17 -22.54 -46.24
CA VAL E 85 -39.17 -22.92 -44.85
C VAL E 85 -38.69 -21.71 -44.04
N TYR E 86 -39.27 -21.49 -42.87
CA TYR E 86 -38.89 -20.37 -42.01
C TYR E 86 -38.47 -20.93 -40.68
N TYR E 87 -37.36 -20.40 -40.13
CA TYR E 87 -36.85 -20.83 -38.84
C TYR E 87 -36.71 -19.66 -37.92
N CYS E 88 -37.06 -19.84 -36.65
CA CYS E 88 -36.73 -18.85 -35.65
C CYS E 88 -35.47 -19.36 -34.93
N GLN E 89 -34.70 -18.43 -34.32
CA GLN E 89 -33.46 -18.81 -33.65
C GLN E 89 -33.17 -17.79 -32.55
N GLN E 90 -32.88 -18.27 -31.36
CA GLN E 90 -32.53 -17.42 -30.25
C GLN E 90 -31.03 -17.45 -30.03
N TYR E 91 -30.48 -16.29 -29.66
CA TYR E 91 -29.07 -16.15 -29.36
C TYR E 91 -28.90 -15.51 -27.98
N PHE E 92 -29.73 -15.92 -27.01
CA PHE E 92 -29.62 -15.44 -25.66
C PHE E 92 -28.73 -16.42 -24.91
N TYR E 93 -29.12 -17.70 -24.88
CA TYR E 93 -28.36 -18.69 -24.14
C TYR E 93 -28.49 -20.04 -24.77
N TRP E 94 -27.37 -20.71 -25.01
CA TRP E 94 -27.41 -22.03 -25.60
C TRP E 94 -27.06 -23.13 -24.58
N GLY E 95 -28.05 -23.92 -24.18
CA GLY E 95 -29.42 -23.90 -24.69
C GLY E 95 -29.52 -24.42 -26.12
N TRP E 96 -30.73 -24.35 -26.68
CA TRP E 96 -30.95 -24.83 -28.05
C TRP E 96 -31.31 -23.65 -28.93
N PRO E 97 -30.45 -23.31 -29.89
CA PRO E 97 -30.70 -22.10 -30.70
C PRO E 97 -31.92 -22.10 -31.61
N PHE E 98 -32.16 -23.18 -32.36
CA PHE E 98 -33.18 -23.18 -33.39
C PHE E 98 -34.54 -23.75 -33.07
N GLY E 99 -35.53 -23.15 -33.72
CA GLY E 99 -36.88 -23.69 -33.81
C GLY E 99 -36.85 -24.78 -34.88
N GLN E 100 -37.84 -25.67 -34.89
CA GLN E 100 -37.85 -26.81 -35.82
C GLN E 100 -38.28 -26.46 -37.28
N GLY E 101 -38.73 -25.23 -37.50
CA GLY E 101 -39.15 -24.80 -38.83
C GLY E 101 -40.63 -24.86 -39.14
N THR E 102 -41.06 -23.96 -40.00
CA THR E 102 -42.44 -23.91 -40.47
C THR E 102 -42.36 -23.85 -41.98
N LYS E 103 -42.97 -24.82 -42.65
CA LYS E 103 -42.97 -24.84 -44.12
C LYS E 103 -44.19 -24.11 -44.65
N LEU E 104 -43.99 -23.14 -45.55
CA LEU E 104 -45.09 -22.42 -46.20
C LEU E 104 -45.38 -23.05 -47.57
N GLU E 105 -46.58 -23.57 -47.77
CA GLU E 105 -47.00 -24.21 -49.00
C GLU E 105 -48.07 -23.37 -49.71
N ILE E 106 -48.15 -23.40 -51.04
CA ILE E 106 -49.20 -22.70 -51.78
C ILE E 106 -50.49 -23.51 -51.73
N LYS E 107 -51.58 -22.84 -51.36
CA LYS E 107 -52.89 -23.46 -51.38
C LYS E 107 -53.50 -23.17 -52.74
N ARG E 108 -54.05 -24.19 -53.39
CA ARG E 108 -54.71 -24.09 -54.68
C ARG E 108 -55.92 -25.05 -54.65
N THR E 109 -56.70 -25.12 -55.72
CA THR E 109 -57.86 -26.02 -55.74
C THR E 109 -57.40 -27.47 -55.81
N VAL E 110 -58.26 -28.38 -55.35
CA VAL E 110 -57.99 -29.81 -55.43
C VAL E 110 -57.87 -30.24 -56.90
N ALA E 111 -56.86 -31.04 -57.23
CA ALA E 111 -56.67 -31.52 -58.59
C ALA E 111 -56.30 -33.00 -58.51
N ALA E 112 -57.02 -33.85 -59.20
CA ALA E 112 -56.75 -35.29 -59.20
C ALA E 112 -55.52 -35.61 -60.04
N PRO E 113 -54.73 -36.63 -59.62
CA PRO E 113 -53.56 -36.99 -60.42
C PRO E 113 -53.94 -37.74 -61.70
N SER E 114 -53.15 -37.54 -62.75
CA SER E 114 -53.25 -38.33 -63.96
C SER E 114 -52.32 -39.52 -63.66
N VAL E 115 -52.80 -40.76 -63.79
CA VAL E 115 -52.01 -41.94 -63.42
C VAL E 115 -51.51 -42.74 -64.62
N PHE E 116 -50.23 -43.14 -64.60
CA PHE E 116 -49.62 -43.92 -65.67
C PHE E 116 -48.80 -45.06 -65.09
N ILE E 117 -48.86 -46.24 -65.70
CA ILE E 117 -48.06 -47.38 -65.24
C ILE E 117 -47.09 -47.80 -66.35
N PHE E 118 -45.84 -48.11 -65.98
CA PHE E 118 -44.83 -48.50 -66.94
C PHE E 118 -44.27 -49.85 -66.58
N PRO E 119 -44.34 -50.80 -67.52
CA PRO E 119 -43.70 -52.09 -67.28
C PRO E 119 -42.18 -51.97 -67.36
N PRO E 120 -41.43 -52.95 -66.82
CA PRO E 120 -39.97 -52.90 -66.95
C PRO E 120 -39.58 -53.05 -68.41
N SER E 121 -38.50 -52.40 -68.82
CA SER E 121 -38.01 -52.55 -70.20
C SER E 121 -37.38 -53.95 -70.38
N ASP E 122 -37.34 -54.45 -71.62
CA ASP E 122 -36.72 -55.74 -71.89
C ASP E 122 -35.21 -55.69 -71.58
N GLU E 123 -34.57 -54.53 -71.82
CA GLU E 123 -33.16 -54.34 -71.55
C GLU E 123 -32.85 -54.55 -70.05
N GLN E 124 -33.68 -53.99 -69.16
CA GLN E 124 -33.48 -54.17 -67.73
C GLN E 124 -33.65 -55.63 -67.32
N LEU E 125 -34.70 -56.29 -67.79
CA LEU E 125 -34.96 -57.69 -67.45
C LEU E 125 -33.79 -58.64 -67.75
N LYS E 126 -32.98 -58.35 -68.79
CA LYS E 126 -31.79 -59.15 -69.11
C LYS E 126 -30.78 -59.14 -67.95
N SER E 127 -30.69 -58.01 -67.24
CA SER E 127 -29.78 -57.85 -66.11
C SER E 127 -30.25 -58.53 -64.82
N GLY E 128 -31.41 -59.17 -64.82
CA GLY E 128 -31.90 -59.90 -63.65
C GLY E 128 -32.81 -59.16 -62.69
N THR E 129 -33.15 -57.90 -62.99
CA THR E 129 -34.05 -57.12 -62.13
C THR E 129 -35.22 -56.50 -62.92
N ALA E 130 -36.37 -56.30 -62.28
CA ALA E 130 -37.53 -55.66 -62.90
C ALA E 130 -38.03 -54.48 -62.07
N SER E 131 -38.06 -53.28 -62.65
CA SER E 131 -38.60 -52.11 -61.97
C SER E 131 -39.92 -51.78 -62.66
N VAL E 132 -40.99 -51.67 -61.89
CA VAL E 132 -42.31 -51.29 -62.41
C VAL E 132 -42.55 -49.88 -61.87
N VAL E 133 -42.87 -48.91 -62.74
CA VAL E 133 -43.04 -47.53 -62.30
C VAL E 133 -44.48 -47.05 -62.42
N CYS E 134 -44.97 -46.36 -61.40
CA CYS E 134 -46.29 -45.77 -61.41
C CYS E 134 -46.12 -44.27 -61.23
N LEU E 135 -46.65 -43.48 -62.17
CA LEU E 135 -46.58 -42.03 -62.14
C LEU E 135 -47.94 -41.42 -61.77
N LEU E 136 -47.95 -40.50 -60.80
CA LEU E 136 -49.13 -39.74 -60.38
C LEU E 136 -48.77 -38.34 -60.77
N ASN E 137 -49.40 -37.79 -61.79
CA ASN E 137 -49.06 -36.50 -62.34
C ASN E 137 -49.98 -35.32 -62.02
N ASN E 138 -49.39 -34.19 -61.59
CA ASN E 138 -50.03 -32.90 -61.36
C ASN E 138 -51.29 -32.91 -60.46
N PHE E 139 -51.10 -33.26 -59.18
CA PHE E 139 -52.17 -33.34 -58.21
C PHE E 139 -52.00 -32.37 -57.05
N TYR E 140 -53.09 -32.07 -56.34
CA TYR E 140 -53.10 -31.22 -55.15
C TYR E 140 -54.32 -31.62 -54.30
N PRO E 141 -54.20 -31.77 -52.97
CA PRO E 141 -53.00 -31.60 -52.14
C PRO E 141 -52.00 -32.76 -52.26
N ARG E 142 -50.83 -32.62 -51.59
CA ARG E 142 -49.76 -33.59 -51.62
C ARG E 142 -50.14 -35.00 -51.15
N GLU E 143 -51.04 -35.12 -50.16
CA GLU E 143 -51.44 -36.44 -49.64
C GLU E 143 -52.01 -37.35 -50.75
N ALA E 144 -51.34 -38.47 -50.97
CA ALA E 144 -51.74 -39.46 -51.95
C ALA E 144 -51.27 -40.84 -51.50
N LYS E 145 -52.05 -41.87 -51.80
CA LYS E 145 -51.70 -43.22 -51.41
C LYS E 145 -51.55 -44.08 -52.65
N VAL E 146 -50.43 -44.78 -52.78
CA VAL E 146 -50.19 -45.67 -53.90
C VAL E 146 -50.04 -47.09 -53.37
N GLN E 147 -50.84 -48.04 -53.87
CA GLN E 147 -50.73 -49.43 -53.48
C GLN E 147 -50.42 -50.29 -54.68
N TRP E 148 -49.44 -51.18 -54.57
CA TRP E 148 -49.10 -52.08 -55.66
C TRP E 148 -49.80 -53.43 -55.45
N LYS E 149 -50.36 -54.00 -56.52
CA LYS E 149 -51.00 -55.32 -56.50
C LYS E 149 -50.38 -56.17 -57.61
N VAL E 150 -49.93 -57.37 -57.29
CA VAL E 150 -49.34 -58.30 -58.25
C VAL E 150 -50.22 -59.55 -58.19
N ASP E 151 -51.01 -59.80 -59.26
CA ASP E 151 -52.03 -60.87 -59.31
C ASP E 151 -53.02 -60.70 -58.14
N ASN E 152 -53.41 -59.43 -57.87
CA ASN E 152 -54.34 -59.00 -56.82
C ASN E 152 -53.79 -59.09 -55.39
N ALA E 153 -52.49 -59.42 -55.22
CA ALA E 153 -51.93 -59.49 -53.86
C ALA E 153 -51.25 -58.18 -53.54
N LEU E 154 -51.61 -57.58 -52.39
CA LEU E 154 -51.05 -56.32 -51.97
C LEU E 154 -49.57 -56.46 -51.65
N GLN E 155 -48.74 -55.61 -52.25
CA GLN E 155 -47.31 -55.62 -52.02
C GLN E 155 -46.94 -54.76 -50.83
N SER E 156 -45.91 -55.18 -50.09
CA SER E 156 -45.42 -54.42 -48.96
C SER E 156 -43.91 -54.54 -48.87
N GLY E 157 -43.23 -53.43 -48.59
CA GLY E 157 -41.79 -53.42 -48.38
C GLY E 157 -40.91 -53.42 -49.61
N ASN E 158 -41.50 -53.50 -50.81
CA ASN E 158 -40.71 -53.58 -52.05
C ASN E 158 -40.91 -52.42 -53.00
N SER E 159 -41.32 -51.26 -52.47
CA SER E 159 -41.48 -50.07 -53.30
C SER E 159 -40.93 -48.83 -52.61
N GLN E 160 -40.48 -47.87 -53.42
CA GLN E 160 -39.99 -46.59 -52.93
C GLN E 160 -40.66 -45.46 -53.73
N GLU E 161 -41.01 -44.38 -53.06
CA GLU E 161 -41.69 -43.23 -53.63
C GLU E 161 -40.80 -42.01 -53.59
N SER E 162 -41.02 -41.12 -54.56
CA SER E 162 -40.35 -39.85 -54.65
C SER E 162 -41.40 -38.79 -55.08
N VAL E 163 -41.32 -37.57 -54.56
CA VAL E 163 -42.29 -36.52 -54.89
C VAL E 163 -41.58 -35.24 -55.25
N THR E 164 -42.08 -34.53 -56.28
CA THR E 164 -41.50 -33.27 -56.69
C THR E 164 -41.90 -32.14 -55.71
N GLU E 165 -41.17 -31.02 -55.80
CA GLU E 165 -41.54 -29.82 -55.07
C GLU E 165 -42.74 -29.21 -55.83
N GLN E 166 -43.50 -28.30 -55.20
CA GLN E 166 -44.65 -27.65 -55.83
C GLN E 166 -44.27 -26.99 -57.15
N ASP E 167 -45.01 -27.33 -58.21
CA ASP E 167 -44.76 -26.79 -59.53
C ASP E 167 -44.85 -25.27 -59.54
N SER E 168 -43.86 -24.60 -60.12
CA SER E 168 -43.80 -23.12 -60.13
C SER E 168 -44.95 -22.49 -60.92
N LYS E 169 -45.52 -23.22 -61.88
CA LYS E 169 -46.61 -22.67 -62.70
C LYS E 169 -48.01 -23.02 -62.20
N ASP E 170 -48.27 -24.29 -61.82
CA ASP E 170 -49.61 -24.67 -61.42
C ASP E 170 -49.76 -25.09 -59.95
N SER E 171 -48.68 -25.05 -59.17
CA SER E 171 -48.68 -25.40 -57.73
C SER E 171 -49.10 -26.83 -57.39
N THR E 172 -49.03 -27.74 -58.37
CA THR E 172 -49.34 -29.14 -58.13
C THR E 172 -48.06 -29.95 -57.80
N TYR E 173 -48.24 -31.18 -57.35
CA TYR E 173 -47.19 -32.12 -57.06
C TYR E 173 -47.27 -33.29 -58.04
N SER E 174 -46.18 -34.02 -58.19
CA SER E 174 -46.16 -35.25 -58.96
C SER E 174 -45.40 -36.27 -58.13
N LEU E 175 -45.71 -37.55 -58.32
CA LEU E 175 -45.10 -38.59 -57.52
C LEU E 175 -44.78 -39.80 -58.36
N SER E 176 -43.63 -40.43 -58.14
CA SER E 176 -43.32 -41.70 -58.80
C SER E 176 -43.18 -42.76 -57.72
N SER E 177 -43.69 -43.94 -57.98
CA SER E 177 -43.57 -45.07 -57.05
C SER E 177 -42.94 -46.17 -57.87
N THR E 178 -41.81 -46.74 -57.41
CA THR E 178 -41.13 -47.82 -58.13
C THR E 178 -41.22 -49.11 -57.34
N LEU E 179 -41.74 -50.17 -57.96
CA LEU E 179 -41.84 -51.49 -57.36
C LEU E 179 -40.65 -52.29 -57.90
N THR E 180 -39.80 -52.84 -57.02
CA THR E 180 -38.65 -53.59 -57.47
C THR E 180 -38.78 -55.06 -57.17
N LEU E 181 -38.67 -55.88 -58.21
CA LEU E 181 -38.76 -57.34 -58.10
C LEU E 181 -37.55 -57.95 -58.79
N SER E 182 -37.20 -59.19 -58.43
CA SER E 182 -36.17 -59.92 -59.14
C SER E 182 -36.82 -60.34 -60.48
N LYS E 183 -36.01 -60.70 -61.48
CA LYS E 183 -36.55 -61.16 -62.76
C LYS E 183 -37.39 -62.44 -62.55
N ALA E 184 -36.93 -63.34 -61.69
CA ALA E 184 -37.65 -64.58 -61.37
C ALA E 184 -39.03 -64.33 -60.78
N ASP E 185 -39.15 -63.41 -59.81
CA ASP E 185 -40.44 -63.06 -59.21
C ASP E 185 -41.35 -62.36 -60.19
N TYR E 186 -40.77 -61.45 -61.02
CA TYR E 186 -41.53 -60.75 -62.03
C TYR E 186 -42.18 -61.73 -63.03
N GLU E 187 -41.42 -62.74 -63.47
CA GLU E 187 -41.91 -63.71 -64.45
C GLU E 187 -42.90 -64.73 -63.88
N LYS E 188 -43.05 -64.81 -62.54
CA LYS E 188 -44.02 -65.72 -61.93
C LYS E 188 -45.45 -65.15 -61.96
N HIS E 189 -45.62 -63.83 -62.19
CA HIS E 189 -46.93 -63.20 -62.12
C HIS E 189 -47.38 -62.56 -63.40
N LYS E 190 -48.68 -62.31 -63.53
CA LYS E 190 -49.23 -61.76 -64.76
C LYS E 190 -49.74 -60.32 -64.68
N VAL E 191 -50.56 -59.99 -63.68
CA VAL E 191 -51.19 -58.67 -63.57
C VAL E 191 -50.45 -57.75 -62.60
N TYR E 192 -49.99 -56.61 -63.10
CA TYR E 192 -49.28 -55.62 -62.30
C TYR E 192 -50.13 -54.38 -62.23
N ALA E 193 -50.52 -53.97 -61.03
CA ALA E 193 -51.42 -52.85 -60.88
C ALA E 193 -50.99 -51.85 -59.83
N CYS E 194 -51.18 -50.54 -60.10
CA CYS E 194 -50.98 -49.55 -59.04
C CYS E 194 -52.32 -48.83 -58.82
N GLU E 195 -52.78 -48.86 -57.58
CA GLU E 195 -54.03 -48.26 -57.18
C GLU E 195 -53.75 -46.97 -56.43
N VAL E 196 -54.35 -45.87 -56.89
CA VAL E 196 -54.11 -44.55 -56.36
C VAL E 196 -55.33 -43.98 -55.64
N THR E 197 -55.12 -43.52 -54.41
CA THR E 197 -56.13 -42.89 -53.60
C THR E 197 -55.73 -41.44 -53.41
N HIS E 198 -56.61 -40.53 -53.81
CA HIS E 198 -56.36 -39.09 -53.67
C HIS E 198 -57.68 -38.39 -53.55
N GLN E 199 -57.71 -37.31 -52.76
CA GLN E 199 -58.87 -36.47 -52.48
C GLN E 199 -59.65 -36.03 -53.74
N GLY E 200 -58.94 -35.83 -54.84
CA GLY E 200 -59.53 -35.44 -56.12
C GLY E 200 -60.21 -36.54 -56.89
N LEU E 201 -60.07 -37.80 -56.44
CA LEU E 201 -60.69 -38.95 -57.07
C LEU E 201 -61.84 -39.43 -56.19
N SER E 202 -63.05 -39.55 -56.74
CA SER E 202 -64.21 -40.02 -55.97
C SER E 202 -64.02 -41.45 -55.46
N SER E 203 -63.36 -42.28 -56.28
CA SER E 203 -63.02 -43.66 -55.96
C SER E 203 -61.56 -43.90 -56.41
N PRO E 204 -60.82 -44.82 -55.75
CA PRO E 204 -59.43 -45.06 -56.17
C PRO E 204 -59.31 -45.51 -57.62
N VAL E 205 -58.28 -45.01 -58.32
CA VAL E 205 -58.04 -45.34 -59.71
C VAL E 205 -56.96 -46.41 -59.83
N THR E 206 -57.17 -47.42 -60.66
CA THR E 206 -56.17 -48.45 -60.87
C THR E 206 -55.68 -48.40 -62.30
N LYS E 207 -54.37 -48.42 -62.49
CA LYS E 207 -53.76 -48.53 -63.79
C LYS E 207 -53.01 -49.85 -63.75
N SER E 208 -53.17 -50.69 -64.78
CA SER E 208 -52.53 -51.98 -64.78
C SER E 208 -52.11 -52.46 -66.17
N PHE E 209 -51.26 -53.48 -66.20
CA PHE E 209 -50.84 -54.13 -67.43
C PHE E 209 -50.68 -55.64 -67.16
N ASN E 210 -50.71 -56.43 -68.24
CA ASN E 210 -50.49 -57.87 -68.15
C ASN E 210 -49.11 -58.10 -68.73
N ARG E 211 -48.25 -58.81 -67.99
CA ARG E 211 -46.88 -59.10 -68.40
C ARG E 211 -46.80 -59.81 -69.75
N GLY E 212 -46.12 -59.19 -70.70
CA GLY E 212 -45.96 -59.75 -72.04
C GLY E 212 -46.98 -59.28 -73.05
N GLU E 213 -47.90 -58.38 -72.66
CA GLU E 213 -48.92 -57.88 -73.58
C GLU E 213 -48.71 -56.42 -73.98
N CYS E 214 -48.15 -56.20 -75.18
CA CYS E 214 -47.92 -54.89 -75.79
C CYS E 214 -47.10 -53.93 -74.89
N GLU F 1 -16.12 -7.76 -50.44
CA GLU F 1 -17.39 -8.39 -50.08
C GLU F 1 -17.19 -9.25 -48.84
N VAL F 2 -18.09 -9.11 -47.86
CA VAL F 2 -18.04 -9.91 -46.65
C VAL F 2 -18.57 -11.29 -46.98
N GLN F 3 -17.75 -12.33 -46.79
CA GLN F 3 -18.19 -13.69 -47.08
C GLN F 3 -17.47 -14.77 -46.31
N LEU F 4 -18.04 -15.97 -46.32
CA LEU F 4 -17.49 -17.18 -45.75
C LEU F 4 -17.49 -18.16 -46.91
N VAL F 5 -16.32 -18.71 -47.25
CA VAL F 5 -16.22 -19.68 -48.32
C VAL F 5 -15.81 -21.00 -47.73
N GLN F 6 -16.64 -22.02 -47.95
CA GLN F 6 -16.38 -23.35 -47.44
C GLN F 6 -15.68 -24.22 -48.47
N SER F 7 -14.98 -25.25 -47.98
CA SER F 7 -14.29 -26.21 -48.83
C SER F 7 -15.33 -27.07 -49.60
N GLY F 8 -14.89 -27.67 -50.71
CA GLY F 8 -15.73 -28.41 -51.64
C GLY F 8 -16.42 -29.65 -51.09
N ALA F 9 -17.41 -30.17 -51.86
CA ALA F 9 -18.16 -31.37 -51.46
C ALA F 9 -17.23 -32.57 -51.23
N GLU F 10 -17.62 -33.44 -50.30
CA GLU F 10 -16.83 -34.58 -49.92
C GLU F 10 -17.62 -35.87 -50.07
N VAL F 11 -16.96 -36.93 -50.53
CA VAL F 11 -17.55 -38.26 -50.68
C VAL F 11 -16.56 -39.18 -49.98
N LYS F 12 -16.98 -39.78 -48.86
CA LYS F 12 -16.09 -40.57 -48.03
C LYS F 12 -16.71 -41.93 -47.68
N LYS F 13 -15.88 -42.84 -47.18
CA LYS F 13 -16.32 -44.14 -46.73
C LYS F 13 -16.38 -44.13 -45.21
N PRO F 14 -17.21 -45.00 -44.59
CA PRO F 14 -17.24 -45.05 -43.12
C PRO F 14 -15.87 -45.40 -42.54
N GLY F 15 -15.53 -44.77 -41.43
CA GLY F 15 -14.25 -44.99 -40.77
C GLY F 15 -13.18 -44.01 -41.18
N GLU F 16 -13.36 -43.32 -42.31
CA GLU F 16 -12.37 -42.34 -42.78
C GLU F 16 -12.47 -41.03 -42.00
N SER F 17 -11.35 -40.31 -41.92
CA SER F 17 -11.33 -39.02 -41.25
C SER F 17 -11.62 -37.90 -42.26
N LEU F 18 -12.05 -36.73 -41.75
CA LEU F 18 -12.37 -35.60 -42.62
C LEU F 18 -12.24 -34.30 -41.86
N LYS F 19 -11.64 -33.28 -42.49
CA LYS F 19 -11.56 -31.96 -41.90
C LYS F 19 -12.07 -31.02 -42.97
N ILE F 20 -13.16 -30.28 -42.71
CA ILE F 20 -13.71 -29.32 -43.65
C ILE F 20 -13.43 -27.89 -43.16
N SER F 21 -13.28 -26.94 -44.07
CA SER F 21 -12.90 -25.58 -43.71
C SER F 21 -13.92 -24.50 -44.09
N CYS F 22 -13.78 -23.33 -43.47
CA CYS F 22 -14.65 -22.19 -43.63
C CYS F 22 -13.75 -20.97 -43.55
N LYS F 23 -13.47 -20.32 -44.68
CA LYS F 23 -12.60 -19.15 -44.69
C LYS F 23 -13.38 -17.84 -44.80
N GLY F 24 -13.09 -16.90 -43.91
CA GLY F 24 -13.72 -15.61 -43.96
C GLY F 24 -12.86 -14.60 -44.71
N SER F 25 -13.50 -13.61 -45.33
CA SER F 25 -12.85 -12.50 -45.99
C SER F 25 -13.75 -11.26 -46.01
N GLY F 26 -13.14 -10.10 -46.14
CA GLY F 26 -13.87 -8.84 -46.15
C GLY F 26 -14.32 -8.37 -44.77
N TYR F 27 -13.86 -9.03 -43.70
CA TYR F 27 -14.19 -8.62 -42.34
C TYR F 27 -13.11 -9.12 -41.35
N SER F 28 -13.13 -8.63 -40.10
CA SER F 28 -12.20 -9.09 -39.10
C SER F 28 -12.64 -10.42 -38.54
N PHE F 29 -11.93 -11.51 -38.95
CA PHE F 29 -12.26 -12.86 -38.49
C PHE F 29 -12.16 -13.02 -36.95
N THR F 30 -11.36 -12.16 -36.30
CA THR F 30 -11.17 -12.16 -34.85
C THR F 30 -12.12 -11.16 -34.13
N SER F 31 -13.21 -10.74 -34.80
CA SER F 31 -14.21 -9.87 -34.19
C SER F 31 -15.59 -10.54 -34.05
N TYR F 32 -15.73 -11.78 -34.54
CA TYR F 32 -17.00 -12.47 -34.59
C TYR F 32 -16.83 -13.92 -34.22
N TRP F 33 -17.91 -14.55 -33.82
CA TRP F 33 -17.94 -15.98 -33.60
C TRP F 33 -18.26 -16.68 -34.92
N ILE F 34 -18.00 -18.00 -34.96
CA ILE F 34 -18.35 -18.85 -36.08
C ILE F 34 -19.15 -19.99 -35.45
N GLY F 35 -20.27 -20.33 -36.08
CA GLY F 35 -21.09 -21.48 -35.67
C GLY F 35 -21.11 -22.51 -36.78
N TRP F 36 -21.22 -23.78 -36.41
CA TRP F 36 -21.31 -24.88 -37.39
C TRP F 36 -22.70 -25.49 -37.23
N VAL F 37 -23.39 -25.67 -38.36
CA VAL F 37 -24.76 -26.13 -38.38
C VAL F 37 -24.85 -27.30 -39.36
N ARG F 38 -25.49 -28.38 -38.91
CA ARG F 38 -25.71 -29.54 -39.75
C ARG F 38 -27.17 -29.52 -40.29
N GLN F 39 -27.37 -29.99 -41.54
CA GLN F 39 -28.70 -30.14 -42.08
C GLN F 39 -28.80 -31.44 -42.83
N MET F 40 -29.39 -32.47 -42.22
CA MET F 40 -29.61 -33.74 -42.91
C MET F 40 -30.63 -33.53 -44.04
N PRO F 41 -30.56 -34.33 -45.13
CA PRO F 41 -31.47 -34.11 -46.27
C PRO F 41 -32.95 -34.01 -45.91
N GLY F 42 -33.58 -32.90 -46.28
CA GLY F 42 -35.00 -32.66 -45.97
C GLY F 42 -35.32 -32.39 -44.51
N LYS F 43 -34.31 -32.13 -43.68
CA LYS F 43 -34.54 -31.91 -42.24
C LYS F 43 -34.22 -30.47 -41.81
N GLY F 44 -34.35 -30.17 -40.53
CA GLY F 44 -34.09 -28.85 -39.99
C GLY F 44 -32.62 -28.53 -39.77
N LEU F 45 -32.36 -27.36 -39.18
CA LEU F 45 -31.01 -26.89 -38.88
C LEU F 45 -30.64 -27.35 -37.48
N GLU F 46 -29.47 -27.99 -37.32
CA GLU F 46 -29.03 -28.42 -35.99
C GLU F 46 -27.73 -27.77 -35.69
N TRP F 47 -27.61 -27.13 -34.52
N TRP F 47 -27.62 -27.13 -34.52
CA TRP F 47 -26.37 -26.50 -34.12
CA TRP F 47 -26.36 -26.51 -34.14
C TRP F 47 -25.36 -27.58 -33.72
C TRP F 47 -25.35 -27.57 -33.71
N MET F 48 -24.12 -27.46 -34.16
CA MET F 48 -23.06 -28.42 -33.81
C MET F 48 -22.15 -27.83 -32.74
N GLY F 49 -21.78 -26.58 -32.93
CA GLY F 49 -20.95 -25.89 -31.95
C GLY F 49 -20.47 -24.58 -32.48
N ILE F 50 -19.70 -23.86 -31.63
CA ILE F 50 -19.20 -22.54 -31.97
C ILE F 50 -17.71 -22.38 -31.60
N ILE F 51 -17.07 -21.35 -32.18
CA ILE F 51 -15.71 -20.99 -31.87
C ILE F 51 -15.56 -19.48 -32.04
N TYR F 52 -14.76 -18.87 -31.14
CA TYR F 52 -14.44 -17.45 -31.25
C TYR F 52 -13.00 -17.48 -31.73
N PRO F 53 -12.78 -17.33 -33.04
CA PRO F 53 -11.42 -17.46 -33.58
C PRO F 53 -10.32 -16.62 -32.92
N SER F 54 -10.66 -15.47 -32.35
CA SER F 54 -9.66 -14.63 -31.70
C SER F 54 -8.93 -15.33 -30.54
N ASP F 55 -9.66 -16.10 -29.73
CA ASP F 55 -9.06 -16.77 -28.58
C ASP F 55 -9.28 -18.29 -28.54
N SER F 56 -9.88 -18.85 -29.60
CA SER F 56 -10.24 -20.26 -29.75
C SER F 56 -11.16 -20.77 -28.63
N ASP F 57 -12.02 -19.90 -28.05
CA ASP F 57 -13.03 -20.36 -27.10
C ASP F 57 -14.02 -21.24 -27.91
N THR F 58 -14.26 -22.49 -27.49
CA THR F 58 -15.08 -23.43 -28.28
C THR F 58 -16.14 -24.04 -27.40
N ARG F 59 -17.35 -24.17 -27.93
CA ARG F 59 -18.43 -24.82 -27.21
C ARG F 59 -19.12 -25.77 -28.19
N TYR F 60 -19.64 -26.86 -27.67
CA TYR F 60 -20.32 -27.84 -28.52
C TYR F 60 -21.70 -28.03 -28.04
N SER F 61 -22.57 -28.44 -28.96
CA SER F 61 -23.91 -28.89 -28.61
C SER F 61 -23.69 -30.22 -27.84
N PRO F 62 -24.47 -30.51 -26.80
CA PRO F 62 -24.30 -31.81 -26.11
C PRO F 62 -24.48 -33.02 -27.06
N SER F 63 -25.20 -32.85 -28.15
CA SER F 63 -25.42 -33.90 -29.15
C SER F 63 -24.19 -34.19 -30.00
N PHE F 64 -23.22 -33.27 -30.04
CA PHE F 64 -22.03 -33.43 -30.88
C PHE F 64 -20.72 -33.47 -30.14
N GLN F 65 -20.72 -33.15 -28.85
CA GLN F 65 -19.53 -33.17 -28.03
C GLN F 65 -18.91 -34.59 -28.04
N GLY F 66 -17.62 -34.68 -28.34
CA GLY F 66 -16.97 -35.99 -28.43
C GLY F 66 -17.09 -36.64 -29.80
N GLN F 67 -17.94 -36.13 -30.69
CA GLN F 67 -18.12 -36.72 -32.03
C GLN F 67 -17.33 -35.94 -33.09
N VAL F 68 -17.17 -34.63 -32.90
CA VAL F 68 -16.47 -33.72 -33.82
C VAL F 68 -15.54 -32.79 -33.03
N THR F 69 -14.60 -32.17 -33.74
CA THR F 69 -13.72 -31.17 -33.17
C THR F 69 -13.82 -29.93 -34.03
N ILE F 70 -14.00 -28.78 -33.39
CA ILE F 70 -14.05 -27.48 -34.06
C ILE F 70 -12.79 -26.74 -33.67
N SER F 71 -12.14 -26.14 -34.66
CA SER F 71 -10.90 -25.41 -34.42
C SER F 71 -10.82 -24.21 -35.36
N ALA F 72 -9.83 -23.34 -35.17
CA ALA F 72 -9.65 -22.19 -36.02
C ALA F 72 -8.19 -21.82 -36.10
N ASP F 73 -7.80 -21.27 -37.24
CA ASP F 73 -6.48 -20.75 -37.50
C ASP F 73 -6.70 -19.31 -37.90
N LYS F 74 -6.62 -18.40 -36.93
CA LYS F 74 -6.85 -16.99 -37.20
C LYS F 74 -5.82 -16.34 -38.12
N SER F 75 -4.61 -16.92 -38.23
CA SER F 75 -3.60 -16.38 -39.14
C SER F 75 -4.05 -16.46 -40.61
N ILE F 76 -4.94 -17.42 -40.95
CA ILE F 76 -5.47 -17.56 -42.31
C ILE F 76 -7.00 -17.38 -42.36
N SER F 77 -7.59 -16.76 -41.32
CA SER F 77 -9.03 -16.50 -41.20
C SER F 77 -9.89 -17.73 -41.52
N THR F 78 -9.50 -18.91 -41.00
CA THR F 78 -10.21 -20.14 -41.30
C THR F 78 -10.68 -20.89 -40.04
N ALA F 79 -11.89 -21.43 -40.08
CA ALA F 79 -12.43 -22.26 -39.01
C ALA F 79 -12.60 -23.65 -39.61
N TYR F 80 -12.57 -24.69 -38.77
CA TYR F 80 -12.63 -26.05 -39.22
C TYR F 80 -13.60 -26.86 -38.41
N LEU F 81 -14.07 -27.94 -39.01
CA LEU F 81 -14.94 -28.94 -38.39
C LEU F 81 -14.35 -30.29 -38.83
N GLN F 82 -14.08 -31.19 -37.88
CA GLN F 82 -13.44 -32.45 -38.22
C GLN F 82 -13.96 -33.66 -37.50
N TRP F 83 -13.89 -34.78 -38.20
CA TRP F 83 -14.29 -36.08 -37.71
C TRP F 83 -13.09 -36.99 -37.78
N SER F 84 -12.93 -37.80 -36.76
CA SER F 84 -11.85 -38.78 -36.72
C SER F 84 -12.30 -40.10 -37.39
N SER F 85 -13.62 -40.43 -37.38
CA SER F 85 -14.16 -41.66 -37.98
C SER F 85 -15.60 -41.38 -38.47
N LEU F 86 -15.77 -41.16 -39.79
CA LEU F 86 -17.09 -40.87 -40.35
C LEU F 86 -18.04 -42.05 -40.33
N LYS F 87 -19.33 -41.78 -40.24
CA LYS F 87 -20.39 -42.79 -40.29
C LYS F 87 -21.38 -42.32 -41.37
N ALA F 88 -22.19 -43.24 -41.91
CA ALA F 88 -23.20 -42.94 -42.91
C ALA F 88 -24.17 -41.86 -42.44
N SER F 89 -24.46 -41.83 -41.11
CA SER F 89 -25.32 -40.84 -40.47
C SER F 89 -24.73 -39.43 -40.52
N ASP F 90 -23.47 -39.26 -40.89
CA ASP F 90 -22.86 -37.94 -41.05
C ASP F 90 -23.14 -37.35 -42.45
N THR F 91 -23.87 -38.08 -43.32
CA THR F 91 -24.27 -37.59 -44.65
C THR F 91 -25.24 -36.45 -44.44
N ALA F 92 -24.81 -35.24 -44.79
CA ALA F 92 -25.58 -34.03 -44.54
C ALA F 92 -24.87 -32.82 -45.16
N MET F 93 -25.56 -31.67 -45.21
CA MET F 93 -24.98 -30.42 -45.64
C MET F 93 -24.46 -29.78 -44.33
N TYR F 94 -23.30 -29.13 -44.38
CA TYR F 94 -22.72 -28.49 -43.22
C TYR F 94 -22.51 -27.05 -43.54
N TYR F 95 -23.03 -26.15 -42.72
CA TYR F 95 -22.84 -24.72 -42.93
C TYR F 95 -22.01 -24.15 -41.81
N CYS F 96 -21.24 -23.14 -42.14
CA CYS F 96 -20.61 -22.31 -41.11
C CYS F 96 -21.28 -20.94 -41.27
N ALA F 97 -21.39 -20.22 -40.15
CA ALA F 97 -22.03 -18.92 -40.17
C ALA F 97 -21.42 -18.04 -39.14
N ARG F 98 -21.28 -16.79 -39.48
CA ARG F 98 -20.73 -15.79 -38.60
C ARG F 98 -21.83 -15.19 -37.75
N TYR F 99 -21.49 -14.80 -36.52
CA TYR F 99 -22.41 -14.04 -35.70
C TYR F 99 -21.60 -13.20 -34.72
N PRO F 100 -21.99 -11.94 -34.52
CA PRO F 100 -21.30 -11.13 -33.49
C PRO F 100 -21.81 -11.60 -32.12
N ASN F 101 -21.09 -11.26 -31.05
CA ASN F 101 -21.50 -11.60 -29.67
C ASN F 101 -22.96 -11.09 -29.44
N TYR F 102 -23.89 -11.99 -29.02
CA TYR F 102 -25.29 -11.64 -28.81
C TYR F 102 -25.95 -11.08 -30.09
N GLY F 103 -25.62 -11.69 -31.21
CA GLY F 103 -26.16 -11.34 -32.52
C GLY F 103 -26.57 -12.58 -33.31
N ALA F 104 -27.35 -12.36 -34.37
CA ALA F 104 -27.84 -13.40 -35.27
C ALA F 104 -26.76 -13.84 -36.29
N PHE F 105 -26.94 -15.00 -36.95
CA PHE F 105 -26.06 -15.48 -37.98
C PHE F 105 -26.32 -14.64 -39.22
N ASP F 106 -25.57 -13.57 -39.43
CA ASP F 106 -25.81 -12.68 -40.55
C ASP F 106 -25.11 -13.06 -41.85
N ILE F 107 -23.97 -13.78 -41.80
CA ILE F 107 -23.24 -14.21 -43.00
C ILE F 107 -23.13 -15.70 -42.98
N TRP F 108 -23.51 -16.36 -44.07
CA TRP F 108 -23.49 -17.82 -44.14
C TRP F 108 -22.58 -18.30 -45.24
N GLY F 109 -21.88 -19.39 -44.97
CA GLY F 109 -21.09 -20.05 -45.99
C GLY F 109 -22.05 -20.74 -46.97
N GLN F 110 -21.55 -21.16 -48.13
CA GLN F 110 -22.38 -21.82 -49.14
C GLN F 110 -22.73 -23.27 -48.80
N GLY F 111 -22.18 -23.80 -47.72
CA GLY F 111 -22.42 -25.16 -47.32
C GLY F 111 -21.43 -26.13 -47.95
N THR F 112 -21.14 -27.21 -47.24
CA THR F 112 -20.28 -28.27 -47.73
C THR F 112 -21.11 -29.52 -47.62
N MET F 113 -21.40 -30.17 -48.75
CA MET F 113 -22.14 -31.42 -48.73
C MET F 113 -21.14 -32.54 -48.41
N VAL F 114 -21.45 -33.39 -47.43
CA VAL F 114 -20.58 -34.49 -47.08
C VAL F 114 -21.41 -35.76 -47.26
N THR F 115 -21.00 -36.68 -48.12
CA THR F 115 -21.71 -37.97 -48.29
C THR F 115 -20.83 -39.06 -47.74
N VAL F 116 -21.35 -39.90 -46.83
CA VAL F 116 -20.57 -40.97 -46.26
C VAL F 116 -21.25 -42.26 -46.60
N SER F 117 -20.53 -43.13 -47.29
CA SER F 117 -21.12 -44.39 -47.73
C SER F 117 -20.06 -45.42 -48.06
N SER F 118 -20.41 -46.70 -47.85
CA SER F 118 -19.52 -47.81 -48.22
C SER F 118 -19.53 -48.04 -49.76
N ALA F 119 -20.52 -47.48 -50.50
CA ALA F 119 -20.67 -47.57 -51.96
C ALA F 119 -19.55 -46.88 -52.73
N SER F 120 -19.32 -47.32 -53.97
CA SER F 120 -18.29 -46.75 -54.81
C SER F 120 -18.87 -46.06 -56.05
N THR F 121 -18.07 -45.18 -56.70
CA THR F 121 -18.48 -44.49 -57.91
C THR F 121 -18.96 -45.46 -58.98
N LYS F 122 -20.16 -45.23 -59.50
CA LYS F 122 -20.76 -46.09 -60.51
C LYS F 122 -21.71 -45.27 -61.38
N GLY F 123 -21.60 -45.41 -62.69
CA GLY F 123 -22.48 -44.72 -63.61
C GLY F 123 -23.84 -45.40 -63.69
N PRO F 124 -24.88 -44.65 -64.06
CA PRO F 124 -26.22 -45.24 -64.12
C PRO F 124 -26.52 -46.06 -65.37
N SER F 125 -27.48 -46.96 -65.24
CA SER F 125 -28.05 -47.66 -66.36
C SER F 125 -29.34 -46.85 -66.66
N VAL F 126 -29.59 -46.52 -67.92
CA VAL F 126 -30.78 -45.74 -68.27
C VAL F 126 -31.75 -46.59 -69.05
N PHE F 127 -32.94 -46.79 -68.50
CA PHE F 127 -33.97 -47.59 -69.14
C PHE F 127 -35.14 -46.72 -69.58
N PRO F 128 -35.83 -47.08 -70.68
CA PRO F 128 -36.98 -46.28 -71.09
C PRO F 128 -38.26 -46.58 -70.31
N LEU F 129 -39.11 -45.57 -70.17
CA LEU F 129 -40.43 -45.69 -69.55
C LEU F 129 -41.27 -45.37 -70.76
N ALA F 130 -41.60 -46.43 -71.53
CA ALA F 130 -42.25 -46.31 -72.82
C ALA F 130 -43.70 -45.84 -72.78
N PRO F 131 -44.08 -44.96 -73.72
CA PRO F 131 -45.49 -44.52 -73.76
C PRO F 131 -46.42 -45.63 -74.21
N SER F 132 -47.66 -45.65 -73.66
CA SER F 132 -48.78 -46.57 -73.92
C SER F 132 -48.66 -47.92 -73.20
N GLY F 138 -56.52 -41.95 -75.08
CA GLY F 138 -56.06 -41.18 -73.93
C GLY F 138 -55.62 -39.79 -74.34
N GLY F 139 -56.15 -38.78 -73.63
CA GLY F 139 -55.88 -37.36 -73.91
C GLY F 139 -54.41 -37.01 -74.08
N THR F 140 -53.61 -37.34 -73.05
CA THR F 140 -52.17 -37.07 -73.06
C THR F 140 -51.39 -38.38 -72.85
N ALA F 141 -50.17 -38.49 -73.43
CA ALA F 141 -49.33 -39.66 -73.21
C ALA F 141 -48.16 -39.30 -72.28
N ALA F 142 -47.71 -40.24 -71.45
CA ALA F 142 -46.55 -40.02 -70.61
C ALA F 142 -45.43 -40.98 -71.00
N LEU F 143 -44.21 -40.51 -70.96
CA LEU F 143 -43.02 -41.31 -71.23
C LEU F 143 -41.88 -40.80 -70.31
N GLY F 144 -40.77 -41.52 -70.24
CA GLY F 144 -39.67 -41.12 -69.38
C GLY F 144 -38.47 -42.01 -69.45
N CYS F 145 -37.55 -41.79 -68.51
CA CYS F 145 -36.32 -42.55 -68.35
C CYS F 145 -36.13 -42.90 -66.89
N LEU F 146 -35.79 -44.15 -66.61
CA LEU F 146 -35.46 -44.62 -65.28
C LEU F 146 -33.93 -44.63 -65.24
N VAL F 147 -33.33 -43.80 -64.39
CA VAL F 147 -31.87 -43.66 -64.27
C VAL F 147 -31.51 -44.43 -63.02
N LYS F 148 -31.11 -45.70 -63.19
CA LYS F 148 -30.92 -46.62 -62.09
C LYS F 148 -29.46 -46.97 -61.74
N ASP F 149 -29.22 -47.19 -60.43
CA ASP F 149 -27.97 -47.71 -59.87
C ASP F 149 -26.72 -46.89 -60.11
N TYR F 150 -26.71 -45.65 -59.61
CA TYR F 150 -25.52 -44.81 -59.70
C TYR F 150 -25.02 -44.36 -58.30
N PHE F 151 -23.79 -43.86 -58.24
CA PHE F 151 -23.21 -43.33 -57.01
C PHE F 151 -22.01 -42.49 -57.38
N PRO F 152 -21.81 -41.33 -56.74
CA PRO F 152 -22.71 -40.67 -55.81
C PRO F 152 -23.69 -39.78 -56.60
N GLU F 153 -24.53 -39.03 -55.87
CA GLU F 153 -25.37 -38.00 -56.47
C GLU F 153 -24.42 -36.88 -56.97
N PRO F 154 -24.79 -36.13 -58.01
CA PRO F 154 -26.08 -36.12 -58.69
C PRO F 154 -25.99 -36.57 -60.15
N VAL F 155 -27.17 -36.77 -60.76
CA VAL F 155 -27.27 -36.94 -62.21
C VAL F 155 -28.07 -35.73 -62.70
N THR F 156 -27.86 -35.35 -63.96
CA THR F 156 -28.66 -34.31 -64.57
C THR F 156 -29.46 -34.97 -65.69
N VAL F 157 -30.69 -34.53 -65.89
CA VAL F 157 -31.53 -35.05 -66.95
C VAL F 157 -32.13 -33.89 -67.72
N SER F 158 -32.01 -33.92 -69.02
CA SER F 158 -32.68 -32.97 -69.89
C SER F 158 -33.42 -33.79 -70.97
N TRP F 159 -34.35 -33.17 -71.69
CA TRP F 159 -35.07 -33.84 -72.75
C TRP F 159 -34.84 -33.08 -74.04
N ASN F 160 -34.53 -33.81 -75.10
CA ASN F 160 -34.23 -33.24 -76.42
C ASN F 160 -33.21 -32.10 -76.36
N SER F 161 -32.17 -32.32 -75.55
CA SER F 161 -31.04 -31.42 -75.32
C SER F 161 -31.46 -30.07 -74.74
N GLY F 162 -32.56 -30.05 -73.99
CA GLY F 162 -33.07 -28.82 -73.42
C GLY F 162 -34.19 -28.17 -74.23
N ALA F 163 -34.49 -28.68 -75.43
CA ALA F 163 -35.58 -28.12 -76.24
C ALA F 163 -36.97 -28.49 -75.70
N LEU F 164 -37.06 -29.57 -74.92
CA LEU F 164 -38.32 -30.00 -74.34
C LEU F 164 -38.25 -29.79 -72.82
N THR F 165 -39.01 -28.81 -72.31
CA THR F 165 -39.02 -28.48 -70.90
C THR F 165 -40.42 -28.52 -70.29
N SER F 166 -41.46 -28.20 -71.10
CA SER F 166 -42.82 -28.20 -70.60
C SER F 166 -43.30 -29.62 -70.30
N GLY F 167 -43.93 -29.79 -69.15
CA GLY F 167 -44.45 -31.09 -68.74
C GLY F 167 -43.42 -32.06 -68.20
N VAL F 168 -42.17 -31.61 -68.02
CA VAL F 168 -41.09 -32.47 -67.52
C VAL F 168 -41.09 -32.49 -65.99
N HIS F 169 -41.00 -33.68 -65.40
CA HIS F 169 -40.86 -33.84 -63.99
C HIS F 169 -39.67 -34.76 -63.73
N THR F 170 -38.59 -34.21 -63.17
CA THR F 170 -37.44 -35.04 -62.79
C THR F 170 -37.51 -35.19 -61.29
N PHE F 171 -37.81 -36.39 -60.85
CA PHE F 171 -38.00 -36.67 -59.43
C PHE F 171 -36.71 -36.67 -58.64
N PRO F 172 -36.76 -36.33 -57.33
CA PRO F 172 -35.54 -36.47 -56.51
C PRO F 172 -35.12 -37.94 -56.46
N ALA F 173 -33.82 -38.20 -56.38
CA ALA F 173 -33.30 -39.56 -56.32
C ALA F 173 -33.67 -40.26 -55.00
N VAL F 174 -33.84 -41.58 -55.04
CA VAL F 174 -34.05 -42.36 -53.83
C VAL F 174 -32.79 -43.22 -53.63
N LEU F 175 -32.37 -43.40 -52.37
CA LEU F 175 -31.23 -44.23 -52.06
C LEU F 175 -31.76 -45.63 -51.84
N GLN F 176 -31.40 -46.56 -52.70
CA GLN F 176 -31.85 -47.95 -52.59
C GLN F 176 -31.07 -48.68 -51.50
N SER F 177 -31.57 -49.82 -51.03
CA SER F 177 -30.91 -50.62 -50.00
C SER F 177 -29.49 -51.08 -50.42
N SER F 178 -29.24 -51.14 -51.74
CA SER F 178 -27.93 -51.50 -52.27
C SER F 178 -26.86 -50.40 -52.06
N GLY F 179 -27.29 -49.21 -51.67
CA GLY F 179 -26.38 -48.08 -51.52
C GLY F 179 -26.23 -47.25 -52.78
N LEU F 180 -26.98 -47.62 -53.85
CA LEU F 180 -26.98 -46.90 -55.12
C LEU F 180 -28.28 -46.11 -55.24
N TYR F 181 -28.19 -45.00 -55.93
CA TYR F 181 -29.33 -44.13 -56.15
C TYR F 181 -30.11 -44.54 -57.39
N SER F 182 -31.35 -44.08 -57.46
CA SER F 182 -32.20 -44.30 -58.61
C SER F 182 -33.17 -43.10 -58.73
N LEU F 183 -33.45 -42.64 -59.94
CA LEU F 183 -34.47 -41.61 -60.16
C LEU F 183 -35.18 -41.79 -61.48
N SER F 184 -36.39 -41.22 -61.60
CA SER F 184 -37.08 -41.22 -62.87
C SER F 184 -37.26 -39.78 -63.33
N SER F 185 -37.28 -39.59 -64.63
CA SER F 185 -37.60 -38.32 -65.24
C SER F 185 -38.70 -38.63 -66.23
N VAL F 186 -39.83 -37.92 -66.15
CA VAL F 186 -40.96 -38.17 -67.04
C VAL F 186 -41.38 -36.88 -67.77
N VAL F 187 -42.17 -37.03 -68.83
CA VAL F 187 -42.73 -35.90 -69.56
C VAL F 187 -44.10 -36.30 -70.12
N THR F 188 -45.09 -35.39 -70.06
CA THR F 188 -46.36 -35.65 -70.69
C THR F 188 -46.35 -34.89 -72.01
N VAL F 189 -46.61 -35.61 -73.10
CA VAL F 189 -46.60 -35.13 -74.47
C VAL F 189 -47.95 -35.48 -75.17
N PRO F 190 -48.33 -34.76 -76.26
CA PRO F 190 -49.58 -35.11 -76.97
C PRO F 190 -49.45 -36.51 -77.58
N SER F 191 -50.49 -37.35 -77.47
CA SER F 191 -50.45 -38.70 -78.06
C SER F 191 -50.16 -38.66 -79.57
N SER F 192 -50.65 -37.61 -80.26
CA SER F 192 -50.44 -37.43 -81.70
C SER F 192 -48.98 -37.26 -82.09
N SER F 193 -48.12 -36.86 -81.15
CA SER F 193 -46.71 -36.65 -81.42
C SER F 193 -45.86 -37.91 -81.30
N LEU F 194 -46.39 -39.01 -80.74
CA LEU F 194 -45.63 -40.22 -80.49
C LEU F 194 -44.97 -40.85 -81.72
N GLY F 195 -45.66 -40.85 -82.85
CA GLY F 195 -45.09 -41.41 -84.08
C GLY F 195 -44.32 -40.41 -84.93
N THR F 196 -44.33 -39.13 -84.55
CA THR F 196 -43.69 -38.08 -85.34
C THR F 196 -42.45 -37.47 -84.66
N GLN F 197 -42.60 -37.11 -83.38
CA GLN F 197 -41.55 -36.44 -82.64
C GLN F 197 -40.64 -37.42 -81.92
N THR F 198 -39.32 -37.25 -82.05
CA THR F 198 -38.37 -38.08 -81.33
C THR F 198 -38.23 -37.55 -79.90
N TYR F 199 -38.14 -38.46 -78.93
CA TYR F 199 -37.96 -38.07 -77.53
C TYR F 199 -36.72 -38.72 -76.99
N ILE F 200 -35.74 -37.92 -76.54
CA ILE F 200 -34.50 -38.45 -76.02
C ILE F 200 -34.21 -37.83 -74.67
N CYS F 201 -33.94 -38.66 -73.65
CA CYS F 201 -33.53 -38.11 -72.36
C CYS F 201 -32.00 -38.12 -72.36
N ASN F 202 -31.38 -37.00 -72.02
CA ASN F 202 -29.93 -36.85 -71.95
C ASN F 202 -29.54 -36.94 -70.49
N VAL F 203 -28.84 -38.00 -70.12
CA VAL F 203 -28.44 -38.22 -68.72
C VAL F 203 -26.95 -38.00 -68.60
N ASN F 204 -26.55 -37.21 -67.61
CA ASN F 204 -25.14 -36.97 -67.36
C ASN F 204 -24.84 -37.30 -65.90
N HIS F 205 -23.83 -38.13 -65.65
CA HIS F 205 -23.37 -38.47 -64.32
C HIS F 205 -21.89 -38.09 -64.30
N LYS F 206 -21.58 -36.84 -63.95
CA LYS F 206 -20.21 -36.33 -63.96
C LYS F 206 -19.26 -37.13 -63.08
N PRO F 207 -19.64 -37.60 -61.86
CA PRO F 207 -18.68 -38.37 -61.06
C PRO F 207 -18.05 -39.58 -61.75
N SER F 208 -18.76 -40.24 -62.66
CA SER F 208 -18.23 -41.40 -63.39
C SER F 208 -17.99 -41.10 -64.88
N ASN F 209 -18.11 -39.83 -65.31
CA ASN F 209 -18.00 -39.41 -66.70
C ASN F 209 -18.92 -40.20 -67.61
N THR F 210 -20.16 -40.45 -67.15
CA THR F 210 -21.14 -41.20 -67.92
C THR F 210 -22.14 -40.26 -68.58
N LYS F 211 -22.33 -40.40 -69.90
CA LYS F 211 -23.30 -39.61 -70.64
C LYS F 211 -24.11 -40.59 -71.45
N VAL F 212 -25.43 -40.58 -71.29
CA VAL F 212 -26.29 -41.49 -72.03
C VAL F 212 -27.39 -40.68 -72.69
N ASP F 213 -27.63 -40.88 -73.99
CA ASP F 213 -28.72 -40.24 -74.69
C ASP F 213 -29.64 -41.37 -75.08
N LYS F 214 -30.75 -41.52 -74.37
CA LYS F 214 -31.66 -42.63 -74.63
C LYS F 214 -32.90 -42.21 -75.40
N LYS F 215 -33.14 -42.84 -76.57
CA LYS F 215 -34.36 -42.56 -77.31
C LYS F 215 -35.51 -43.34 -76.66
N VAL F 216 -36.65 -42.70 -76.43
CA VAL F 216 -37.81 -43.35 -75.81
C VAL F 216 -38.91 -43.44 -76.82
N GLU F 217 -39.34 -44.68 -77.11
CA GLU F 217 -40.35 -44.91 -78.13
C GLU F 217 -41.42 -45.89 -77.68
N PRO F 218 -42.62 -45.86 -78.30
CA PRO F 218 -43.65 -46.87 -77.97
C PRO F 218 -43.12 -48.26 -78.28
N LYS F 219 -43.28 -49.21 -77.35
CA LYS F 219 -42.76 -50.55 -77.53
C LYS F 219 -43.48 -51.30 -78.66
N PRO G 9 26.39 23.70 -3.14
CA PRO G 9 27.37 23.58 -4.24
C PRO G 9 27.64 22.12 -4.60
N ARG G 10 27.91 21.86 -5.89
CA ARG G 10 28.19 20.52 -6.40
C ARG G 10 29.47 19.93 -5.83
N THR G 11 30.53 20.74 -5.70
CA THR G 11 31.79 20.28 -5.15
C THR G 11 32.20 21.13 -3.94
N VAL G 12 32.47 20.47 -2.80
CA VAL G 12 32.96 21.18 -1.62
C VAL G 12 34.36 20.69 -1.24
N MET G 13 35.17 21.54 -0.60
CA MET G 13 36.50 21.13 -0.17
C MET G 13 36.35 20.60 1.25
N VAL G 14 36.89 19.41 1.52
CA VAL G 14 36.84 18.85 2.87
C VAL G 14 38.24 18.55 3.35
N ASN G 15 38.61 19.11 4.51
CA ASN G 15 39.90 18.86 5.12
C ASN G 15 39.70 17.58 5.95
N LEU G 16 40.35 16.47 5.58
CA LEU G 16 40.23 15.20 6.29
C LEU G 16 40.92 15.15 7.65
N ASN G 17 41.77 16.14 7.97
CA ASN G 17 42.50 16.16 9.23
C ASN G 17 41.59 16.57 10.39
N ILE G 18 41.24 15.61 11.24
CA ILE G 18 40.40 15.85 12.40
C ILE G 18 41.23 16.49 13.52
N HIS G 19 40.75 17.63 14.05
CA HIS G 19 41.43 18.35 15.13
C HIS G 19 41.03 17.82 16.51
N SER G 30 33.22 3.42 24.92
CA SER G 30 33.19 1.98 25.10
C SER G 30 32.27 1.58 26.29
N SER G 31 31.49 0.53 26.11
CA SER G 31 30.58 0.02 27.15
C SER G 31 30.22 -1.44 26.85
N ASP G 32 29.64 -2.12 27.85
CA ASP G 32 29.20 -3.49 27.64
C ASP G 32 27.65 -3.58 27.64
N TYR G 33 26.97 -2.51 27.21
CA TYR G 33 25.50 -2.49 27.09
C TYR G 33 25.03 -3.58 26.14
N TYR G 34 25.80 -3.83 25.06
CA TYR G 34 25.50 -4.91 24.11
C TYR G 34 25.33 -6.27 24.78
N ASN G 35 25.98 -6.48 25.94
CA ASN G 35 25.96 -7.72 26.68
C ASN G 35 24.98 -7.72 27.85
N ARG G 36 24.88 -6.60 28.57
CA ARG G 36 24.01 -6.48 29.72
C ARG G 36 22.53 -6.15 29.39
N SER G 37 22.26 -5.77 28.16
CA SER G 37 20.92 -5.39 27.71
C SER G 37 19.92 -6.53 27.77
N THR G 38 18.63 -6.21 28.00
CA THR G 38 17.57 -7.23 27.90
C THR G 38 17.34 -7.58 26.40
N SER G 39 17.81 -6.73 25.47
CA SER G 39 17.77 -6.99 24.03
C SER G 39 19.24 -6.98 23.58
N PRO G 40 20.08 -7.95 24.01
CA PRO G 40 21.50 -7.88 23.70
C PRO G 40 21.81 -8.09 22.23
N TRP G 41 22.96 -7.60 21.81
CA TRP G 41 23.37 -7.68 20.43
C TRP G 41 24.84 -8.07 20.29
N ASN G 42 25.21 -8.48 19.07
CA ASN G 42 26.57 -8.75 18.69
C ASN G 42 26.96 -7.62 17.74
N LEU G 43 28.22 -7.23 17.75
CA LEU G 43 28.69 -6.17 16.85
C LEU G 43 29.51 -6.77 15.73
N HIS G 44 29.35 -6.25 14.52
CA HIS G 44 30.04 -6.78 13.36
C HIS G 44 30.77 -5.66 12.67
N ARG G 45 32.03 -5.91 12.34
CA ARG G 45 32.88 -4.94 11.72
C ARG G 45 32.60 -4.82 10.22
N ASN G 46 31.89 -3.78 9.81
CA ASN G 46 31.63 -3.52 8.41
C ASN G 46 32.85 -2.73 7.95
N GLU G 47 33.64 -3.32 7.05
CA GLU G 47 34.87 -2.69 6.61
C GLU G 47 34.88 -2.41 5.14
N ASP G 48 35.25 -1.19 4.75
CA ASP G 48 35.34 -0.78 3.37
C ASP G 48 36.55 0.16 3.25
N PRO G 49 37.66 -0.31 2.67
CA PRO G 49 38.86 0.55 2.55
C PRO G 49 38.71 1.79 1.67
N GLU G 50 37.63 1.87 0.90
CA GLU G 50 37.39 3.05 0.05
C GLU G 50 36.39 4.01 0.66
N ARG G 51 36.18 3.93 1.97
CA ARG G 51 35.17 4.74 2.61
C ARG G 51 35.67 5.40 3.91
N TYR G 52 35.14 6.59 4.23
CA TYR G 52 35.37 7.27 5.49
C TYR G 52 34.05 7.27 6.21
N PRO G 53 33.95 6.64 7.39
CA PRO G 53 34.96 5.84 8.06
C PRO G 53 35.13 4.47 7.42
N SER G 54 36.35 3.93 7.42
CA SER G 54 36.58 2.60 6.84
C SER G 54 35.86 1.50 7.62
N VAL G 55 35.72 1.67 8.92
CA VAL G 55 35.03 0.69 9.76
C VAL G 55 33.76 1.27 10.39
N ILE G 56 32.65 0.57 10.25
CA ILE G 56 31.39 0.91 10.88
C ILE G 56 30.94 -0.32 11.65
N TRP G 57 30.67 -0.18 12.94
CA TRP G 57 30.22 -1.31 13.75
C TRP G 57 28.71 -1.43 13.65
N GLU G 58 28.19 -2.57 13.19
CA GLU G 58 26.76 -2.74 13.04
C GLU G 58 26.23 -3.85 13.94
N ALA G 59 25.06 -3.61 14.53
CA ALA G 59 24.51 -4.50 15.51
C ALA G 59 23.50 -5.45 14.96
N LYS G 60 23.51 -6.68 15.48
CA LYS G 60 22.52 -7.66 15.10
C LYS G 60 22.02 -8.21 16.44
N CYS G 61 20.71 -8.09 16.70
CA CYS G 61 20.10 -8.59 17.94
C CYS G 61 20.34 -10.09 18.08
N ARG G 62 20.64 -10.55 19.28
CA ARG G 62 20.90 -11.96 19.53
C ARG G 62 19.64 -12.79 19.55
N HIS G 63 18.58 -12.24 20.16
CA HIS G 63 17.35 -13.00 20.35
C HIS G 63 16.17 -12.34 19.68
N LEU G 64 15.08 -13.11 19.52
CA LEU G 64 13.82 -12.59 19.00
C LEU G 64 13.07 -11.92 20.16
N GLY G 65 13.03 -12.57 21.32
CA GLY G 65 12.41 -12.00 22.52
C GLY G 65 13.37 -11.12 23.29
N CYS G 66 13.04 -10.85 24.56
CA CYS G 66 13.87 -10.05 25.46
C CYS G 66 14.15 -10.86 26.72
N ILE G 67 15.29 -10.61 27.37
CA ILE G 67 15.65 -11.30 28.59
C ILE G 67 14.89 -10.74 29.80
N ASN G 68 14.27 -11.64 30.60
CA ASN G 68 13.51 -11.23 31.77
C ASN G 68 14.37 -11.21 33.06
N ALA G 69 13.77 -10.87 34.23
CA ALA G 69 14.48 -10.85 35.52
C ALA G 69 15.10 -12.21 35.91
N ASP G 70 14.56 -13.31 35.38
CA ASP G 70 15.08 -14.64 35.68
C ASP G 70 16.15 -15.13 34.68
N GLY G 71 16.56 -14.28 33.74
CA GLY G 71 17.58 -14.66 32.76
C GLY G 71 17.07 -15.48 31.57
N ASN G 72 15.74 -15.63 31.46
CA ASN G 72 15.15 -16.38 30.35
C ASN G 72 14.64 -15.43 29.25
N VAL G 73 14.54 -15.94 28.02
CA VAL G 73 14.02 -15.15 26.91
C VAL G 73 12.48 -15.14 26.98
N ASP G 74 11.91 -13.94 27.08
CA ASP G 74 10.46 -13.72 27.12
C ASP G 74 10.05 -13.35 25.70
N TYR G 75 9.21 -14.18 25.09
CA TYR G 75 8.75 -13.97 23.72
C TYR G 75 7.53 -13.05 23.60
N HIS G 76 7.00 -12.57 24.72
CA HIS G 76 5.91 -11.58 24.66
C HIS G 76 6.44 -10.17 24.32
N MET G 77 7.75 -9.98 24.36
CA MET G 77 8.39 -8.73 23.95
C MET G 77 9.40 -9.07 22.86
N ASN G 78 9.93 -8.06 22.13
CA ASN G 78 10.85 -8.34 21.05
C ASN G 78 12.07 -7.48 21.07
N SER G 79 13.21 -8.02 20.66
CA SER G 79 14.41 -7.23 20.50
C SER G 79 14.34 -6.68 19.08
N VAL G 80 14.60 -5.40 18.90
CA VAL G 80 14.58 -4.80 17.61
C VAL G 80 15.81 -3.91 17.49
N PRO G 81 16.41 -3.83 16.30
CA PRO G 81 17.54 -2.93 16.12
C PRO G 81 17.12 -1.46 16.09
N ILE G 82 17.97 -0.58 16.59
CA ILE G 82 17.80 0.87 16.51
C ILE G 82 18.67 1.30 15.36
N GLN G 83 18.05 1.84 14.28
CA GLN G 83 18.81 2.21 13.11
C GLN G 83 18.98 3.69 13.01
N GLN G 84 20.15 4.13 12.60
CA GLN G 84 20.47 5.54 12.53
C GLN G 84 21.10 5.84 11.16
N GLU G 85 20.61 6.87 10.51
CA GLU G 85 21.15 7.31 9.23
C GLU G 85 22.40 8.12 9.50
N ILE G 86 23.52 7.71 8.90
CA ILE G 86 24.81 8.40 9.08
C ILE G 86 25.44 8.77 7.74
N LEU G 87 26.35 9.74 7.76
CA LEU G 87 27.07 10.17 6.57
C LEU G 87 28.37 9.40 6.44
N VAL G 88 28.74 9.07 5.21
CA VAL G 88 30.01 8.43 4.91
C VAL G 88 30.57 9.09 3.62
N LEU G 89 31.87 8.98 3.42
CA LEU G 89 32.50 9.46 2.18
C LEU G 89 32.91 8.23 1.39
N ARG G 90 32.58 8.15 0.12
CA ARG G 90 32.94 7.01 -0.71
C ARG G 90 33.85 7.48 -1.83
N ARG G 91 34.99 6.81 -2.00
CA ARG G 91 35.98 7.19 -3.00
C ARG G 91 35.40 7.05 -4.38
N GLU G 92 35.55 8.11 -5.18
CA GLU G 92 35.02 8.16 -6.54
C GLU G 92 35.86 7.37 -7.55
N PRO G 93 35.27 6.97 -8.70
CA PRO G 93 36.06 6.32 -9.75
C PRO G 93 37.22 7.22 -10.24
N PRO G 94 38.32 6.60 -10.72
CA PRO G 94 39.52 7.36 -11.12
C PRO G 94 39.37 8.66 -11.93
N HIS G 95 38.47 8.71 -12.92
CA HIS G 95 38.31 9.89 -13.78
C HIS G 95 37.62 11.12 -13.14
N SER G 96 36.67 10.87 -12.20
CA SER G 96 35.77 11.83 -11.52
C SER G 96 36.32 13.22 -11.21
N PRO G 97 35.49 14.27 -11.38
CA PRO G 97 35.92 15.65 -11.07
C PRO G 97 36.13 15.94 -9.58
N ASN G 98 35.69 15.02 -8.71
CA ASN G 98 35.88 15.10 -7.26
C ASN G 98 36.41 13.76 -6.73
N SER G 99 37.14 13.78 -5.62
CA SER G 99 37.75 12.58 -5.08
C SER G 99 36.78 11.66 -4.32
N PHE G 100 35.79 12.24 -3.62
CA PHE G 100 34.83 11.48 -2.82
C PHE G 100 33.39 11.96 -3.07
N ARG G 101 32.42 11.12 -2.72
CA ARG G 101 31.02 11.49 -2.78
C ARG G 101 30.39 11.29 -1.39
N LEU G 102 29.57 12.27 -0.94
CA LEU G 102 28.92 12.16 0.34
C LEU G 102 27.74 11.22 0.15
N GLU G 103 27.59 10.27 1.06
CA GLU G 103 26.57 9.24 0.97
C GLU G 103 25.89 9.07 2.35
N LYS G 104 24.64 8.62 2.38
CA LYS G 104 23.92 8.37 3.63
C LYS G 104 23.60 6.89 3.73
N ILE G 105 23.89 6.27 4.89
CA ILE G 105 23.59 4.84 5.08
C ILE G 105 22.87 4.60 6.39
N LEU G 106 22.07 3.56 6.45
CA LEU G 106 21.31 3.22 7.64
C LEU G 106 22.08 2.17 8.41
N VAL G 107 22.44 2.49 9.63
CA VAL G 107 23.26 1.61 10.45
C VAL G 107 22.53 1.18 11.71
N SER G 108 22.49 -0.11 12.00
CA SER G 108 21.92 -0.62 13.23
C SER G 108 22.99 -0.41 14.33
N VAL G 109 22.72 0.44 15.31
CA VAL G 109 23.70 0.79 16.34
C VAL G 109 23.61 -0.08 17.62
N GLY G 110 22.48 -0.70 17.82
CA GLY G 110 22.24 -1.56 18.96
C GLY G 110 20.81 -1.99 18.94
N CYS G 111 20.35 -2.63 20.01
CA CYS G 111 18.99 -3.10 20.07
C CYS G 111 18.25 -2.59 21.30
N THR G 112 16.92 -2.47 21.16
CA THR G 112 16.03 -2.10 22.24
C THR G 112 14.94 -3.18 22.36
N CYS G 113 14.25 -3.22 23.48
CA CYS G 113 13.19 -4.19 23.67
C CYS G 113 11.85 -3.47 23.49
N VAL G 114 10.92 -3.99 22.66
CA VAL G 114 9.64 -3.35 22.45
C VAL G 114 8.49 -4.24 22.92
N THR G 115 7.49 -3.65 23.56
CA THR G 115 6.29 -4.37 23.98
C THR G 115 5.30 -4.47 22.81
N PRO G 116 4.36 -5.43 22.83
CA PRO G 116 3.42 -5.56 21.70
C PRO G 116 2.50 -4.34 21.53
N ILE G 117 2.20 -3.65 22.63
CA ILE G 117 1.39 -2.44 22.65
C ILE G 117 2.00 -1.41 23.63
N VAL G 118 1.74 -0.09 23.43
CA VAL G 118 2.29 0.96 24.31
C VAL G 118 1.78 0.86 25.76
N HIS G 119 2.67 1.09 26.72
CA HIS G 119 2.30 1.09 28.12
C HIS G 119 2.28 2.56 28.54
N HIS G 120 1.11 3.07 28.98
CA HIS G 120 0.98 4.47 29.35
C HIS G 120 1.43 4.71 30.79
N VAL G 121 2.70 5.07 30.99
CA VAL G 121 3.23 5.31 32.34
C VAL G 121 2.85 6.71 32.85
N GLU H 1 36.68 32.72 22.08
CA GLU H 1 36.81 31.90 23.29
C GLU H 1 35.45 31.34 23.65
N VAL H 2 35.37 30.05 24.01
CA VAL H 2 34.11 29.47 24.45
C VAL H 2 33.86 29.93 25.89
N GLN H 3 32.74 30.64 26.13
CA GLN H 3 32.43 31.12 27.46
C GLN H 3 30.95 31.34 27.70
N LEU H 4 30.61 31.50 28.97
CA LEU H 4 29.30 31.85 29.46
C LEU H 4 29.54 33.10 30.31
N VAL H 5 28.87 34.20 30.01
CA VAL H 5 29.01 35.43 30.77
C VAL H 5 27.70 35.75 31.42
N GLN H 6 27.71 35.83 32.76
CA GLN H 6 26.54 36.12 33.54
C GLN H 6 26.39 37.60 33.87
N SER H 7 25.14 38.02 34.12
CA SER H 7 24.83 39.38 34.50
C SER H 7 25.41 39.69 35.91
N GLY H 8 25.57 40.99 36.22
CA GLY H 8 26.17 41.46 37.46
C GLY H 8 25.44 41.15 38.75
N ALA H 9 26.12 41.38 39.87
CA ALA H 9 25.58 41.16 41.22
C ALA H 9 24.26 41.92 41.46
N GLU H 10 23.39 41.31 42.26
CA GLU H 10 22.08 41.86 42.55
C GLU H 10 21.86 42.00 44.04
N VAL H 11 21.21 43.08 44.44
CA VAL H 11 20.84 43.36 45.83
C VAL H 11 19.36 43.67 45.79
N LYS H 12 18.53 42.80 46.36
CA LYS H 12 17.09 42.92 46.28
C LYS H 12 16.43 42.84 47.66
N LYS H 13 15.14 43.21 47.74
CA LYS H 13 14.37 43.11 48.96
C LYS H 13 13.47 41.87 48.88
N PRO H 14 13.08 41.26 50.02
CA PRO H 14 12.14 40.13 49.97
C PRO H 14 10.82 40.50 49.28
N GLY H 15 10.29 39.61 48.47
CA GLY H 15 9.06 39.86 47.74
C GLY H 15 9.28 40.40 46.33
N GLU H 16 10.48 40.94 46.05
CA GLU H 16 10.78 41.47 44.73
C GLU H 16 11.07 40.38 43.71
N SER H 17 10.86 40.70 42.46
CA SER H 17 11.13 39.78 41.36
C SER H 17 12.56 40.03 40.83
N LEU H 18 13.14 39.04 40.16
CA LEU H 18 14.50 39.13 39.64
C LEU H 18 14.70 38.22 38.43
N LYS H 19 15.37 38.71 37.38
CA LYS H 19 15.73 37.89 36.24
C LYS H 19 17.24 38.05 36.06
N ILE H 20 18.01 36.95 36.15
CA ILE H 20 19.44 37.00 35.90
C ILE H 20 19.73 36.26 34.59
N SER H 21 20.77 36.71 33.84
CA SER H 21 21.06 36.12 32.54
C SER H 21 22.44 35.41 32.44
N CYS H 22 22.58 34.60 31.41
CA CYS H 22 23.76 33.79 31.13
C CYS H 22 23.90 33.76 29.60
N LYS H 23 24.86 34.50 29.05
CA LYS H 23 25.06 34.52 27.60
C LYS H 23 26.24 33.63 27.14
N GLY H 24 26.00 32.74 26.18
CA GLY H 24 27.05 31.92 25.62
C GLY H 24 27.64 32.57 24.38
N SER H 25 28.91 32.29 24.11
CA SER H 25 29.60 32.72 22.90
C SER H 25 30.73 31.74 22.58
N GLY H 26 31.09 31.69 21.31
CA GLY H 26 32.18 30.84 20.85
C GLY H 26 31.77 29.40 20.63
N TYR H 27 30.47 29.09 20.72
CA TYR H 27 29.96 27.74 20.50
C TYR H 27 28.47 27.76 20.08
N SER H 28 27.92 26.61 19.60
CA SER H 28 26.52 26.55 19.23
C SER H 28 25.65 26.44 20.47
N PHE H 29 24.97 27.54 20.84
CA PHE H 29 24.11 27.57 22.03
C PHE H 29 22.95 26.55 21.94
N THR H 30 22.58 26.15 20.71
CA THR H 30 21.51 25.18 20.46
C THR H 30 22.04 23.72 20.33
N SER H 31 23.28 23.46 20.75
CA SER H 31 23.84 22.11 20.73
C SER H 31 24.12 21.54 22.14
N TYR H 32 23.86 22.33 23.17
CA TYR H 32 24.16 21.96 24.54
C TYR H 32 23.04 22.33 25.47
N TRP H 33 23.00 21.69 26.63
CA TRP H 33 22.08 22.06 27.67
C TRP H 33 22.75 23.14 28.53
N ILE H 34 21.94 23.84 29.33
CA ILE H 34 22.40 24.81 30.31
C ILE H 34 21.80 24.35 31.63
N GLY H 35 22.63 24.30 32.65
CA GLY H 35 22.20 23.98 34.01
C GLY H 35 22.36 25.23 34.85
N TRP H 36 21.53 25.38 35.91
CA TRP H 36 21.62 26.48 36.86
C TRP H 36 21.91 25.82 38.22
N VAL H 37 22.91 26.35 38.94
CA VAL H 37 23.39 25.79 40.18
C VAL H 37 23.47 26.88 41.20
N ARG H 38 22.96 26.62 42.40
CA ARG H 38 22.99 27.57 43.49
C ARG H 38 24.15 27.18 44.47
N GLN H 39 24.81 28.20 45.04
CA GLN H 39 25.81 27.94 46.04
C GLN H 39 25.67 28.94 47.19
N MET H 40 25.10 28.50 48.30
CA MET H 40 24.98 29.37 49.48
C MET H 40 26.37 29.61 50.07
N PRO H 41 26.62 30.77 50.72
CA PRO H 41 27.98 31.07 51.20
C PRO H 41 28.57 29.97 52.10
N GLY H 42 29.75 29.49 51.72
CA GLY H 42 30.44 28.42 52.43
C GLY H 42 29.82 27.04 52.33
N LYS H 43 28.87 26.83 51.41
CA LYS H 43 28.18 25.55 51.28
C LYS H 43 28.48 24.85 49.93
N GLY H 44 27.85 23.71 49.68
CA GLY H 44 28.04 22.97 48.44
C GLY H 44 27.25 23.46 47.24
N LEU H 45 27.32 22.70 46.15
CA LEU H 45 26.64 23.00 44.91
C LEU H 45 25.29 22.35 44.86
N GLU H 46 24.22 23.13 44.58
CA GLU H 46 22.87 22.53 44.49
C GLU H 46 22.32 22.78 43.12
N TRP H 47 21.81 21.73 42.44
N TRP H 47 21.82 21.75 42.46
CA TRP H 47 21.20 21.95 41.12
CA TRP H 47 21.22 21.91 41.14
C TRP H 47 19.83 22.60 41.27
C TRP H 47 19.83 22.58 41.26
N MET H 48 19.53 23.54 40.39
CA MET H 48 18.23 24.21 40.40
C MET H 48 17.36 23.70 39.26
N GLY H 49 17.96 23.59 38.08
CA GLY H 49 17.26 23.05 36.92
C GLY H 49 18.07 23.19 35.66
N ILE H 50 17.50 22.73 34.56
CA ILE H 50 18.15 22.70 33.26
C ILE H 50 17.21 23.18 32.15
N ILE H 51 17.82 23.57 31.01
CA ILE H 51 17.12 23.97 29.80
C ILE H 51 17.94 23.58 28.61
N TYR H 52 17.28 23.12 27.54
CA TYR H 52 17.93 22.83 26.27
C TYR H 52 17.52 24.00 25.40
N PRO H 53 18.37 25.01 25.24
CA PRO H 53 17.96 26.22 24.49
C PRO H 53 17.41 26.02 23.08
N SER H 54 17.79 24.93 22.41
CA SER H 54 17.30 24.66 21.06
C SER H 54 15.76 24.50 21.03
N ASP H 55 15.18 23.84 22.02
CA ASP H 55 13.73 23.61 22.04
C ASP H 55 13.01 24.08 23.31
N SER H 56 13.75 24.74 24.22
CA SER H 56 13.29 25.21 25.52
C SER H 56 12.73 24.09 26.42
N ASP H 57 13.22 22.83 26.27
CA ASP H 57 12.84 21.74 27.19
C ASP H 57 13.44 22.09 28.55
N THR H 58 12.63 22.12 29.60
CA THR H 58 13.09 22.56 30.91
C THR H 58 12.73 21.55 31.98
N ARG H 59 13.64 21.30 32.91
CA ARG H 59 13.39 20.41 34.05
C ARG H 59 13.88 21.13 35.31
N TYR H 60 13.21 20.92 36.44
CA TYR H 60 13.62 21.57 37.69
C TYR H 60 13.90 20.57 38.75
N SER H 61 14.75 20.92 39.69
CA SER H 61 14.95 20.13 40.90
C SER H 61 13.62 20.23 41.70
N PRO H 62 13.16 19.14 42.33
CA PRO H 62 11.95 19.24 43.17
C PRO H 62 12.04 20.35 44.23
N SER H 63 13.25 20.70 44.67
CA SER H 63 13.44 21.76 45.67
C SER H 63 13.16 23.17 45.14
N PHE H 64 13.19 23.35 43.81
CA PHE H 64 13.00 24.69 43.23
C PHE H 64 11.79 24.83 42.31
N GLN H 65 11.12 23.72 41.95
CA GLN H 65 9.96 23.71 41.06
C GLN H 65 8.85 24.62 41.64
N GLY H 66 8.31 25.51 40.81
CA GLY H 66 7.30 26.46 41.23
C GLY H 66 7.86 27.75 41.80
N GLN H 67 9.14 27.75 42.20
CA GLN H 67 9.77 28.93 42.79
C GLN H 67 10.50 29.79 41.77
N VAL H 68 10.96 29.18 40.69
CA VAL H 68 11.73 29.86 39.65
C VAL H 68 11.29 29.44 38.27
N THR H 69 11.66 30.24 37.26
CA THR H 69 11.42 29.90 35.89
C THR H 69 12.78 30.00 35.22
N ILE H 70 13.11 28.99 34.43
CA ILE H 70 14.31 28.97 33.62
C ILE H 70 13.85 29.10 32.18
N SER H 71 14.45 30.02 31.43
CA SER H 71 14.06 30.24 30.04
C SER H 71 15.28 30.53 29.19
N ALA H 72 15.09 30.61 27.87
CA ALA H 72 16.18 30.89 26.97
C ALA H 72 15.69 31.63 25.76
N ASP H 73 16.53 32.50 25.23
CA ASP H 73 16.31 33.22 23.99
C ASP H 73 17.49 32.81 23.11
N LYS H 74 17.28 31.79 22.26
CA LYS H 74 18.34 31.28 21.40
C LYS H 74 18.79 32.25 20.34
N SER H 75 17.96 33.26 19.97
CA SER H 75 18.38 34.27 18.98
C SER H 75 19.55 35.12 19.49
N ILE H 76 19.69 35.26 20.83
CA ILE H 76 20.80 36.01 21.42
C ILE H 76 21.69 35.13 22.33
N SER H 77 21.61 33.79 22.16
CA SER H 77 22.38 32.81 22.90
C SER H 77 22.37 33.05 24.41
N THR H 78 21.18 33.34 24.98
CA THR H 78 21.08 33.66 26.39
C THR H 78 20.09 32.79 27.13
N ALA H 79 20.43 32.35 28.34
CA ALA H 79 19.54 31.59 29.21
C ALA H 79 19.26 32.49 30.43
N TYR H 80 18.13 32.29 31.08
CA TYR H 80 17.71 33.13 32.20
C TYR H 80 17.24 32.28 33.36
N LEU H 81 17.34 32.85 34.55
CA LEU H 81 16.85 32.30 35.82
C LEU H 81 16.00 33.43 36.43
N GLN H 82 14.71 33.19 36.64
CA GLN H 82 13.77 34.22 37.10
C GLN H 82 13.01 33.83 38.36
N TRP H 83 12.86 34.78 39.31
CA TRP H 83 12.05 34.60 40.51
C TRP H 83 10.90 35.60 40.44
N SER H 84 9.73 35.23 40.96
CA SER H 84 8.62 36.18 41.08
C SER H 84 8.70 36.85 42.46
N SER H 85 9.07 36.10 43.50
CA SER H 85 9.10 36.62 44.86
C SER H 85 10.33 36.12 45.63
N LEU H 86 11.37 36.95 45.73
CA LEU H 86 12.59 36.57 46.43
C LEU H 86 12.42 36.46 47.95
N LYS H 87 13.21 35.61 48.57
CA LYS H 87 13.24 35.46 50.04
C LYS H 87 14.70 35.62 50.47
N ALA H 88 14.94 35.94 51.75
CA ALA H 88 16.31 36.10 52.29
C ALA H 88 17.13 34.83 52.08
N SER H 89 16.47 33.66 52.10
CA SER H 89 17.09 32.35 51.87
C SER H 89 17.59 32.17 50.42
N ASP H 90 17.23 33.06 49.49
CA ASP H 90 17.75 33.05 48.11
C ASP H 90 19.11 33.75 48.00
N THR H 91 19.66 34.29 49.11
CA THR H 91 20.97 34.93 49.14
C THR H 91 22.01 33.84 48.89
N ALA H 92 22.65 33.89 47.72
CA ALA H 92 23.55 32.85 47.26
C ALA H 92 24.22 33.28 45.96
N MET H 93 25.28 32.56 45.55
CA MET H 93 25.92 32.72 44.25
C MET H 93 25.14 31.77 43.31
N TYR H 94 24.90 32.19 42.09
CA TYR H 94 24.20 31.39 41.11
C TYR H 94 25.09 31.23 39.92
N TYR H 95 25.31 29.99 39.50
CA TYR H 95 26.12 29.73 38.33
C TYR H 95 25.27 29.12 37.24
N CYS H 96 25.63 29.41 35.99
CA CYS H 96 25.07 28.69 34.87
C CYS H 96 26.25 27.89 34.30
N ALA H 97 25.96 26.73 33.73
CA ALA H 97 27.00 25.89 33.16
C ALA H 97 26.46 25.11 31.99
N ARG H 98 27.30 24.94 31.02
CA ARG H 98 26.97 24.19 29.81
C ARG H 98 27.31 22.74 29.99
N TYR H 99 26.51 21.86 29.38
CA TYR H 99 26.85 20.46 29.35
C TYR H 99 26.22 19.82 28.11
N PRO H 100 26.96 18.97 27.40
CA PRO H 100 26.35 18.26 26.26
C PRO H 100 25.48 17.14 26.82
N ASN H 101 24.59 16.57 26.00
CA ASN H 101 23.71 15.45 26.40
C ASN H 101 24.58 14.30 26.97
N TYR H 102 24.31 13.84 28.22
CA TYR H 102 25.11 12.79 28.87
C TYR H 102 26.59 13.17 29.00
N GLY H 103 26.83 14.43 29.30
CA GLY H 103 28.17 14.97 29.49
C GLY H 103 28.24 15.85 30.74
N ALA H 104 29.47 16.14 31.18
CA ALA H 104 29.76 16.94 32.37
C ALA H 104 29.64 18.45 32.10
N PHE H 105 29.53 19.27 33.14
CA PHE H 105 29.51 20.72 33.01
C PHE H 105 30.94 21.17 32.68
N ASP H 106 31.25 21.40 31.39
CA ASP H 106 32.61 21.77 31.01
C ASP H 106 32.88 23.27 31.00
N ILE H 107 31.86 24.08 30.72
CA ILE H 107 32.03 25.52 30.69
C ILE H 107 31.15 26.13 31.74
N TRP H 108 31.71 27.00 32.59
CA TRP H 108 30.98 27.62 33.68
C TRP H 108 30.97 29.12 33.55
N GLY H 109 29.84 29.73 33.90
CA GLY H 109 29.78 31.18 33.99
C GLY H 109 30.54 31.65 35.22
N GLN H 110 30.84 32.96 35.34
CA GLN H 110 31.57 33.49 36.49
C GLN H 110 30.73 33.61 37.77
N GLY H 111 29.44 33.32 37.69
CA GLY H 111 28.56 33.41 38.83
C GLY H 111 27.93 34.77 39.00
N THR H 112 26.73 34.79 39.55
CA THR H 112 26.00 36.03 39.84
C THR H 112 25.66 35.96 41.33
N MET H 113 26.18 36.91 42.11
CA MET H 113 25.85 36.94 43.53
C MET H 113 24.49 37.64 43.67
N VAL H 114 23.57 37.05 44.43
CA VAL H 114 22.27 37.66 44.66
C VAL H 114 22.13 37.80 46.19
N THR H 115 21.93 39.03 46.69
CA THR H 115 21.74 39.24 48.13
C THR H 115 20.29 39.70 48.33
N VAL H 116 19.54 39.07 49.23
CA VAL H 116 18.16 39.43 49.47
C VAL H 116 18.00 39.86 50.91
N SER H 117 17.61 41.10 51.11
CA SER H 117 17.48 41.67 52.46
C SER H 117 16.51 42.85 52.48
N SER H 118 15.83 43.03 53.61
CA SER H 118 14.94 44.19 53.79
C SER H 118 15.73 45.51 54.01
N ALA H 119 17.04 45.42 54.28
CA ALA H 119 17.90 46.56 54.52
C ALA H 119 18.19 47.38 53.27
N SER H 120 18.58 48.62 53.47
CA SER H 120 19.02 49.54 52.44
C SER H 120 20.53 49.78 52.72
N THR H 121 21.26 50.46 51.81
CA THR H 121 22.68 50.76 52.03
C THR H 121 22.91 51.49 53.36
N LYS H 122 23.82 50.97 54.19
CA LYS H 122 24.07 51.49 55.53
C LYS H 122 25.50 51.21 55.93
N GLY H 123 26.16 52.22 56.45
CA GLY H 123 27.53 52.09 56.93
C GLY H 123 27.57 51.41 58.28
N PRO H 124 28.70 50.78 58.62
CA PRO H 124 28.77 50.07 59.91
C PRO H 124 29.06 50.95 61.10
N SER H 125 28.67 50.45 62.28
CA SER H 125 29.05 51.02 63.56
C SER H 125 30.27 50.16 63.96
N VAL H 126 31.36 50.77 64.39
CA VAL H 126 32.56 50.03 64.77
C VAL H 126 32.77 50.15 66.26
N PHE H 127 32.71 49.01 66.96
CA PHE H 127 32.90 48.99 68.40
C PHE H 127 34.20 48.29 68.75
N PRO H 128 34.85 48.67 69.86
CA PRO H 128 36.09 47.99 70.24
C PRO H 128 35.85 46.66 70.98
N LEU H 129 36.79 45.73 70.81
CA LEU H 129 36.81 44.44 71.51
C LEU H 129 38.09 44.65 72.32
N ALA H 130 37.93 45.28 73.48
CA ALA H 130 39.05 45.73 74.31
C ALA H 130 39.89 44.62 74.90
N PRO H 131 41.22 44.80 74.93
CA PRO H 131 42.07 43.78 75.57
C PRO H 131 41.80 43.75 77.07
N SER H 132 41.55 42.53 77.55
CA SER H 132 41.23 42.20 78.93
C SER H 132 42.40 42.48 79.85
N SER H 133 42.08 42.79 81.12
CA SER H 133 43.09 43.01 82.14
C SER H 133 43.51 41.65 82.72
N LYS H 134 44.63 41.09 82.24
CA LYS H 134 45.11 39.78 82.69
C LYS H 134 46.64 39.67 82.60
N GLY H 139 52.01 36.06 77.98
CA GLY H 139 52.31 37.42 77.55
C GLY H 139 51.67 37.83 76.24
N THR H 140 50.56 37.20 75.84
CA THR H 140 49.86 37.57 74.62
C THR H 140 48.44 38.09 74.95
N ALA H 141 48.05 39.19 74.37
CA ALA H 141 46.74 39.79 74.56
C ALA H 141 45.98 39.82 73.23
N ALA H 142 44.65 39.66 73.27
CA ALA H 142 43.83 39.76 72.07
C ALA H 142 42.91 40.96 72.18
N LEU H 143 42.74 41.63 71.06
CA LEU H 143 41.87 42.78 70.93
C LEU H 143 41.28 42.79 69.51
N GLY H 144 40.30 43.63 69.26
CA GLY H 144 39.68 43.68 67.95
C GLY H 144 38.65 44.75 67.77
N CYS H 145 37.91 44.65 66.68
CA CYS H 145 36.83 45.54 66.33
C CYS H 145 35.65 44.73 65.88
N LEU H 146 34.47 45.12 66.35
CA LEU H 146 33.22 44.52 65.95
C LEU H 146 32.65 45.53 64.94
N VAL H 147 32.49 45.10 63.71
CA VAL H 147 32.00 45.91 62.60
C VAL H 147 30.53 45.49 62.42
N LYS H 148 29.64 46.24 63.02
CA LYS H 148 28.24 45.86 63.09
C LYS H 148 27.26 46.68 62.27
N ASP H 149 26.24 45.98 61.74
CA ASP H 149 25.08 46.55 61.08
C ASP H 149 25.35 47.37 59.82
N TYR H 150 25.97 46.75 58.83
CA TYR H 150 26.22 47.39 57.56
C TYR H 150 25.51 46.62 56.44
N PHE H 151 25.32 47.25 55.30
CA PHE H 151 24.66 46.63 54.18
C PHE H 151 24.96 47.42 52.92
N PRO H 152 25.30 46.78 51.78
CA PRO H 152 25.56 45.35 51.61
C PRO H 152 27.06 45.08 51.83
N GLU H 153 27.50 43.86 51.51
CA GLU H 153 28.90 43.50 51.53
C GLU H 153 29.60 44.21 50.37
N PRO H 154 30.91 44.47 50.49
CA PRO H 154 31.81 44.06 51.55
C PRO H 154 32.35 45.23 52.39
N VAL H 155 32.99 44.89 53.52
CA VAL H 155 33.77 45.86 54.27
C VAL H 155 35.23 45.37 54.19
N THR H 156 36.18 46.28 54.27
CA THR H 156 37.59 45.91 54.37
C THR H 156 38.06 46.34 55.77
N VAL H 157 38.94 45.56 56.38
CA VAL H 157 39.49 45.90 57.67
C VAL H 157 40.98 45.75 57.63
N SER H 158 41.69 46.77 58.07
CA SER H 158 43.14 46.70 58.21
C SER H 158 43.48 47.15 59.63
N TRP H 159 44.70 46.88 60.09
CA TRP H 159 45.13 47.32 61.41
C TRP H 159 46.33 48.20 61.24
N ASN H 160 46.34 49.34 61.94
CA ASN H 160 47.43 50.32 61.87
C ASN H 160 47.82 50.67 60.46
N SER H 161 46.79 50.88 59.62
CA SER H 161 46.87 51.27 58.21
C SER H 161 47.60 50.24 57.34
N GLY H 162 47.57 48.98 57.75
CA GLY H 162 48.27 47.93 57.01
C GLY H 162 49.63 47.57 57.59
N ALA H 163 50.14 48.35 58.56
CA ALA H 163 51.45 48.07 59.17
C ALA H 163 51.40 46.88 60.12
N LEU H 164 50.21 46.53 60.64
CA LEU H 164 50.04 45.39 61.54
C LEU H 164 49.27 44.31 60.79
N THR H 165 49.96 43.21 60.43
CA THR H 165 49.33 42.11 59.70
C THR H 165 49.50 40.77 60.40
N SER H 166 50.59 40.60 61.15
N SER H 166 50.59 40.60 61.15
CA SER H 166 50.83 39.36 61.87
CA SER H 166 50.83 39.36 61.87
C SER H 166 49.83 39.18 63.01
C SER H 166 49.81 39.19 62.99
N GLY H 167 49.20 38.01 63.07
CA GLY H 167 48.23 37.71 64.11
C GLY H 167 46.84 38.28 63.88
N VAL H 168 46.58 38.89 62.72
CA VAL H 168 45.26 39.42 62.37
C VAL H 168 44.33 38.35 61.81
N HIS H 169 43.10 38.29 62.31
CA HIS H 169 42.07 37.40 61.77
C HIS H 169 40.81 38.20 61.52
N THR H 170 40.45 38.38 60.24
CA THR H 170 39.21 39.08 59.90
C THR H 170 38.21 38.03 59.47
N PHE H 171 37.20 37.83 60.27
CA PHE H 171 36.21 36.76 60.04
C PHE H 171 35.26 37.08 58.92
N PRO H 172 34.70 36.04 58.24
CA PRO H 172 33.68 36.32 57.21
C PRO H 172 32.44 36.93 57.87
N ALA H 173 31.75 37.78 57.13
CA ALA H 173 30.56 38.44 57.68
C ALA H 173 29.39 37.47 57.79
N VAL H 174 28.49 37.75 58.73
CA VAL H 174 27.27 36.98 58.86
C VAL H 174 26.11 37.92 58.55
N LEU H 175 25.15 37.45 57.73
CA LEU H 175 23.93 38.20 57.41
C LEU H 175 23.00 37.91 58.56
N GLN H 176 22.79 38.89 59.45
CA GLN H 176 21.93 38.71 60.62
C GLN H 176 20.44 38.68 60.24
N SER H 177 19.56 38.24 61.18
CA SER H 177 18.11 38.17 60.96
C SER H 177 17.49 39.54 60.61
N SER H 178 18.13 40.65 61.06
CA SER H 178 17.69 42.00 60.73
C SER H 178 17.90 42.38 59.24
N GLY H 179 18.64 41.56 58.49
CA GLY H 179 18.99 41.85 57.11
C GLY H 179 20.30 42.64 57.00
N LEU H 180 20.98 42.87 58.13
CA LEU H 180 22.24 43.61 58.16
C LEU H 180 23.43 42.66 58.43
N TYR H 181 24.59 42.99 57.87
CA TYR H 181 25.80 42.21 58.12
C TYR H 181 26.54 42.64 59.37
N SER H 182 27.32 41.71 59.89
CA SER H 182 28.19 42.00 61.02
C SER H 182 29.43 41.09 60.96
N LEU H 183 30.57 41.61 61.37
CA LEU H 183 31.81 40.83 61.43
C LEU H 183 32.73 41.33 62.51
N SER H 184 33.66 40.46 62.92
CA SER H 184 34.69 40.86 63.85
C SER H 184 36.03 40.74 63.17
N SER H 185 36.97 41.55 63.59
CA SER H 185 38.36 41.44 63.18
C SER H 185 39.16 41.49 64.46
N VAL H 186 40.11 40.58 64.64
CA VAL H 186 40.88 40.50 65.87
C VAL H 186 42.38 40.42 65.57
N VAL H 187 43.21 40.74 66.56
CA VAL H 187 44.65 40.62 66.44
C VAL H 187 45.23 40.25 67.80
N THR H 188 46.24 39.37 67.82
CA THR H 188 46.92 39.06 69.07
C THR H 188 48.25 39.79 69.04
N VAL H 189 48.55 40.45 70.16
CA VAL H 189 49.76 41.27 70.33
C VAL H 189 50.43 40.97 71.67
N PRO H 190 51.71 41.38 71.87
CA PRO H 190 52.34 41.16 73.19
C PRO H 190 51.65 42.02 74.23
N SER H 191 51.35 41.47 75.42
CA SER H 191 50.73 42.23 76.51
C SER H 191 51.54 43.47 76.87
N SER H 192 52.87 43.39 76.77
CA SER H 192 53.75 44.52 77.08
C SER H 192 53.56 45.73 76.16
N SER H 193 52.96 45.53 74.98
CA SER H 193 52.73 46.61 74.04
C SER H 193 51.42 47.38 74.30
N LEU H 194 50.52 46.87 75.15
CA LEU H 194 49.23 47.49 75.39
C LEU H 194 49.27 48.95 75.89
N GLY H 195 50.21 49.29 76.74
CA GLY H 195 50.34 50.67 77.22
C GLY H 195 51.20 51.57 76.37
N THR H 196 51.87 51.01 75.36
CA THR H 196 52.82 51.77 74.53
C THR H 196 52.33 51.94 73.09
N GLN H 197 51.91 50.84 72.46
CA GLN H 197 51.52 50.85 71.07
C GLN H 197 50.04 51.16 70.87
N THR H 198 49.73 52.10 69.97
CA THR H 198 48.34 52.40 69.63
C THR H 198 47.84 51.35 68.63
N TYR H 199 46.61 50.89 68.80
CA TYR H 199 46.00 49.93 67.88
C TYR H 199 44.76 50.54 67.27
N ILE H 200 44.75 50.67 65.95
CA ILE H 200 43.63 51.23 65.20
C ILE H 200 43.11 50.21 64.20
N CYS H 201 41.80 49.94 64.18
CA CYS H 201 41.25 49.12 63.10
C CYS H 201 40.64 50.07 62.07
N ASN H 202 41.10 50.00 60.84
CA ASN H 202 40.63 50.87 59.76
C ASN H 202 39.55 50.14 58.96
N VAL H 203 38.31 50.62 59.08
CA VAL H 203 37.18 49.99 58.42
C VAL H 203 36.71 50.82 57.24
N ASN H 204 36.59 50.20 56.08
CA ASN H 204 36.10 50.89 54.89
C ASN H 204 34.89 50.16 54.34
N HIS H 205 33.80 50.88 54.15
CA HIS H 205 32.59 50.32 53.57
C HIS H 205 32.29 51.16 52.33
N LYS H 206 32.84 50.77 51.17
CA LYS H 206 32.69 51.51 49.93
C LYS H 206 31.23 51.73 49.46
N PRO H 207 30.30 50.75 49.55
CA PRO H 207 28.91 51.02 49.12
C PRO H 207 28.27 52.23 49.74
N SER H 208 28.63 52.55 51.01
CA SER H 208 28.06 53.72 51.68
C SER H 208 29.07 54.84 51.91
N ASN H 209 30.26 54.76 51.30
CA ASN H 209 31.37 55.70 51.45
C ASN H 209 31.71 55.98 52.92
N THR H 210 31.71 54.94 53.75
CA THR H 210 32.00 55.08 55.18
C THR H 210 33.43 54.61 55.48
N LYS H 211 34.19 55.44 56.18
CA LYS H 211 35.53 55.08 56.60
C LYS H 211 35.62 55.39 58.09
N VAL H 212 35.99 54.41 58.90
CA VAL H 212 36.12 54.60 60.33
C VAL H 212 37.50 54.14 60.78
N ASP H 213 38.21 54.94 61.54
CA ASP H 213 39.50 54.53 62.12
C ASP H 213 39.24 54.45 63.63
N LYS H 214 39.03 53.27 64.17
CA LYS H 214 38.69 53.11 65.60
C LYS H 214 39.88 52.69 66.45
N LYS H 215 40.20 53.49 67.49
CA LYS H 215 41.28 53.17 68.41
C LYS H 215 40.78 52.13 69.41
N VAL H 216 41.53 51.03 69.61
CA VAL H 216 41.14 49.98 70.56
C VAL H 216 42.14 49.99 71.68
N GLU H 217 41.67 50.28 72.91
CA GLU H 217 42.53 50.36 74.08
C GLU H 217 41.96 49.61 75.28
N PRO H 218 42.79 49.28 76.29
CA PRO H 218 42.24 48.64 77.51
C PRO H 218 41.24 49.59 78.17
N LYS H 219 40.06 49.10 78.53
CA LYS H 219 39.02 49.92 79.14
C LYS H 219 39.43 50.42 80.52
N SER H 220 39.41 51.74 80.73
CA SER H 220 39.77 52.32 82.03
C SER H 220 38.81 51.87 83.12
N CYS H 221 39.36 51.27 84.18
CA CYS H 221 38.64 50.74 85.34
C CYS H 221 39.64 50.36 86.44
N ARG I 10 45.18 15.38 2.31
CA ARG I 10 44.87 16.32 3.39
C ARG I 10 43.53 17.01 3.11
N THR I 11 43.35 17.60 1.91
CA THR I 11 42.10 18.24 1.50
C THR I 11 41.61 17.62 0.20
N VAL I 12 40.38 17.09 0.20
CA VAL I 12 39.82 16.46 -0.99
C VAL I 12 38.57 17.19 -1.49
N MET I 13 38.20 16.97 -2.75
CA MET I 13 36.97 17.51 -3.34
C MET I 13 35.85 16.48 -3.09
N VAL I 14 34.72 16.92 -2.53
CA VAL I 14 33.60 16.06 -2.23
C VAL I 14 32.34 16.50 -2.95
N ASN I 15 31.68 15.57 -3.60
CA ASN I 15 30.41 15.80 -4.26
C ASN I 15 29.33 15.61 -3.17
N LEU I 16 28.63 16.68 -2.76
CA LEU I 16 27.60 16.56 -1.71
C LEU I 16 26.30 15.92 -2.19
N ASN I 17 26.12 15.74 -3.50
CA ASN I 17 24.90 15.16 -4.05
C ASN I 17 24.85 13.66 -3.79
N ILE I 18 23.93 13.24 -2.93
CA ILE I 18 23.75 11.84 -2.58
C ILE I 18 23.01 11.10 -3.68
N THR I 23 18.18 3.26 -1.19
CA THR I 23 18.94 2.06 -1.55
C THR I 23 18.65 0.94 -0.54
N ASN I 24 19.08 -0.31 -0.84
CA ASN I 24 18.92 -1.42 0.11
C ASN I 24 19.76 -1.23 1.41
N THR I 25 20.70 -0.25 1.42
CA THR I 25 21.49 0.11 2.61
C THR I 25 20.99 1.42 3.29
N ASN I 26 19.98 2.10 2.70
CA ASN I 26 19.34 3.30 3.27
C ASN I 26 17.86 3.34 2.88
N PRO I 27 17.06 2.35 3.36
CA PRO I 27 15.65 2.30 2.97
C PRO I 27 14.77 3.34 3.67
N LYS I 28 13.60 3.59 3.07
CA LYS I 28 12.57 4.45 3.66
C LYS I 28 11.84 3.53 4.64
N ARG I 29 12.01 3.82 5.95
CA ARG I 29 11.48 2.97 7.03
C ARG I 29 10.76 3.77 8.07
N SER I 30 9.71 3.18 8.66
CA SER I 30 9.01 3.82 9.78
C SER I 30 9.69 3.45 11.10
N SER I 31 9.62 4.35 12.08
CA SER I 31 10.21 4.08 13.39
C SER I 31 9.25 4.35 14.55
N ASP I 32 7.93 4.28 14.26
CA ASP I 32 6.85 4.51 15.20
C ASP I 32 6.97 3.57 16.38
N TYR I 33 7.21 2.29 16.11
CA TYR I 33 7.30 1.23 17.11
C TYR I 33 8.38 1.47 18.17
N TYR I 34 9.34 2.42 17.96
CA TYR I 34 10.31 2.72 19.03
C TYR I 34 9.63 3.27 20.28
N ASN I 35 8.44 3.86 20.15
CA ASN I 35 7.70 4.39 21.30
C ASN I 35 7.25 3.27 22.27
N ARG I 36 7.21 2.01 21.79
CA ARG I 36 6.87 0.84 22.59
C ARG I 36 8.09 0.24 23.30
N SER I 37 9.26 0.90 23.25
CA SER I 37 10.45 0.42 23.92
C SER I 37 10.20 0.35 25.44
N THR I 38 10.81 -0.63 26.13
CA THR I 38 10.80 -0.74 27.60
C THR I 38 11.75 0.33 28.22
N SER I 39 12.63 0.92 27.42
CA SER I 39 13.50 1.99 27.86
C SER I 39 13.28 3.14 26.87
N PRO I 40 12.09 3.76 26.88
CA PRO I 40 11.78 4.78 25.88
C PRO I 40 12.55 6.07 26.04
N TRP I 41 12.64 6.84 24.98
CA TRP I 41 13.43 8.06 24.99
C TRP I 41 12.72 9.23 24.33
N ASN I 42 13.17 10.41 24.74
CA ASN I 42 12.80 11.69 24.14
C ASN I 42 13.93 12.06 23.20
N LEU I 43 13.61 12.80 22.13
CA LEU I 43 14.61 13.25 21.17
C LEU I 43 14.64 14.77 21.23
N HIS I 44 15.86 15.33 21.21
CA HIS I 44 16.08 16.76 21.25
C HIS I 44 16.82 17.18 20.04
N ARG I 45 16.45 18.32 19.52
CA ARG I 45 17.00 18.84 18.28
C ARG I 45 18.28 19.57 18.50
N ASN I 46 19.41 18.90 18.24
CA ASN I 46 20.72 19.52 18.34
C ASN I 46 20.90 20.25 17.03
N GLU I 47 20.94 21.60 17.09
CA GLU I 47 21.06 22.37 15.86
C GLU I 47 22.30 23.23 15.85
N ASP I 48 23.06 23.15 14.77
CA ASP I 48 24.28 23.90 14.63
C ASP I 48 24.38 24.32 13.15
N PRO I 49 24.15 25.59 12.84
CA PRO I 49 24.22 26.04 11.44
C PRO I 49 25.61 25.96 10.80
N GLU I 50 26.65 25.81 11.62
CA GLU I 50 28.02 25.66 11.14
C GLU I 50 28.45 24.20 10.90
N ARG I 51 27.51 23.28 10.97
CA ARG I 51 27.76 21.89 10.81
C ARG I 51 26.82 21.33 9.73
N TYR I 52 27.27 20.29 9.04
CA TYR I 52 26.47 19.50 8.10
C TYR I 52 26.54 18.08 8.65
N PRO I 53 25.44 17.42 9.06
CA PRO I 53 24.06 17.93 9.05
C PRO I 53 23.85 18.98 10.13
N SER I 54 23.07 20.01 9.81
CA SER I 54 22.79 21.08 10.76
C SER I 54 21.97 20.55 11.95
N VAL I 55 21.08 19.59 11.71
CA VAL I 55 20.24 19.04 12.76
C VAL I 55 20.58 17.59 13.04
N ILE I 56 20.79 17.26 14.31
CA ILE I 56 21.05 15.91 14.75
C ILE I 56 20.08 15.68 15.91
N TRP I 57 19.27 14.64 15.83
CA TRP I 57 18.35 14.32 16.92
C TRP I 57 19.08 13.45 17.93
N GLU I 58 19.15 13.90 19.18
CA GLU I 58 19.83 13.13 20.22
C GLU I 58 18.86 12.67 21.29
N ALA I 59 19.06 11.43 21.77
CA ALA I 59 18.17 10.78 22.68
C ALA I 59 18.50 11.00 24.14
N LYS I 60 17.47 11.16 24.95
CA LYS I 60 17.61 11.21 26.38
C LYS I 60 16.56 10.24 26.93
N CYS I 61 17.00 9.21 27.67
CA CYS I 61 16.06 8.23 28.24
C CYS I 61 15.01 8.91 29.11
N ARG I 62 13.78 8.43 29.02
CA ARG I 62 12.65 9.03 29.70
C ARG I 62 12.64 8.64 31.17
N HIS I 63 12.89 7.37 31.47
CA HIS I 63 12.86 6.85 32.83
C HIS I 63 14.23 6.35 33.30
N LEU I 64 14.36 6.18 34.62
CA LEU I 64 15.55 5.61 35.24
C LEU I 64 15.48 4.09 35.09
N GLY I 65 14.32 3.50 35.40
CA GLY I 65 14.10 2.07 35.29
C GLY I 65 13.65 1.69 33.91
N CYS I 66 13.08 0.49 33.79
CA CYS I 66 12.56 -0.01 32.50
C CYS I 66 11.11 -0.44 32.69
N ILE I 67 10.28 -0.34 31.64
CA ILE I 67 8.88 -0.76 31.73
C ILE I 67 8.78 -2.28 31.68
N ASN I 68 8.02 -2.88 32.60
CA ASN I 68 7.85 -4.33 32.61
C ASN I 68 6.57 -4.78 31.83
N ALA I 69 6.31 -6.10 31.76
CA ALA I 69 5.14 -6.65 31.06
C ALA I 69 3.81 -6.13 31.62
N ASP I 70 3.78 -5.69 32.88
CA ASP I 70 2.56 -5.16 33.49
C ASP I 70 2.40 -3.63 33.35
N GLY I 71 3.28 -2.97 32.59
CA GLY I 71 3.20 -1.53 32.38
C GLY I 71 3.77 -0.67 33.50
N ASN I 72 4.41 -1.29 34.49
CA ASN I 72 5.02 -0.54 35.59
C ASN I 72 6.52 -0.32 35.35
N VAL I 73 7.09 0.75 35.92
CA VAL I 73 8.53 1.00 35.82
C VAL I 73 9.22 0.10 36.85
N ASP I 74 10.10 -0.78 36.40
CA ASP I 74 10.87 -1.68 37.23
C ASP I 74 12.22 -1.02 37.47
N TYR I 75 12.53 -0.71 38.74
CA TYR I 75 13.77 -0.02 39.09
C TYR I 75 14.95 -0.95 39.30
N HIS I 76 14.75 -2.27 39.22
CA HIS I 76 15.86 -3.21 39.30
C HIS I 76 16.67 -3.24 37.97
N MET I 77 16.14 -2.66 36.90
CA MET I 77 16.82 -2.57 35.62
C MET I 77 16.92 -1.08 35.27
N ASN I 78 17.78 -0.72 34.29
CA ASN I 78 17.94 0.69 33.97
C ASN I 78 17.87 0.99 32.52
N SER I 79 17.34 2.16 32.17
CA SER I 79 17.39 2.62 30.80
C SER I 79 18.73 3.33 30.66
N VAL I 80 19.47 3.04 29.57
CA VAL I 80 20.77 3.67 29.34
C VAL I 80 20.83 4.06 27.87
N PRO I 81 21.46 5.20 27.57
CA PRO I 81 21.60 5.60 26.16
C PRO I 81 22.64 4.76 25.40
N ILE I 82 22.40 4.56 24.10
CA ILE I 82 23.33 3.91 23.20
C ILE I 82 23.97 5.05 22.40
N GLN I 83 25.28 5.26 22.57
CA GLN I 83 25.96 6.35 21.86
C GLN I 83 26.76 5.84 20.68
N GLN I 84 26.77 6.60 19.61
CA GLN I 84 27.38 6.21 18.36
C GLN I 84 28.27 7.35 17.85
N GLU I 85 29.50 7.01 17.47
CA GLU I 85 30.43 7.97 16.92
C GLU I 85 30.07 8.17 15.45
N ILE I 86 29.85 9.42 15.04
CA ILE I 86 29.50 9.73 13.66
C ILE I 86 30.39 10.83 13.08
N LEU I 87 30.48 10.87 11.75
CA LEU I 87 31.24 11.91 11.06
C LEU I 87 30.30 13.05 10.71
N VAL I 88 30.76 14.28 10.86
CA VAL I 88 30.00 15.46 10.48
C VAL I 88 30.99 16.41 9.78
N LEU I 89 30.46 17.40 9.05
CA LEU I 89 31.31 18.39 8.40
C LEU I 89 31.16 19.71 9.13
N ARG I 90 32.27 20.37 9.43
CA ARG I 90 32.23 21.65 10.13
C ARG I 90 32.69 22.72 9.14
N ARG I 91 31.90 23.79 8.90
CA ARG I 91 32.30 24.86 7.97
C ARG I 91 33.63 25.48 8.38
N GLU I 92 34.53 25.65 7.43
CA GLU I 92 35.83 26.23 7.71
C GLU I 92 36.30 26.96 6.48
N PRO I 93 36.40 28.30 6.48
CA PRO I 93 36.13 29.21 7.60
C PRO I 93 34.64 29.26 7.96
N PRO I 94 34.28 29.84 9.13
CA PRO I 94 32.85 29.88 9.50
C PRO I 94 31.94 30.50 8.43
N HIS I 95 30.74 29.93 8.26
CA HIS I 95 29.73 30.35 7.27
C HIS I 95 30.00 29.83 5.86
N SER I 96 31.16 29.19 5.63
CA SER I 96 31.51 28.75 4.29
C SER I 96 30.57 27.70 3.76
N PRO I 97 29.99 27.95 2.58
CA PRO I 97 29.12 26.92 1.97
C PRO I 97 29.89 25.83 1.19
N ASN I 98 31.18 26.03 0.90
CA ASN I 98 31.93 25.12 0.05
C ASN I 98 33.23 24.60 0.61
N SER I 99 33.53 24.83 1.90
CA SER I 99 34.76 24.34 2.50
C SER I 99 34.54 23.97 3.97
N PHE I 100 34.95 22.76 4.33
CA PHE I 100 34.68 22.14 5.61
C PHE I 100 35.91 21.40 6.19
N ARG I 101 35.85 21.01 7.48
CA ARG I 101 36.81 20.15 8.16
C ARG I 101 35.97 18.99 8.68
N LEU I 102 36.43 17.75 8.46
CA LEU I 102 35.76 16.55 8.93
C LEU I 102 35.92 16.50 10.44
N GLU I 103 34.85 16.11 11.14
CA GLU I 103 34.83 16.07 12.60
C GLU I 103 34.14 14.78 13.04
N LYS I 104 34.51 14.24 14.21
CA LYS I 104 33.87 13.04 14.75
C LYS I 104 33.19 13.43 16.03
N ILE I 105 31.91 13.07 16.18
CA ILE I 105 31.17 13.41 17.40
C ILE I 105 30.45 12.19 17.94
N LEU I 106 30.05 12.22 19.21
CA LEU I 106 29.34 11.11 19.84
C LEU I 106 27.88 11.51 19.96
N VAL I 107 26.96 10.70 19.46
CA VAL I 107 25.54 11.01 19.47
C VAL I 107 24.74 9.87 20.17
N SER I 108 23.85 10.22 21.11
CA SER I 108 22.97 9.24 21.75
C SER I 108 21.80 8.99 20.77
N VAL I 109 21.68 7.77 20.27
CA VAL I 109 20.71 7.45 19.21
C VAL I 109 19.39 6.89 19.74
N GLY I 110 19.44 6.30 20.92
CA GLY I 110 18.29 5.73 21.56
C GLY I 110 18.71 5.11 22.86
N CYS I 111 17.79 4.40 23.50
CA CYS I 111 18.07 3.78 24.78
C CYS I 111 17.77 2.30 24.77
N THR I 112 18.50 1.55 25.62
CA THR I 112 18.31 0.13 25.84
C THR I 112 18.10 -0.11 27.34
N CYS I 113 17.62 -1.29 27.72
CA CYS I 113 17.41 -1.62 29.10
C CYS I 113 18.53 -2.57 29.55
N VAL I 114 19.25 -2.28 30.65
CA VAL I 114 20.33 -3.15 31.11
C VAL I 114 20.03 -3.73 32.48
N THR I 115 20.38 -4.99 32.69
CA THR I 115 20.18 -5.69 33.96
C THR I 115 21.34 -5.39 34.92
N PRO I 116 21.16 -5.61 36.25
CA PRO I 116 22.26 -5.33 37.19
C PRO I 116 23.46 -6.27 37.03
N PHE J 8 -21.63 16.72 -37.76
CA PHE J 8 -22.27 17.36 -38.91
C PHE J 8 -21.40 17.30 -40.20
N PRO J 9 -20.12 17.77 -40.23
CA PRO J 9 -19.35 17.67 -41.50
C PRO J 9 -19.01 16.22 -41.83
N ARG J 10 -19.05 15.87 -43.11
CA ARG J 10 -18.76 14.50 -43.53
C ARG J 10 -17.30 14.12 -43.37
N THR J 11 -16.39 15.06 -43.59
CA THR J 11 -14.95 14.78 -43.41
C THR J 11 -14.33 15.67 -42.34
N VAL J 12 -13.76 15.03 -41.30
CA VAL J 12 -13.08 15.75 -40.23
C VAL J 12 -11.62 15.26 -40.11
N MET J 13 -10.74 16.12 -39.60
CA MET J 13 -9.36 15.75 -39.34
C MET J 13 -9.28 15.27 -37.89
N VAL J 14 -8.69 14.11 -37.67
CA VAL J 14 -8.54 13.57 -36.32
C VAL J 14 -7.06 13.36 -35.99
N ASN J 15 -6.61 13.92 -34.88
CA ASN J 15 -5.25 13.74 -34.39
C ASN J 15 -5.28 12.43 -33.59
N LEU J 16 -4.58 11.39 -34.07
CA LEU J 16 -4.54 10.09 -33.40
C LEU J 16 -3.71 10.04 -32.12
N ASN J 17 -2.91 11.07 -31.84
CA ASN J 17 -2.09 11.10 -30.64
C ASN J 17 -2.94 11.41 -29.39
N ILE J 18 -3.17 10.40 -28.56
CA ILE J 18 -3.96 10.57 -27.34
C ILE J 18 -3.09 11.21 -26.26
N HIS J 19 -3.56 12.32 -25.66
CA HIS J 19 -2.83 13.02 -24.60
C HIS J 19 -3.15 12.44 -23.23
N SER J 30 -9.31 -1.61 -13.90
CA SER J 30 -9.30 -3.08 -13.84
C SER J 30 -9.99 -3.58 -12.56
N SER J 31 -10.73 -4.69 -12.66
CA SER J 31 -11.44 -5.30 -11.53
C SER J 31 -11.76 -6.78 -11.80
N ASP J 32 -12.15 -7.52 -10.75
CA ASP J 32 -12.55 -8.91 -10.90
C ASP J 32 -14.07 -9.09 -10.72
N TYR J 33 -14.86 -8.03 -11.05
CA TYR J 33 -16.32 -8.09 -10.96
C TYR J 33 -16.86 -9.23 -11.84
N TYR J 34 -16.22 -9.44 -13.03
CA TYR J 34 -16.58 -10.53 -13.94
C TYR J 34 -16.62 -11.89 -13.28
N ASN J 35 -15.80 -12.08 -12.23
CA ASN J 35 -15.69 -13.33 -11.50
C ASN J 35 -16.53 -13.38 -10.22
N ARG J 36 -16.61 -12.26 -9.48
CA ARG J 36 -17.37 -12.24 -8.21
C ARG J 36 -18.85 -11.89 -8.36
N SER J 37 -19.28 -11.56 -9.58
CA SER J 37 -20.67 -11.23 -9.84
C SER J 37 -21.61 -12.41 -9.68
N THR J 38 -22.89 -12.15 -9.28
CA THR J 38 -23.90 -13.23 -9.28
C THR J 38 -24.30 -13.56 -10.76
N SER J 39 -23.96 -12.69 -11.71
CA SER J 39 -24.16 -12.94 -13.14
C SER J 39 -22.76 -12.86 -13.77
N PRO J 40 -21.84 -13.80 -13.44
CA PRO J 40 -20.46 -13.67 -13.93
C PRO J 40 -20.33 -13.85 -15.43
N TRP J 41 -19.28 -13.29 -15.98
CA TRP J 41 -19.04 -13.35 -17.40
C TRP J 41 -17.58 -13.69 -17.73
N ASN J 42 -17.34 -14.03 -19.00
CA ASN J 42 -16.03 -14.26 -19.55
C ASN J 42 -15.78 -13.11 -20.51
N LEU J 43 -14.53 -12.69 -20.63
CA LEU J 43 -14.18 -11.61 -21.55
C LEU J 43 -13.52 -12.20 -22.76
N HIS J 44 -13.83 -11.66 -23.93
CA HIS J 44 -13.29 -12.13 -25.18
C HIS J 44 -12.64 -10.98 -25.89
N ARG J 45 -11.46 -11.21 -26.39
CA ARG J 45 -10.69 -10.22 -27.09
C ARG J 45 -11.17 -10.04 -28.52
N ASN J 46 -11.96 -9.02 -28.75
CA ASN J 46 -12.43 -8.70 -30.10
C ASN J 46 -11.30 -7.87 -30.69
N GLU J 47 -10.63 -8.43 -31.70
CA GLU J 47 -9.47 -7.76 -32.27
C GLU J 47 -9.64 -7.46 -33.74
N ASP J 48 -9.34 -6.23 -34.14
CA ASP J 48 -9.39 -5.81 -35.53
C ASP J 48 -8.18 -4.88 -35.76
N PRO J 49 -7.13 -5.35 -36.44
CA PRO J 49 -5.94 -4.50 -36.65
C PRO J 49 -6.18 -3.24 -37.48
N GLU J 50 -7.31 -3.17 -38.19
CA GLU J 50 -7.65 -1.99 -38.99
C GLU J 50 -8.57 -1.01 -38.22
N ARG J 51 -8.79 -1.23 -36.92
CA ARG J 51 -9.74 -0.44 -36.16
C ARG J 51 -9.11 0.26 -34.99
N TYR J 52 -9.67 1.43 -34.63
CA TYR J 52 -9.34 2.15 -33.41
C TYR J 52 -10.60 2.08 -32.59
N PRO J 53 -10.57 1.45 -31.40
CA PRO J 53 -9.44 0.71 -30.80
C PRO J 53 -9.31 -0.68 -31.42
N SER J 54 -8.09 -1.17 -31.58
CA SER J 54 -7.84 -2.48 -32.17
C SER J 54 -8.42 -3.59 -31.31
N VAL J 55 -8.38 -3.44 -29.99
CA VAL J 55 -8.90 -4.45 -29.08
C VAL J 55 -10.04 -3.90 -28.26
N ILE J 56 -11.16 -4.65 -28.22
CA ILE J 56 -12.32 -4.34 -27.41
C ILE J 56 -12.63 -5.63 -26.63
N TRP J 57 -12.76 -5.56 -25.29
CA TRP J 57 -13.08 -6.70 -24.45
C TRP J 57 -14.58 -6.83 -24.33
N GLU J 58 -15.16 -7.91 -24.91
CA GLU J 58 -16.59 -8.08 -24.87
C GLU J 58 -16.98 -9.23 -23.97
N ALA J 59 -18.11 -9.08 -23.29
CA ALA J 59 -18.56 -10.05 -22.31
C ALA J 59 -19.61 -10.99 -22.79
N LYS J 60 -19.53 -12.22 -22.33
CA LYS J 60 -20.52 -13.22 -22.58
C LYS J 60 -20.83 -13.86 -21.22
N CYS J 61 -22.08 -13.80 -20.78
CA CYS J 61 -22.52 -14.36 -19.50
C CYS J 61 -22.20 -15.85 -19.43
N ARG J 62 -21.77 -16.32 -18.27
CA ARG J 62 -21.41 -17.72 -18.09
C ARG J 62 -22.61 -18.61 -17.94
N HIS J 63 -23.62 -18.13 -17.23
CA HIS J 63 -24.79 -18.94 -16.92
C HIS J 63 -26.08 -18.31 -17.43
N LEU J 64 -27.14 -19.10 -17.47
CA LEU J 64 -28.48 -18.65 -17.83
C LEU J 64 -29.11 -18.02 -16.58
N GLY J 65 -29.00 -18.70 -15.44
CA GLY J 65 -29.48 -18.15 -14.17
C GLY J 65 -28.48 -17.24 -13.49
N CYS J 66 -28.67 -17.00 -12.18
CA CYS J 66 -27.77 -16.18 -11.37
C CYS J 66 -27.30 -17.01 -10.17
N ILE J 67 -26.11 -16.72 -9.67
CA ILE J 67 -25.57 -17.45 -8.53
C ILE J 67 -26.20 -16.96 -7.23
N ASN J 68 -26.70 -17.89 -6.40
CA ASN J 68 -27.31 -17.53 -5.13
C ASN J 68 -26.29 -17.52 -3.96
N ALA J 69 -26.73 -17.20 -2.73
CA ALA J 69 -25.87 -17.16 -1.54
C ALA J 69 -25.17 -18.51 -1.27
N ASP J 70 -25.73 -19.63 -1.73
CA ASP J 70 -25.12 -20.94 -1.54
C ASP J 70 -24.16 -21.37 -2.67
N GLY J 71 -23.91 -20.50 -3.65
CA GLY J 71 -23.01 -20.82 -4.75
C GLY J 71 -23.64 -21.63 -5.88
N ASN J 72 -24.96 -21.84 -5.83
CA ASN J 72 -25.66 -22.58 -6.87
C ASN J 72 -26.34 -21.64 -7.87
N VAL J 73 -26.59 -22.12 -9.09
CA VAL J 73 -27.29 -21.32 -10.09
C VAL J 73 -28.80 -21.37 -9.82
N ASP J 74 -29.39 -20.20 -9.63
CA ASP J 74 -30.82 -20.01 -9.40
C ASP J 74 -31.42 -19.63 -10.75
N TYR J 75 -32.30 -20.50 -11.29
CA TYR J 75 -32.92 -20.26 -12.59
C TYR J 75 -34.15 -19.37 -12.55
N HIS J 76 -34.58 -18.92 -11.36
CA HIS J 76 -35.70 -17.97 -11.26
C HIS J 76 -35.28 -16.55 -11.65
N MET J 77 -33.97 -16.30 -11.75
CA MET J 77 -33.44 -15.02 -12.20
C MET J 77 -32.54 -15.32 -13.43
N ASN J 78 -32.16 -14.28 -14.19
CA ASN J 78 -31.33 -14.51 -15.36
C ASN J 78 -30.14 -13.61 -15.43
N SER J 79 -29.03 -14.10 -15.98
CA SER J 79 -27.89 -13.27 -16.28
C SER J 79 -28.14 -12.71 -17.67
N VAL J 80 -27.96 -11.39 -17.86
CA VAL J 80 -28.15 -10.78 -19.15
C VAL J 80 -26.99 -9.85 -19.39
N PRO J 81 -26.53 -9.74 -20.65
CA PRO J 81 -25.46 -8.78 -20.95
C PRO J 81 -25.94 -7.32 -20.91
N ILE J 82 -25.04 -6.40 -20.51
CA ILE J 82 -25.28 -4.97 -20.53
C ILE J 82 -24.52 -4.46 -21.74
N GLN J 83 -25.23 -3.91 -22.72
CA GLN J 83 -24.62 -3.46 -23.96
C GLN J 83 -24.49 -1.94 -24.02
N GLN J 84 -23.38 -1.44 -24.59
CA GLN J 84 -23.05 -0.02 -24.67
C GLN J 84 -22.71 0.33 -26.12
N GLU J 85 -23.25 1.42 -26.61
CA GLU J 85 -22.93 1.90 -27.95
C GLU J 85 -21.63 2.69 -27.88
N ILE J 86 -20.65 2.30 -28.71
CA ILE J 86 -19.35 2.97 -28.72
C ILE J 86 -18.93 3.36 -30.15
N LEU J 87 -18.04 4.34 -30.26
CA LEU J 87 -17.50 4.85 -31.49
C LEU J 87 -16.23 4.05 -31.82
N VAL J 88 -16.03 3.69 -33.11
CA VAL J 88 -14.81 3.02 -33.59
C VAL J 88 -14.38 3.69 -34.91
N LEU J 89 -13.06 3.70 -35.20
CA LEU J 89 -12.58 4.17 -36.49
C LEU J 89 -12.24 2.92 -37.28
N ARG J 90 -12.74 2.80 -38.50
CA ARG J 90 -12.45 1.64 -39.33
C ARG J 90 -11.63 2.10 -40.50
N ARG J 91 -10.50 1.44 -40.79
CA ARG J 91 -9.65 1.82 -41.91
C ARG J 91 -10.40 1.68 -43.23
N GLU J 92 -10.43 2.75 -44.01
CA GLU J 92 -11.09 2.74 -45.30
C GLU J 92 -10.26 1.94 -46.31
N PRO J 93 -10.88 1.41 -47.40
CA PRO J 93 -10.07 0.71 -48.42
C PRO J 93 -8.92 1.58 -48.95
N PRO J 94 -7.82 0.97 -49.41
CA PRO J 94 -6.67 1.78 -49.85
C PRO J 94 -7.03 2.83 -50.89
N HIS J 95 -6.52 4.04 -50.68
CA HIS J 95 -6.67 5.18 -51.57
C HIS J 95 -8.05 5.80 -51.58
N SER J 96 -8.82 5.61 -50.50
CA SER J 96 -10.14 6.23 -50.35
C SER J 96 -9.97 7.75 -50.05
N PRO J 97 -11.00 8.59 -50.25
CA PRO J 97 -10.87 10.02 -49.89
C PRO J 97 -10.51 10.24 -48.42
N ASN J 98 -10.90 9.29 -47.54
CA ASN J 98 -10.60 9.35 -46.11
C ASN J 98 -9.75 8.14 -45.69
N SER J 99 -8.94 8.30 -44.65
CA SER J 99 -8.14 7.21 -44.11
C SER J 99 -9.06 6.29 -43.30
N PHE J 100 -9.97 6.87 -42.48
CA PHE J 100 -10.92 6.09 -41.67
C PHE J 100 -12.37 6.50 -41.88
N ARG J 101 -13.28 5.64 -41.41
CA ARG J 101 -14.69 5.94 -41.37
C ARG J 101 -15.13 5.72 -39.91
N LEU J 102 -15.95 6.63 -39.38
CA LEU J 102 -16.44 6.52 -38.01
C LEU J 102 -17.69 5.70 -38.01
N GLU J 103 -17.76 4.72 -37.12
CA GLU J 103 -18.93 3.85 -37.00
C GLU J 103 -19.29 3.66 -35.53
N LYS J 104 -20.54 3.25 -35.31
CA LYS J 104 -21.07 3.02 -33.97
C LYS J 104 -21.40 1.57 -33.86
N ILE J 105 -20.89 0.93 -32.82
CA ILE J 105 -21.14 -0.50 -32.59
C ILE J 105 -21.70 -0.71 -31.20
N LEU J 106 -22.34 -1.84 -30.97
CA LEU J 106 -22.90 -2.19 -29.68
C LEU J 106 -21.99 -3.22 -29.03
N VAL J 107 -21.48 -2.96 -27.82
CA VAL J 107 -20.54 -3.86 -27.15
C VAL J 107 -21.10 -4.34 -25.80
N SER J 108 -21.12 -5.65 -25.54
CA SER J 108 -21.53 -6.19 -24.25
C SER J 108 -20.32 -5.99 -23.30
N VAL J 109 -20.49 -5.20 -22.23
CA VAL J 109 -19.41 -4.82 -21.31
C VAL J 109 -19.34 -5.69 -20.04
N GLY J 110 -20.42 -6.36 -19.74
CA GLY J 110 -20.53 -7.24 -18.59
C GLY J 110 -21.93 -7.76 -18.49
N CYS J 111 -22.25 -8.44 -17.39
CA CYS J 111 -23.58 -8.96 -17.19
C CYS J 111 -24.17 -8.51 -15.88
N THR J 112 -25.51 -8.45 -15.84
CA THR J 112 -26.27 -8.12 -14.64
C THR J 112 -27.31 -9.24 -14.42
N CYS J 113 -27.86 -9.32 -13.23
CA CYS J 113 -28.87 -10.32 -12.92
C CYS J 113 -30.25 -9.64 -12.93
N VAL J 114 -31.23 -10.17 -13.67
CA VAL J 114 -32.57 -9.58 -13.75
C VAL J 114 -33.62 -10.51 -13.18
N THR J 115 -34.55 -9.96 -12.41
CA THR J 115 -35.65 -10.73 -11.82
C THR J 115 -36.80 -10.86 -12.83
N PRO J 116 -37.74 -11.82 -12.62
CA PRO J 116 -38.87 -11.93 -13.56
C PRO J 116 -39.78 -10.67 -13.65
N ILE J 117 -40.00 -9.92 -12.51
CA ILE J 117 -40.73 -8.62 -12.46
C ILE J 117 -40.07 -7.61 -11.47
N VAL J 118 -40.19 -6.29 -11.76
CA VAL J 118 -39.66 -5.22 -10.91
C VAL J 118 -40.48 -5.12 -9.61
N THR K 11 -2.18 14.00 -38.56
CA THR K 11 -3.63 13.85 -38.43
C THR K 11 -4.23 13.08 -39.62
N VAL K 12 -5.28 12.29 -39.40
CA VAL K 12 -5.92 11.52 -40.46
C VAL K 12 -7.30 12.10 -40.84
N MET K 13 -7.75 11.82 -42.06
CA MET K 13 -9.08 12.24 -42.53
C MET K 13 -10.08 11.14 -42.14
N VAL K 14 -11.18 11.51 -41.50
CA VAL K 14 -12.19 10.56 -41.06
C VAL K 14 -13.57 10.93 -41.62
N ASN K 15 -14.24 9.97 -42.24
CA ASN K 15 -15.60 10.15 -42.72
C ASN K 15 -16.52 9.87 -41.52
N LEU K 16 -17.24 10.89 -41.01
CA LEU K 16 -18.11 10.71 -39.84
C LEU K 16 -19.38 9.87 -40.09
N ASN K 17 -19.57 9.36 -41.32
CA ASN K 17 -20.73 8.51 -41.63
C ASN K 17 -20.33 7.17 -42.26
N SER K 30 -34.81 -0.12 -26.53
CA SER K 30 -33.57 -0.77 -26.08
C SER K 30 -33.86 -1.82 -24.96
N SER K 31 -33.63 -1.51 -23.65
CA SER K 31 -33.92 -2.47 -22.60
C SER K 31 -34.22 -1.81 -21.26
N ASP K 32 -34.90 -2.53 -20.38
CA ASP K 32 -35.18 -2.04 -19.05
C ASP K 32 -34.37 -2.82 -17.99
N TYR K 33 -33.17 -3.33 -18.37
CA TYR K 33 -32.29 -4.04 -17.44
C TYR K 33 -31.95 -3.15 -16.26
N TYR K 34 -31.73 -1.84 -16.53
CA TYR K 34 -31.45 -0.84 -15.49
C TYR K 34 -32.47 -0.86 -14.35
N ASN K 35 -33.73 -1.24 -14.66
CA ASN K 35 -34.83 -1.30 -13.73
C ASN K 35 -35.11 -2.68 -13.14
N ARG K 36 -35.05 -3.77 -13.94
CA ARG K 36 -35.32 -5.11 -13.40
C ARG K 36 -34.09 -5.83 -12.79
N SER K 37 -32.93 -5.19 -12.84
CA SER K 37 -31.70 -5.75 -12.28
C SER K 37 -31.77 -5.85 -10.76
N THR K 38 -31.09 -6.86 -10.15
CA THR K 38 -30.95 -6.92 -8.69
C THR K 38 -29.96 -5.82 -8.22
N SER K 39 -29.17 -5.22 -9.12
CA SER K 39 -28.28 -4.10 -8.88
C SER K 39 -28.74 -2.99 -9.84
N PRO K 40 -29.96 -2.43 -9.65
CA PRO K 40 -30.45 -1.46 -10.62
C PRO K 40 -29.69 -0.14 -10.61
N TRP K 41 -29.78 0.58 -11.71
CA TRP K 41 -29.10 1.85 -11.85
C TRP K 41 -29.98 2.93 -12.50
N ASN K 42 -29.55 4.19 -12.38
CA ASN K 42 -30.16 5.34 -13.02
C ASN K 42 -29.17 5.79 -14.08
N LEU K 43 -29.66 6.36 -15.17
CA LEU K 43 -28.81 6.86 -16.23
C LEU K 43 -28.78 8.37 -16.16
N HIS K 44 -27.65 8.94 -16.51
CA HIS K 44 -27.49 10.38 -16.48
C HIS K 44 -26.91 10.85 -17.80
N ARG K 45 -27.46 11.93 -18.33
CA ARG K 45 -27.04 12.48 -19.62
C ARG K 45 -25.78 13.30 -19.47
N ASN K 46 -24.63 12.73 -19.79
CA ASN K 46 -23.38 13.43 -19.74
C ASN K 46 -23.31 14.16 -21.09
N GLU K 47 -23.36 15.49 -21.06
CA GLU K 47 -23.39 16.28 -22.28
C GLU K 47 -22.19 17.21 -22.38
N ASP K 48 -21.50 17.17 -23.51
CA ASP K 48 -20.32 17.98 -23.73
C ASP K 48 -20.31 18.43 -25.19
N PRO K 49 -20.59 19.71 -25.44
CA PRO K 49 -20.58 20.22 -26.83
C PRO K 49 -19.23 20.20 -27.53
N GLU K 50 -18.15 20.03 -26.78
CA GLU K 50 -16.79 19.94 -27.33
C GLU K 50 -16.36 18.50 -27.61
N ARG K 51 -17.29 17.54 -27.57
CA ARG K 51 -17.01 16.13 -27.74
C ARG K 51 -17.94 15.49 -28.76
N TYR K 52 -17.43 14.46 -29.47
CA TYR K 52 -18.21 13.61 -30.35
C TYR K 52 -18.00 12.21 -29.78
N PRO K 53 -19.03 11.53 -29.24
CA PRO K 53 -20.44 11.95 -29.19
C PRO K 53 -20.66 13.01 -28.13
N SER K 54 -21.53 14.00 -28.41
CA SER K 54 -21.83 15.05 -27.44
C SER K 54 -22.56 14.49 -26.23
N VAL K 55 -23.36 13.42 -26.40
CA VAL K 55 -24.09 12.83 -25.27
C VAL K 55 -23.63 11.41 -25.02
N ILE K 56 -23.32 11.11 -23.76
CA ILE K 56 -22.96 9.78 -23.29
C ILE K 56 -23.84 9.52 -22.07
N TRP K 57 -24.54 8.38 -22.05
CA TRP K 57 -25.39 8.02 -20.93
C TRP K 57 -24.59 7.22 -19.93
N GLU K 58 -24.45 7.74 -18.69
CA GLU K 58 -23.66 7.05 -17.69
C GLU K 58 -24.51 6.58 -16.51
N ALA K 59 -24.14 5.44 -15.96
CA ALA K 59 -24.90 4.82 -14.90
C ALA K 59 -24.36 5.04 -13.51
N LYS K 60 -25.28 5.12 -12.56
CA LYS K 60 -24.97 5.24 -11.15
C LYS K 60 -25.87 4.25 -10.43
N CYS K 61 -25.30 3.30 -9.70
CA CYS K 61 -26.08 2.28 -8.97
C CYS K 61 -27.03 2.95 -7.99
N ARG K 62 -28.25 2.43 -7.87
CA ARG K 62 -29.25 2.99 -6.98
C ARG K 62 -29.00 2.65 -5.54
N HIS K 63 -28.59 1.42 -5.28
CA HIS K 63 -28.44 0.93 -3.91
C HIS K 63 -27.03 0.47 -3.62
N LEU K 64 -26.70 0.34 -2.34
CA LEU K 64 -25.42 -0.19 -1.89
C LEU K 64 -25.49 -1.74 -1.98
N GLY K 65 -26.62 -2.31 -1.58
CA GLY K 65 -26.84 -3.75 -1.61
C GLY K 65 -27.47 -4.20 -2.90
N CYS K 66 -27.97 -5.42 -2.91
CA CYS K 66 -28.63 -5.99 -4.07
C CYS K 66 -30.02 -6.48 -3.66
N ILE K 67 -30.98 -6.43 -4.58
CA ILE K 67 -32.34 -6.92 -4.32
C ILE K 67 -32.36 -8.45 -4.35
N ASN K 68 -32.88 -9.08 -3.30
CA ASN K 68 -32.94 -10.53 -3.22
C ASN K 68 -34.25 -11.12 -3.80
N ALA K 69 -34.42 -12.48 -3.74
CA ALA K 69 -35.62 -13.18 -4.22
C ALA K 69 -36.92 -12.65 -3.59
N ASP K 70 -36.85 -12.06 -2.40
CA ASP K 70 -38.03 -11.52 -1.73
C ASP K 70 -38.31 -10.04 -2.04
N GLY K 71 -37.53 -9.43 -2.92
CA GLY K 71 -37.71 -8.03 -3.28
C GLY K 71 -37.12 -7.02 -2.34
N ASN K 72 -36.38 -7.48 -1.31
CA ASN K 72 -35.77 -6.56 -0.35
C ASN K 72 -34.30 -6.31 -0.67
N VAL K 73 -33.74 -5.17 -0.22
CA VAL K 73 -32.32 -4.89 -0.43
C VAL K 73 -31.51 -5.68 0.59
N ASP K 74 -30.66 -6.57 0.08
CA ASP K 74 -29.76 -7.44 0.81
C ASP K 74 -28.41 -6.76 0.94
N TYR K 75 -28.08 -6.35 2.17
CA TYR K 75 -26.81 -5.68 2.51
C TYR K 75 -25.59 -6.61 2.43
N HIS K 76 -25.80 -7.93 2.40
CA HIS K 76 -24.70 -8.87 2.25
C HIS K 76 -24.10 -8.86 0.85
N MET K 77 -24.79 -8.32 -0.13
CA MET K 77 -24.30 -8.25 -1.50
C MET K 77 -24.08 -6.79 -1.87
N ASN K 78 -23.34 -6.46 -2.96
CA ASN K 78 -23.11 -5.07 -3.30
C ASN K 78 -23.36 -4.81 -4.74
N SER K 79 -23.99 -3.66 -5.04
CA SER K 79 -24.13 -3.22 -6.42
C SER K 79 -22.87 -2.46 -6.74
N VAL K 80 -22.26 -2.76 -7.88
CA VAL K 80 -21.05 -2.07 -8.29
C VAL K 80 -21.19 -1.68 -9.73
N PRO K 81 -20.65 -0.52 -10.11
CA PRO K 81 -20.70 -0.13 -11.53
C PRO K 81 -19.73 -0.92 -12.40
N ILE K 82 -20.11 -1.15 -13.67
CA ILE K 82 -19.27 -1.77 -14.67
C ILE K 82 -18.78 -0.63 -15.53
N GLN K 83 -17.48 -0.36 -15.52
CA GLN K 83 -16.92 0.75 -16.28
C GLN K 83 -16.21 0.26 -17.51
N GLN K 84 -16.32 1.01 -18.58
CA GLN K 84 -15.80 0.61 -19.86
C GLN K 84 -15.01 1.78 -20.46
N GLU K 85 -13.80 1.51 -20.92
CA GLU K 85 -12.98 2.52 -21.57
C GLU K 85 -13.49 2.68 -23.00
N ILE K 86 -13.82 3.91 -23.41
CA ILE K 86 -14.29 4.17 -24.76
C ILE K 86 -13.50 5.33 -25.41
N LEU K 87 -13.53 5.39 -26.73
CA LEU K 87 -12.88 6.46 -27.48
C LEU K 87 -13.89 7.54 -27.77
N VAL K 88 -13.49 8.79 -27.68
CA VAL K 88 -14.32 9.93 -28.00
C VAL K 88 -13.45 10.92 -28.79
N LEU K 89 -14.06 11.85 -29.49
CA LEU K 89 -13.34 12.90 -30.21
C LEU K 89 -13.51 14.21 -29.47
N ARG K 90 -12.43 14.95 -29.26
CA ARG K 90 -12.46 16.22 -28.57
C ARG K 90 -12.09 17.32 -29.57
N ARG K 91 -12.94 18.35 -29.75
CA ARG K 91 -12.63 19.43 -30.71
C ARG K 91 -11.29 20.07 -30.42
N GLU K 92 -10.44 20.20 -31.45
CA GLU K 92 -9.14 20.80 -31.27
C GLU K 92 -8.77 21.58 -32.53
N PRO K 93 -8.61 22.91 -32.41
CA PRO K 93 -8.76 23.73 -31.21
C PRO K 93 -10.23 23.83 -30.74
N PRO K 94 -10.52 24.32 -29.52
CA PRO K 94 -11.92 24.38 -29.07
C PRO K 94 -12.87 25.07 -30.04
N HIS K 95 -14.08 24.52 -30.15
CA HIS K 95 -15.16 24.97 -31.02
C HIS K 95 -15.02 24.56 -32.47
N SER K 96 -13.89 23.93 -32.85
CA SER K 96 -13.67 23.50 -34.24
C SER K 96 -14.68 22.45 -34.67
N PRO K 97 -15.27 22.64 -35.85
CA PRO K 97 -16.26 21.65 -36.34
C PRO K 97 -15.66 20.49 -37.13
N ASN K 98 -14.42 20.63 -37.57
CA ASN K 98 -13.78 19.70 -38.49
C ASN K 98 -12.40 19.19 -38.04
N SER K 99 -12.02 19.42 -36.78
CA SER K 99 -10.74 18.95 -36.28
C SER K 99 -10.85 18.57 -34.84
N PHE K 100 -10.40 17.37 -34.55
CA PHE K 100 -10.52 16.76 -33.26
C PHE K 100 -9.22 16.06 -32.86
N ARG K 101 -9.14 15.66 -31.59
CA ARG K 101 -8.08 14.84 -31.04
C ARG K 101 -8.79 13.63 -30.42
N LEU K 102 -8.24 12.44 -30.63
CA LEU K 102 -8.80 11.21 -30.07
C LEU K 102 -8.48 11.18 -28.58
N GLU K 103 -9.44 10.75 -27.76
CA GLU K 103 -9.34 10.74 -26.32
C GLU K 103 -9.96 9.44 -25.79
N LYS K 104 -9.46 8.93 -24.67
CA LYS K 104 -10.02 7.72 -24.04
C LYS K 104 -10.62 8.12 -22.73
N ILE K 105 -11.85 7.70 -22.47
CA ILE K 105 -12.52 8.04 -21.22
C ILE K 105 -13.12 6.77 -20.62
N LEU K 106 -13.41 6.80 -19.34
CA LEU K 106 -13.98 5.68 -18.64
C LEU K 106 -15.46 5.99 -18.40
N VAL K 107 -16.37 5.09 -18.81
CA VAL K 107 -17.82 5.31 -18.71
C VAL K 107 -18.50 4.19 -17.93
N SER K 108 -19.29 4.53 -16.92
CA SER K 108 -20.06 3.53 -16.19
C SER K 108 -21.31 3.18 -17.04
N VAL K 109 -21.44 1.92 -17.43
CA VAL K 109 -22.51 1.51 -18.34
C VAL K 109 -23.72 0.92 -17.65
N GLY K 110 -23.51 0.34 -16.50
CA GLY K 110 -24.56 -0.29 -15.73
C GLY K 110 -23.97 -0.84 -14.46
N CYS K 111 -24.76 -1.61 -13.73
CA CYS K 111 -24.28 -2.18 -12.48
C CYS K 111 -24.49 -3.67 -12.43
N THR K 112 -23.62 -4.36 -11.67
CA THR K 112 -23.73 -5.80 -11.43
C THR K 112 -23.74 -6.02 -9.90
N CYS K 113 -24.14 -7.20 -9.46
CA CYS K 113 -24.17 -7.50 -8.04
C CYS K 113 -22.98 -8.41 -7.74
N VAL K 114 -22.15 -8.08 -6.74
CA VAL K 114 -20.97 -8.92 -6.43
C VAL K 114 -21.06 -9.51 -5.02
N THR K 115 -20.56 -10.73 -4.85
CA THR K 115 -20.46 -11.39 -3.54
C THR K 115 -19.18 -10.88 -2.84
N PRO K 116 -19.21 -10.64 -1.52
CA PRO K 116 -18.02 -10.06 -0.88
C PRO K 116 -17.11 -11.11 -0.27
N GLU L 1 16.64 10.51 43.51
CA GLU L 1 16.59 9.05 43.25
C GLU L 1 18.00 8.48 43.44
N ILE L 2 19.00 9.14 42.86
CA ILE L 2 20.39 8.73 42.92
C ILE L 2 21.13 9.79 43.71
N VAL L 3 21.89 9.37 44.74
CA VAL L 3 22.65 10.28 45.58
C VAL L 3 24.13 9.86 45.56
N LEU L 4 25.02 10.83 45.44
CA LEU L 4 26.47 10.59 45.52
C LEU L 4 26.93 11.03 46.90
N THR L 5 27.74 10.22 47.58
CA THR L 5 28.30 10.58 48.87
C THR L 5 29.80 10.53 48.78
N GLN L 6 30.46 11.64 49.07
CA GLN L 6 31.89 11.73 49.07
C GLN L 6 32.52 11.35 50.40
N SER L 7 33.75 10.83 50.31
CA SER L 7 34.51 10.39 51.47
C SER L 7 35.97 10.73 51.25
N PRO L 8 36.68 11.23 52.28
CA PRO L 8 36.17 11.65 53.59
C PRO L 8 35.54 13.08 53.48
N ALA L 9 34.95 13.59 54.56
CA ALA L 9 34.40 14.95 54.55
C ALA L 9 35.56 15.97 54.42
N THR L 10 36.64 15.72 55.17
CA THR L 10 37.85 16.53 55.12
C THR L 10 39.04 15.60 55.03
N LEU L 11 39.92 15.84 54.06
CA LEU L 11 41.14 15.08 53.85
C LEU L 11 42.28 16.03 54.22
N SER L 12 43.11 15.65 55.23
CA SER L 12 44.19 16.50 55.74
C SER L 12 45.52 15.90 55.36
N LEU L 13 46.25 16.56 54.45
CA LEU L 13 47.52 16.07 53.96
C LEU L 13 48.54 17.22 53.83
N SER L 14 49.80 16.89 53.57
CA SER L 14 50.86 17.87 53.42
C SER L 14 51.20 18.03 51.94
N PRO L 15 51.75 19.19 51.52
CA PRO L 15 52.20 19.32 50.11
C PRO L 15 53.23 18.22 49.79
N GLY L 16 53.12 17.65 48.60
CA GLY L 16 53.97 16.55 48.18
C GLY L 16 53.32 15.19 48.38
N GLU L 17 52.39 15.08 49.32
CA GLU L 17 51.70 13.81 49.58
C GLU L 17 50.69 13.42 48.51
N ARG L 18 50.31 12.14 48.48
CA ARG L 18 49.35 11.61 47.54
C ARG L 18 47.94 11.68 48.16
N ALA L 19 46.97 12.19 47.41
CA ALA L 19 45.60 12.32 47.89
C ALA L 19 44.68 11.33 47.23
N THR L 20 43.82 10.66 48.00
CA THR L 20 42.84 9.74 47.46
C THR L 20 41.46 10.20 47.91
N LEU L 21 40.60 10.56 46.96
CA LEU L 21 39.25 11.05 47.25
C LEU L 21 38.23 10.05 46.76
N SER L 22 37.22 9.72 47.55
CA SER L 22 36.21 8.74 47.17
C SER L 22 34.81 9.33 46.89
N CYS L 23 34.06 8.68 45.97
CA CYS L 23 32.70 9.06 45.64
C CYS L 23 31.93 7.77 45.49
N ARG L 24 30.88 7.60 46.28
CA ARG L 24 30.05 6.39 46.21
C ARG L 24 28.63 6.79 45.74
N ALA L 25 28.11 6.14 44.71
CA ALA L 25 26.77 6.38 44.23
C ALA L 25 25.82 5.39 44.88
N SER L 26 24.58 5.82 45.20
CA SER L 26 23.58 4.96 45.85
C SER L 26 23.14 3.78 44.95
N GLN L 27 23.29 3.95 43.63
CA GLN L 27 23.04 2.92 42.63
C GLN L 27 23.94 3.28 41.43
N SER L 28 24.13 2.34 40.50
CA SER L 28 25.03 2.59 39.38
C SER L 28 24.73 3.86 38.59
N VAL L 29 25.80 4.59 38.29
CA VAL L 29 25.79 5.72 37.37
C VAL L 29 26.68 5.40 36.16
N PHE L 30 27.04 4.10 35.95
CA PHE L 30 27.82 3.58 34.84
C PHE L 30 29.16 4.35 34.81
N SER L 31 29.48 5.10 33.76
CA SER L 31 30.68 5.94 33.78
C SER L 31 30.32 7.40 33.58
N TYR L 32 29.05 7.81 33.85
CA TYR L 32 28.59 9.18 33.65
C TYR L 32 28.92 9.97 34.92
N LEU L 33 30.22 10.10 35.22
CA LEU L 33 30.75 10.68 36.46
C LEU L 33 31.88 11.65 36.16
N ALA L 34 31.86 12.80 36.81
CA ALA L 34 32.85 13.84 36.68
C ALA L 34 33.38 14.30 38.06
N TRP L 35 34.56 14.96 38.06
CA TRP L 35 35.15 15.50 39.28
C TRP L 35 35.43 16.95 38.98
N TYR L 36 35.23 17.79 39.97
CA TYR L 36 35.48 19.22 39.87
C TYR L 36 36.31 19.68 41.04
N GLN L 37 37.08 20.72 40.80
CA GLN L 37 37.82 21.38 41.85
C GLN L 37 37.20 22.77 42.04
N GLN L 38 37.09 23.26 43.29
CA GLN L 38 36.63 24.60 43.54
C GLN L 38 37.46 25.34 44.55
N LYS L 39 38.11 26.42 44.09
CA LYS L 39 38.93 27.31 44.91
C LYS L 39 38.08 28.51 45.38
N PRO L 40 38.42 29.14 46.53
CA PRO L 40 37.59 30.24 47.04
C PRO L 40 37.45 31.41 46.07
N GLY L 41 36.24 31.92 45.93
CA GLY L 41 35.99 33.02 45.00
C GLY L 41 36.04 32.64 43.55
N GLN L 42 35.93 31.33 43.24
CA GLN L 42 35.99 30.86 41.87
C GLN L 42 34.89 29.85 41.57
N ALA L 43 34.53 29.73 40.30
CA ALA L 43 33.54 28.74 39.88
C ALA L 43 34.19 27.34 39.91
N PRO L 44 33.40 26.25 40.02
CA PRO L 44 34.00 24.91 39.91
C PRO L 44 34.70 24.73 38.57
N ARG L 45 35.76 23.91 38.54
CA ARG L 45 36.54 23.66 37.34
C ARG L 45 36.51 22.17 37.07
N LEU L 46 36.14 21.77 35.84
CA LEU L 46 36.08 20.35 35.49
C LEU L 46 37.51 19.75 35.47
N LEU L 47 37.76 18.68 36.23
CA LEU L 47 39.06 17.99 36.25
C LEU L 47 39.01 16.70 35.42
N ILE L 48 38.00 15.85 35.69
CA ILE L 48 37.86 14.53 35.08
C ILE L 48 36.43 14.34 34.60
N TYR L 49 36.21 13.75 33.41
CA TYR L 49 34.86 13.42 32.93
C TYR L 49 34.86 11.95 32.48
N ASP L 50 33.70 11.33 32.42
CA ASP L 50 33.54 9.92 32.05
C ASP L 50 34.41 9.01 32.91
N ALA L 51 34.46 9.34 34.23
CA ALA L 51 35.17 8.64 35.31
C ALA L 51 36.69 8.75 35.27
N SER L 52 37.32 8.78 34.08
CA SER L 52 38.77 8.70 33.99
C SER L 52 39.44 9.58 32.94
N ASN L 53 38.69 10.44 32.25
CA ASN L 53 39.29 11.28 31.22
C ASN L 53 39.67 12.65 31.76
N ARG L 54 40.95 13.02 31.69
CA ARG L 54 41.38 14.33 32.16
C ARG L 54 40.89 15.38 31.21
N ALA L 55 40.32 16.46 31.74
CA ALA L 55 39.88 17.57 30.93
C ALA L 55 41.12 18.32 30.39
N THR L 56 40.97 19.03 29.27
CA THR L 56 42.10 19.77 28.67
C THR L 56 42.70 20.78 29.64
N GLY L 57 44.02 20.76 29.74
CA GLY L 57 44.75 21.69 30.61
C GLY L 57 44.90 21.23 32.04
N ILE L 58 44.29 20.08 32.40
CA ILE L 58 44.38 19.56 33.76
C ILE L 58 45.70 18.80 33.89
N PRO L 59 46.48 19.08 34.94
CA PRO L 59 47.79 18.43 35.10
C PRO L 59 47.66 16.91 35.28
N ALA L 60 48.68 16.16 34.82
CA ALA L 60 48.71 14.70 34.87
C ALA L 60 48.66 14.13 36.28
N ARG L 61 48.99 14.94 37.30
CA ARG L 61 48.91 14.47 38.69
C ARG L 61 47.48 14.11 39.12
N PHE L 62 46.45 14.61 38.40
CA PHE L 62 45.05 14.29 38.68
C PHE L 62 44.63 13.13 37.87
N SER L 63 44.05 12.10 38.49
CA SER L 63 43.55 10.96 37.73
C SER L 63 42.28 10.43 38.35
N GLY L 64 41.39 9.93 37.53
CA GLY L 64 40.15 9.37 38.03
C GLY L 64 40.03 7.92 37.64
N SER L 65 39.36 7.15 38.48
CA SER L 65 39.09 5.76 38.20
C SER L 65 37.75 5.34 38.79
N GLY L 66 37.25 4.19 38.37
CA GLY L 66 36.00 3.65 38.89
C GLY L 66 34.93 3.51 37.85
N SER L 67 33.83 2.90 38.25
CA SER L 67 32.67 2.66 37.41
C SER L 67 31.53 2.17 38.33
N GLY L 68 30.29 2.27 37.86
CA GLY L 68 29.14 1.81 38.61
C GLY L 68 28.85 2.67 39.83
N THR L 69 29.17 2.15 41.00
CA THR L 69 28.90 2.86 42.25
C THR L 69 30.12 3.41 42.95
N ASP L 70 31.36 3.04 42.57
CA ASP L 70 32.54 3.48 43.33
C ASP L 70 33.58 4.15 42.47
N PHE L 71 33.91 5.40 42.82
CA PHE L 71 34.83 6.22 42.05
C PHE L 71 35.91 6.84 42.92
N THR L 72 37.07 7.07 42.32
CA THR L 72 38.19 7.62 43.05
C THR L 72 38.86 8.71 42.26
N LEU L 73 39.23 9.81 42.93
CA LEU L 73 40.05 10.85 42.32
C LEU L 73 41.40 10.78 43.07
N THR L 74 42.50 10.60 42.34
CA THR L 74 43.82 10.55 42.96
C THR L 74 44.63 11.76 42.53
N ILE L 75 45.31 12.40 43.49
CA ILE L 75 46.22 13.51 43.22
C ILE L 75 47.57 12.97 43.64
N SER L 76 48.44 12.65 42.66
CA SER L 76 49.71 11.96 42.92
C SER L 76 50.66 12.68 43.87
N SER L 77 50.80 13.99 43.75
CA SER L 77 51.67 14.76 44.63
C SER L 77 51.08 16.14 44.74
N LEU L 78 50.57 16.48 45.92
CA LEU L 78 49.89 17.73 46.18
C LEU L 78 50.74 18.97 46.00
N GLU L 79 50.26 19.89 45.16
CA GLU L 79 50.88 21.20 45.02
C GLU L 79 50.12 22.14 45.95
N PRO L 80 50.70 23.29 46.35
CA PRO L 80 49.97 24.20 47.27
C PRO L 80 48.61 24.65 46.72
N GLU L 81 48.48 24.76 45.39
CA GLU L 81 47.23 25.18 44.75
C GLU L 81 46.15 24.08 44.78
N ASP L 82 46.49 22.84 45.16
CA ASP L 82 45.53 21.74 45.18
C ASP L 82 44.70 21.66 46.46
N PHE L 83 44.99 22.49 47.47
CA PHE L 83 44.21 22.50 48.71
C PHE L 83 42.98 23.36 48.41
N ALA L 84 41.83 22.67 48.23
CA ALA L 84 40.59 23.23 47.69
C ALA L 84 39.44 22.22 48.00
N VAL L 85 38.19 22.53 47.58
CA VAL L 85 37.08 21.62 47.75
C VAL L 85 36.96 20.85 46.44
N TYR L 86 36.63 19.57 46.55
CA TYR L 86 36.48 18.72 45.36
C TYR L 86 35.09 18.14 45.38
N TYR L 87 34.44 18.12 44.20
CA TYR L 87 33.09 17.57 44.07
C TYR L 87 33.05 16.51 43.04
N CYS L 88 32.29 15.45 43.27
CA CYS L 88 31.99 14.49 42.21
C CYS L 88 30.55 14.83 41.75
N GLN L 89 30.24 14.45 40.50
CA GLN L 89 28.94 14.75 39.94
C GLN L 89 28.58 13.64 38.94
N GLN L 90 27.33 13.21 38.93
CA GLN L 90 26.86 12.23 37.97
C GLN L 90 25.88 12.89 37.01
N TYR L 91 25.95 12.45 35.76
CA TYR L 91 25.06 12.93 34.72
C TYR L 91 24.39 11.76 34.04
N PHE L 92 23.99 10.74 34.83
CA PHE L 92 23.30 9.60 34.29
C PHE L 92 21.78 9.92 34.39
N TYR L 93 21.31 10.18 35.61
CA TYR L 93 19.89 10.43 35.84
C TYR L 93 19.73 11.35 37.01
N TRP L 94 18.94 12.40 36.83
CA TRP L 94 18.67 13.33 37.90
C TRP L 94 17.25 13.17 38.45
N GLY L 95 17.13 12.64 39.69
CA GLY L 95 18.24 12.30 40.58
C GLY L 95 18.94 13.54 41.10
N TRP L 96 20.02 13.34 41.87
CA TRP L 96 20.76 14.45 42.43
C TRP L 96 22.16 14.42 41.83
N PRO L 97 22.52 15.44 41.03
CA PRO L 97 23.82 15.40 40.34
C PRO L 97 25.06 15.46 41.21
N PHE L 98 25.10 16.31 42.24
CA PHE L 98 26.31 16.52 43.00
C PHE L 98 26.50 15.75 44.28
N GLY L 99 27.75 15.38 44.52
CA GLY L 99 28.19 14.91 45.84
C GLY L 99 28.28 16.14 46.75
N GLN L 100 28.37 15.94 48.07
CA GLN L 100 28.39 17.07 49.02
C GLN L 100 29.76 17.79 49.14
N GLY L 101 30.79 17.26 48.50
CA GLY L 101 32.13 17.87 48.53
C GLY L 101 33.08 17.31 49.59
N THR L 102 34.38 17.33 49.28
CA THR L 102 35.44 16.90 50.19
C THR L 102 36.40 18.07 50.25
N LYS L 103 36.64 18.57 51.46
CA LYS L 103 37.60 19.66 51.62
C LYS L 103 39.02 19.05 51.80
N LEU L 104 39.97 19.45 50.96
CA LEU L 104 41.33 18.99 51.07
C LEU L 104 42.10 20.14 51.71
N GLU L 105 42.44 19.97 52.98
CA GLU L 105 43.15 20.96 53.79
C GLU L 105 44.60 20.49 54.13
N ILE L 106 45.42 21.42 54.64
CA ILE L 106 46.80 21.20 55.07
C ILE L 106 46.81 20.58 56.47
N LYS L 107 47.49 19.43 56.61
CA LYS L 107 47.62 18.75 57.88
C LYS L 107 48.65 19.46 58.74
N ARG L 108 48.38 19.52 60.02
CA ARG L 108 49.33 20.03 60.98
C ARG L 108 49.05 19.36 62.33
N THR L 109 49.85 19.64 63.34
CA THR L 109 49.62 19.02 64.67
C THR L 109 48.38 19.62 65.30
N VAL L 110 47.77 18.88 66.23
CA VAL L 110 46.62 19.35 67.00
C VAL L 110 47.06 20.56 67.82
N ALA L 111 46.29 21.64 67.74
CA ALA L 111 46.56 22.88 68.46
C ALA L 111 45.26 23.28 69.13
N ALA L 112 45.30 23.41 70.44
CA ALA L 112 44.17 23.86 71.21
C ALA L 112 43.97 25.35 70.94
N PRO L 113 42.71 25.81 70.96
CA PRO L 113 42.47 27.25 70.76
C PRO L 113 42.82 28.04 72.02
N SER L 114 43.31 29.29 71.82
CA SER L 114 43.49 30.22 72.92
C SER L 114 42.14 30.95 72.95
N VAL L 115 41.46 30.93 74.09
CA VAL L 115 40.12 31.49 74.19
C VAL L 115 40.09 32.87 74.86
N PHE L 116 39.31 33.79 74.29
CA PHE L 116 39.17 35.15 74.82
C PHE L 116 37.70 35.54 74.81
N ILE L 117 37.24 36.23 75.84
CA ILE L 117 35.85 36.70 75.88
C ILE L 117 35.85 38.22 75.98
N PHE L 118 34.97 38.86 75.23
CA PHE L 118 34.89 40.32 75.21
C PHE L 118 33.50 40.78 75.57
N PRO L 119 33.40 41.60 76.61
CA PRO L 119 32.09 42.19 76.94
C PRO L 119 31.69 43.21 75.89
N PRO L 120 30.40 43.58 75.83
CA PRO L 120 29.98 44.65 74.92
C PRO L 120 30.60 45.98 75.37
N SER L 121 30.97 46.82 74.41
CA SER L 121 31.52 48.13 74.74
C SER L 121 30.40 49.04 75.28
N ASP L 122 30.77 50.07 76.06
CA ASP L 122 29.81 51.04 76.56
C ASP L 122 29.17 51.83 75.38
N GLU L 123 29.93 52.08 74.30
CA GLU L 123 29.40 52.78 73.12
C GLU L 123 28.23 52.00 72.52
N GLN L 124 28.38 50.67 72.40
CA GLN L 124 27.30 49.86 71.83
C GLN L 124 26.07 49.86 72.73
N LEU L 125 26.27 49.74 74.05
CA LEU L 125 25.17 49.71 75.02
C LEU L 125 24.27 50.97 74.97
N LYS L 126 24.81 52.12 74.55
CA LYS L 126 24.01 53.33 74.38
C LYS L 126 22.95 53.15 73.29
N SER L 127 23.29 52.42 72.23
CA SER L 127 22.40 52.17 71.10
C SER L 127 21.30 51.12 71.36
N GLY L 128 21.28 50.51 72.54
CA GLY L 128 20.24 49.54 72.88
C GLY L 128 20.50 48.08 72.59
N THR L 129 21.70 47.73 72.10
CA THR L 129 22.04 46.33 71.81
C THR L 129 23.36 45.94 72.49
N ALA L 130 23.52 44.66 72.85
CA ALA L 130 24.75 44.15 73.47
C ALA L 130 25.26 42.94 72.71
N SER L 131 26.49 43.00 72.20
CA SER L 131 27.12 41.85 71.55
C SER L 131 28.24 41.36 72.45
N VAL L 132 28.23 40.09 72.77
CA VAL L 132 29.28 39.48 73.60
C VAL L 132 30.06 38.58 72.63
N VAL L 133 31.38 38.73 72.55
CA VAL L 133 32.17 37.99 71.58
C VAL L 133 33.12 37.01 72.24
N CYS L 134 33.16 35.79 71.72
CA CYS L 134 34.08 34.77 72.20
C CYS L 134 34.99 34.40 71.05
N LEU L 135 36.30 34.50 71.26
CA LEU L 135 37.31 34.22 70.24
C LEU L 135 38.02 32.94 70.55
N LEU L 136 38.05 32.02 69.61
CA LEU L 136 38.82 30.77 69.70
C LEU L 136 39.92 31.01 68.71
N ASN L 137 41.15 31.23 69.18
CA ASN L 137 42.24 31.59 68.27
C ASN L 137 43.25 30.48 68.01
N ASN L 138 43.67 30.31 66.75
CA ASN L 138 44.74 29.45 66.25
C ASN L 138 44.67 28.01 66.71
N PHE L 139 43.67 27.30 66.23
CA PHE L 139 43.42 25.93 66.60
C PHE L 139 43.42 24.99 65.40
N TYR L 140 43.58 23.71 65.67
CA TYR L 140 43.58 22.70 64.66
C TYR L 140 43.27 21.36 65.35
N PRO L 141 42.36 20.52 64.82
CA PRO L 141 41.57 20.70 63.58
C PRO L 141 40.41 21.69 63.76
N ARG L 142 39.68 21.96 62.69
CA ARG L 142 38.60 22.95 62.67
C ARG L 142 37.41 22.60 63.60
N GLU L 143 37.14 21.33 63.84
CA GLU L 143 36.03 20.93 64.70
C GLU L 143 36.15 21.50 66.11
N ALA L 144 35.17 22.30 66.53
CA ALA L 144 35.14 22.92 67.86
C ALA L 144 33.69 23.18 68.27
N LYS L 145 33.41 23.15 69.58
CA LYS L 145 32.09 23.42 70.08
C LYS L 145 32.14 24.61 71.05
N VAL L 146 31.29 25.60 70.84
CA VAL L 146 31.20 26.76 71.72
C VAL L 146 29.82 26.85 72.34
N GLN L 147 29.73 26.88 73.68
CA GLN L 147 28.44 27.02 74.36
C GLN L 147 28.40 28.29 75.19
N TRP L 148 27.32 29.08 75.10
CA TRP L 148 27.17 30.28 75.90
C TRP L 148 26.33 29.98 77.16
N LYS L 149 26.75 30.52 78.31
CA LYS L 149 26.02 30.41 79.58
C LYS L 149 25.83 31.83 80.13
N VAL L 150 24.60 32.20 80.47
CA VAL L 150 24.30 33.50 81.05
C VAL L 150 23.69 33.18 82.40
N ASP L 151 24.37 33.54 83.51
CA ASP L 151 23.95 33.18 84.87
C ASP L 151 23.79 31.67 85.02
N ASN L 152 24.69 30.89 84.37
CA ASN L 152 24.72 29.42 84.32
C ASN L 152 23.61 28.80 83.45
N ALA L 153 22.82 29.60 82.73
CA ALA L 153 21.76 29.04 81.88
C ALA L 153 22.29 28.90 80.46
N LEU L 154 22.15 27.71 79.87
CA LEU L 154 22.61 27.46 78.50
C LEU L 154 21.79 28.27 77.50
N GLN L 155 22.47 29.03 76.63
CA GLN L 155 21.81 29.84 75.64
C GLN L 155 21.55 29.04 74.36
N SER L 156 20.46 29.36 73.67
CA SER L 156 20.16 28.71 72.40
C SER L 156 19.46 29.70 71.48
N GLY L 157 19.84 29.70 70.21
CA GLY L 157 19.22 30.51 69.18
C GLY L 157 19.61 31.97 69.11
N ASN L 158 20.47 32.44 70.03
CA ASN L 158 20.87 33.85 70.07
C ASN L 158 22.35 34.09 69.80
N SER L 159 23.03 33.13 69.18
CA SER L 159 24.43 33.27 68.83
C SER L 159 24.70 32.84 67.40
N GLN L 160 25.70 33.47 66.77
CA GLN L 160 26.15 33.13 65.42
C GLN L 160 27.67 32.93 65.44
N GLU L 161 28.15 31.93 64.70
CA GLU L 161 29.58 31.62 64.59
C GLU L 161 30.10 31.96 63.22
N SER L 162 31.38 32.27 63.16
CA SER L 162 32.08 32.53 61.91
C SER L 162 33.50 31.94 62.04
N VAL L 163 34.05 31.39 60.97
CA VAL L 163 35.38 30.77 61.01
C VAL L 163 36.24 31.27 59.86
N THR L 164 37.53 31.51 60.13
CA THR L 164 38.45 31.89 59.10
C THR L 164 38.85 30.67 58.25
N GLU L 165 39.38 30.93 57.06
CA GLU L 165 39.96 29.90 56.25
C GLU L 165 41.33 29.57 56.91
N GLN L 166 41.88 28.39 56.60
CA GLN L 166 43.15 27.95 57.13
C GLN L 166 44.28 28.98 56.97
N ASP L 167 44.95 29.32 58.08
CA ASP L 167 46.00 30.34 58.06
C ASP L 167 47.15 29.98 57.10
N SER L 168 47.56 30.92 56.24
CA SER L 168 48.60 30.67 55.25
C SER L 168 49.98 30.39 55.87
N LYS L 169 50.22 30.87 57.09
CA LYS L 169 51.51 30.68 57.75
C LYS L 169 51.56 29.50 58.71
N ASP L 170 50.53 29.32 59.57
CA ASP L 170 50.59 28.24 60.56
C ASP L 170 49.54 27.14 60.38
N SER L 171 48.67 27.24 59.35
CA SER L 171 47.65 26.23 59.02
C SER L 171 46.56 26.04 60.09
N THR L 172 46.38 27.00 60.99
CA THR L 172 45.35 26.92 62.01
C THR L 172 44.06 27.64 61.53
N TYR L 173 43.00 27.46 62.28
CA TYR L 173 41.72 28.11 62.14
C TYR L 173 41.50 29.01 63.34
N SER L 174 40.62 30.00 63.17
CA SER L 174 40.18 30.82 64.28
C SER L 174 38.66 30.93 64.11
N LEU L 175 37.97 31.13 65.20
CA LEU L 175 36.52 31.19 65.19
C LEU L 175 36.01 32.25 66.13
N SER L 176 34.97 32.98 65.75
CA SER L 176 34.32 33.91 66.64
C SER L 176 32.88 33.43 66.84
N SER L 177 32.38 33.54 68.04
CA SER L 177 30.98 33.25 68.34
C SER L 177 30.44 34.52 68.98
N THR L 178 29.35 35.08 68.44
CA THR L 178 28.80 36.31 68.97
C THR L 178 27.44 36.05 69.56
N LEU L 179 27.24 36.42 70.81
CA LEU L 179 25.96 36.28 71.49
C LEU L 179 25.29 37.67 71.42
N THR L 180 24.08 37.77 70.87
CA THR L 180 23.40 39.06 70.77
C THR L 180 22.21 39.13 71.66
N LEU L 181 22.18 40.16 72.51
CA LEU L 181 21.07 40.40 73.43
C LEU L 181 20.65 41.84 73.32
N SER L 182 19.42 42.16 73.75
CA SER L 182 18.98 43.55 73.82
C SER L 182 19.69 44.13 75.06
N LYS L 183 19.78 45.46 75.16
CA LYS L 183 20.41 46.09 76.34
C LYS L 183 19.66 45.70 77.62
N ALA L 184 18.32 45.65 77.54
CA ALA L 184 17.49 45.28 78.68
C ALA L 184 17.78 43.87 79.16
N ASP L 185 17.87 42.88 78.25
CA ASP L 185 18.18 41.49 78.61
C ASP L 185 19.62 41.35 79.14
N TYR L 186 20.56 42.08 78.52
CA TYR L 186 21.94 42.07 78.98
C TYR L 186 22.06 42.56 80.43
N GLU L 187 21.35 43.64 80.78
CA GLU L 187 21.38 44.22 82.13
C GLU L 187 20.62 43.41 83.18
N LYS L 188 19.83 42.41 82.77
CA LYS L 188 19.13 41.54 83.73
C LYS L 188 20.07 40.45 84.29
N HIS L 189 21.20 40.17 83.62
CA HIS L 189 22.09 39.08 84.04
C HIS L 189 23.47 39.54 84.44
N LYS L 190 24.19 38.71 85.20
CA LYS L 190 25.51 39.08 85.71
C LYS L 190 26.69 38.32 85.08
N VAL L 191 26.62 36.99 85.03
CA VAL L 191 27.76 36.19 84.56
C VAL L 191 27.61 35.75 83.11
N TYR L 192 28.57 36.12 82.27
CA TYR L 192 28.58 35.76 80.87
C TYR L 192 29.75 34.84 80.63
N ALA L 193 29.48 33.63 80.15
CA ALA L 193 30.52 32.63 79.97
C ALA L 193 30.47 31.94 78.63
N CYS L 194 31.64 31.65 78.11
CA CYS L 194 31.81 30.97 76.86
C CYS L 194 32.60 29.68 77.13
N GLU L 195 32.01 28.49 76.93
CA GLU L 195 32.66 27.20 77.15
C GLU L 195 33.08 26.54 75.82
N VAL L 196 34.37 26.20 75.68
CA VAL L 196 34.94 25.66 74.47
C VAL L 196 35.38 24.22 74.59
N THR L 197 34.91 23.37 73.69
CA THR L 197 35.28 21.97 73.61
C THR L 197 36.09 21.77 72.32
N HIS L 198 37.28 21.19 72.45
CA HIS L 198 38.15 20.96 71.32
C HIS L 198 39.06 19.77 71.62
N GLN L 199 39.44 19.02 70.59
CA GLN L 199 40.35 17.86 70.64
C GLN L 199 41.67 18.16 71.35
N GLY L 200 42.18 19.39 71.20
CA GLY L 200 43.40 19.82 71.85
C GLY L 200 43.29 20.16 73.33
N LEU L 201 42.06 20.20 73.86
CA LEU L 201 41.82 20.53 75.26
C LEU L 201 41.40 19.25 75.97
N SER L 202 42.10 18.88 77.04
CA SER L 202 41.79 17.66 77.81
C SER L 202 40.41 17.77 78.46
N SER L 203 40.02 18.98 78.86
CA SER L 203 38.73 19.29 79.44
C SER L 203 38.25 20.63 78.82
N PRO L 204 36.92 20.87 78.75
CA PRO L 204 36.45 22.15 78.17
C PRO L 204 36.94 23.36 78.93
N VAL L 205 37.31 24.43 78.21
CA VAL L 205 37.80 25.66 78.83
C VAL L 205 36.68 26.70 78.85
N THR L 206 36.51 27.41 79.96
CA THR L 206 35.52 28.47 80.06
C THR L 206 36.21 29.79 80.28
N LYS L 207 35.79 30.80 79.52
CA LYS L 207 36.24 32.17 79.75
C LYS L 207 34.97 32.94 80.09
N SER L 208 35.04 33.75 81.15
CA SER L 208 33.87 34.49 81.59
C SER L 208 34.18 35.86 82.17
N PHE L 209 33.15 36.69 82.31
CA PHE L 209 33.24 37.99 82.96
C PHE L 209 31.93 38.26 83.73
N ASN L 210 32.00 39.19 84.69
CA ASN L 210 30.82 39.64 85.41
C ASN L 210 30.52 41.00 84.84
N ARG L 211 29.27 41.22 84.35
CA ARG L 211 28.86 42.51 83.79
C ARG L 211 29.09 43.64 84.80
N GLY L 212 29.80 44.67 84.35
CA GLY L 212 30.11 45.83 85.18
C GLY L 212 31.42 45.76 85.93
N GLU L 213 32.16 44.65 85.81
CA GLU L 213 33.43 44.50 86.53
C GLU L 213 34.66 44.54 85.62
C1 GOL M . -20.97 8.25 -5.50
O1 GOL M . -22.15 9.06 -5.34
C2 GOL M . -20.35 8.54 -6.84
O2 GOL M . -19.06 7.95 -6.93
C3 GOL M . -21.23 8.02 -7.97
O3 GOL M . -21.22 8.98 -9.03
C1 GOL N . 20.25 -9.65 10.55
O1 GOL N . 21.19 -9.04 9.67
C2 GOL N . 18.90 -9.89 9.93
O2 GOL N . 18.95 -9.79 8.51
C3 GOL N . 18.34 -11.24 10.31
O3 GOL N . 19.13 -12.27 9.74
C1 GOL O . -25.09 -16.86 -27.18
O1 GOL O . -24.21 -17.97 -27.31
C2 GOL O . -24.47 -15.66 -27.86
O2 GOL O . -25.49 -14.76 -28.25
C3 GOL O . -23.45 -14.98 -26.98
O3 GOL O . -22.36 -14.56 -27.79
#